data_2E9E
#
_entry.id   2E9E
#
_cell.length_a   58.522
_cell.length_b   72.537
_cell.length_c   83.983
_cell.angle_alpha   85.30
_cell.angle_beta   84.06
_cell.angle_gamma   75.68
#
_symmetry.space_group_name_H-M   'P 1'
#
loop_
_entity.id
_entity.type
_entity.pdbx_description
1 polymer Lactoperoxidase
2 branched alpha-D-mannopyranose-(1-4)-2-acetamido-2-deoxy-beta-D-glucopyranose-(1-4)-2-acetamido-2-deoxy-beta-D-glucopyranose
3 branched beta-D-mannopyranose-(1-4)-2-acetamido-2-deoxy-beta-D-glucopyranose-(1-4)-2-acetamido-2-deoxy-beta-D-glucopyranose
4 branched 2-acetamido-2-deoxy-beta-D-glucopyranose-(1-4)-2-acetamido-2-deoxy-beta-D-glucopyranose
5 non-polymer 'NITRATE ION'
6 non-polymer 'CARBONATE ION'
7 non-polymer 'CALCIUM ION'
8 non-polymer 'CYANIDE ION'
9 non-polymer 'THIOCYANATE ION'
10 non-polymer 'PROTOPORPHYRIN IX CONTAINING FE'
11 non-polymer 1-(OXIDOSULFANYL)METHANAMINE
12 water water
#
_entity_poly.entity_id   1
_entity_poly.type   'polypeptide(L)'
_entity_poly.pdbx_seq_one_letter_code
;SWEVGCGAPVPLVTCDEQSPYRTITGDCNNRRSPALGAANRALARWLPAEYEDGLAVPFGWTQRKTRNGFRVPLAREVSN
KIVGYLDEEGVLDQNRSLLFMQWGQIVDHDLDFAPETELGSSEHSKVQCEEYCVQGDECFPIMFPKNDPKLKTQGKCMPF
FRAGFVCPTPPYQSLARDQINAVTSFLDASLVYGSEPSLASRLRNLSSPLGLMAVNQEAWDHGLAYPPFNNVKPSPCEFI
NTTAHVPCFQAGDSRASEQILLATVHTLLLREHNRLARELKRLNPHWDGEMLYQEARKILGAFIQIITFRDYLPIVLGSE
MQKWIPPYQGYNNSVDPRISNVFTFAFRFGHMEVPSTVSRLDENYQPWGPEAELPLHTLFFNTWRIIKDGGIDPLVRGLL
AKNSKLMNQNKMVTSELRNKLFQPTHKVHGFDLAAINLQRCRDHGMPGYNSWRGFCGLSQPKTLKGLQAVLKNKVLAKKL
LDLYKTPDNIDIWIGGNAEPMVERGRVGPLLACLLGRQFQQIRDGDRFWWENPGVFTEKQRDSLQKVSFSRLICDNTHIT
KVPLHAFQANNYPHDFVDCSAVDKLDLSPWASREN
;
_entity_poly.pdbx_strand_id   A,B
#
loop_
_chem_comp.id
_chem_comp.type
_chem_comp.name
_chem_comp.formula
BMA D-saccharide, beta linking beta-D-mannopyranose 'C6 H12 O6'
CA non-polymer 'CALCIUM ION' 'Ca 2'
CO3 non-polymer 'CARBONATE ION' 'C O3 -2'
CYN non-polymer 'CYANIDE ION' 'C N -1'
HEM non-polymer 'PROTOPORPHYRIN IX CONTAINING FE' 'C34 H32 Fe N4 O4'
MAN D-saccharide, alpha linking alpha-D-mannopyranose 'C6 H12 O6'
NAG D-saccharide, beta linking 2-acetamido-2-deoxy-beta-D-glucopyranose 'C8 H15 N O6'
NO3 non-polymer 'NITRATE ION' 'N O3 -1'
OSM non-polymer 1-(OXIDOSULFANYL)METHANAMINE 'C H5 N O S'
SCN non-polymer 'THIOCYANATE ION' 'C N S -1'
#
# COMPACT_ATOMS: atom_id res chain seq x y z
N SER A 1 -38.61 9.63 6.98
CA SER A 1 -37.19 9.24 7.29
C SER A 1 -36.84 7.86 6.72
N TRP A 2 -35.69 7.33 7.12
CA TRP A 2 -35.33 6.00 6.68
C TRP A 2 -34.68 5.13 7.74
N GLU A 3 -34.98 3.83 7.64
CA GLU A 3 -34.44 2.79 8.51
C GLU A 3 -34.25 3.27 9.95
N VAL A 4 -35.34 3.27 10.70
CA VAL A 4 -35.35 3.74 12.10
C VAL A 4 -34.57 2.77 13.01
N GLY A 5 -33.81 1.88 12.38
CA GLY A 5 -32.95 0.92 13.08
C GLY A 5 -31.88 0.25 12.24
N CYS A 6 -30.89 1.02 11.78
CA CYS A 6 -29.65 0.45 11.20
C CYS A 6 -28.70 0.12 12.35
N GLY A 7 -27.57 -0.52 12.05
CA GLY A 7 -26.55 -0.82 13.07
C GLY A 7 -25.76 -2.13 12.99
N ALA A 8 -24.47 -2.06 13.33
CA ALA A 8 -23.57 -3.21 13.28
C ALA A 8 -22.74 -3.26 14.60
N PRO A 9 -21.82 -4.25 14.79
CA PRO A 9 -21.23 -4.76 16.04
C PRO A 9 -21.97 -4.48 17.35
N VAL A 10 -23.21 -3.99 17.20
CA VAL A 10 -24.08 -3.69 18.30
C VAL A 10 -24.28 -5.02 18.99
N PRO A 11 -23.75 -5.13 20.22
CA PRO A 11 -23.74 -6.48 20.73
C PRO A 11 -24.89 -6.99 21.56
N LEU A 12 -24.45 -8.03 22.26
CA LEU A 12 -25.20 -8.92 23.09
C LEU A 12 -26.53 -8.45 23.62
N VAL A 13 -26.57 -7.72 24.73
CA VAL A 13 -27.80 -7.93 25.44
C VAL A 13 -28.60 -6.86 26.16
N THR A 14 -29.66 -7.45 26.67
CA THR A 14 -30.82 -6.86 27.22
C THR A 14 -30.76 -6.92 28.73
N CYS A 15 -31.56 -6.03 29.27
CA CYS A 15 -31.63 -5.55 30.61
C CYS A 15 -31.95 -6.51 31.74
N ASP A 16 -31.13 -6.43 32.79
CA ASP A 16 -31.33 -7.19 34.03
C ASP A 16 -32.49 -6.52 34.77
N GLU A 17 -32.98 -5.43 34.16
CA GLU A 17 -34.20 -4.74 34.57
C GLU A 17 -34.28 -4.16 36.00
N GLN A 18 -33.51 -4.72 36.92
CA GLN A 18 -33.60 -4.27 38.29
C GLN A 18 -32.23 -4.31 38.94
N SER A 19 -31.17 -4.37 38.13
CA SER A 19 -29.81 -4.37 38.68
C SER A 19 -29.42 -2.97 39.14
N PRO A 20 -28.66 -2.87 40.25
CA PRO A 20 -28.20 -1.56 40.76
C PRO A 20 -26.98 -1.00 40.01
N TYR A 21 -26.56 -1.68 38.94
CA TYR A 21 -25.32 -1.33 38.27
C TYR A 21 -25.48 -1.10 36.79
N ARG A 22 -24.74 -0.11 36.28
CA ARG A 22 -24.66 0.23 34.86
C ARG A 22 -24.15 -0.95 34.05
N THR A 23 -24.62 -1.11 32.81
CA THR A 23 -23.96 -2.07 31.89
C THR A 23 -22.64 -1.46 31.44
N ILE A 24 -21.79 -2.26 30.83
CA ILE A 24 -20.50 -1.75 30.35
C ILE A 24 -20.70 -1.05 29.03
N THR A 25 -21.64 -1.54 28.24
CA THR A 25 -21.97 -0.96 26.92
C THR A 25 -22.79 0.33 26.98
N GLY A 26 -23.55 0.49 28.06
CA GLY A 26 -24.39 1.65 28.25
C GLY A 26 -25.83 1.34 27.99
N ASP A 27 -26.10 0.13 27.52
CA ASP A 27 -27.47 -0.32 27.36
C ASP A 27 -28.28 -0.32 28.65
N CYS A 28 -29.61 -0.37 28.48
CA CYS A 28 -30.57 -0.45 29.59
C CYS A 28 -30.60 0.74 30.54
N ASN A 29 -29.97 1.85 30.17
CA ASN A 29 -29.97 3.02 31.05
C ASN A 29 -31.37 3.58 31.05
N ASN A 30 -31.88 3.76 29.85
CA ASN A 30 -33.25 4.17 29.61
C ASN A 30 -34.09 2.91 29.39
N ARG A 31 -35.29 2.89 29.97
CA ARG A 31 -36.10 1.68 29.94
C ARG A 31 -36.99 1.59 28.70
N ARG A 32 -37.72 2.65 28.39
CA ARG A 32 -38.53 2.68 27.16
C ARG A 32 -37.68 2.42 25.92
N SER A 33 -36.50 3.05 25.85
CA SER A 33 -35.62 2.90 24.70
C SER A 33 -34.16 2.52 25.07
N PRO A 34 -33.92 1.21 25.31
CA PRO A 34 -32.64 0.65 25.83
C PRO A 34 -31.32 0.92 25.09
N ALA A 35 -31.33 1.33 23.83
CA ALA A 35 -30.07 1.57 23.11
C ALA A 35 -29.60 3.00 23.31
N LEU A 36 -30.49 3.85 23.82
CA LEU A 36 -30.25 5.26 23.96
C LEU A 36 -29.07 5.51 24.88
N GLY A 37 -27.98 5.96 24.29
CA GLY A 37 -26.79 6.32 25.02
C GLY A 37 -25.72 5.24 25.03
N ALA A 38 -25.97 4.14 24.34
CA ALA A 38 -25.03 3.03 24.34
C ALA A 38 -23.82 3.32 23.46
N ALA A 39 -22.82 2.45 23.52
CA ALA A 39 -21.63 2.63 22.70
C ALA A 39 -21.80 1.92 21.38
N ASN A 40 -21.10 2.41 20.36
CA ASN A 40 -21.10 1.89 18.98
C ASN A 40 -22.39 2.17 18.20
N ARG A 41 -22.98 3.34 18.45
CA ARG A 41 -24.14 3.79 17.70
C ARG A 41 -23.78 5.15 17.12
N ALA A 42 -24.63 5.69 16.26
CA ALA A 42 -24.36 6.97 15.64
C ALA A 42 -24.39 8.09 16.64
N LEU A 43 -23.54 9.08 16.41
CA LEU A 43 -23.62 10.33 17.15
C LEU A 43 -24.94 10.95 16.75
N ALA A 44 -25.60 11.60 17.68
CA ALA A 44 -26.85 12.27 17.36
C ALA A 44 -26.63 13.53 16.53
N ARG A 45 -27.67 13.93 15.80
CA ARG A 45 -27.64 15.15 15.00
C ARG A 45 -28.66 16.16 15.49
N TRP A 46 -28.18 17.33 15.89
CA TRP A 46 -29.08 18.39 16.30
C TRP A 46 -29.53 19.20 15.08
N LEU A 47 -28.76 19.07 13.99
CA LEU A 47 -29.03 19.74 12.71
C LEU A 47 -28.63 18.79 11.58
N PRO A 48 -29.38 18.83 10.43
CA PRO A 48 -29.10 18.01 9.26
C PRO A 48 -27.69 18.16 8.74
N ALA A 49 -27.14 17.01 8.34
CA ALA A 49 -25.76 16.93 7.88
C ALA A 49 -25.62 17.75 6.64
N GLU A 50 -24.45 18.31 6.43
CA GLU A 50 -24.21 19.12 5.25
C GLU A 50 -23.02 18.56 4.50
N TYR A 51 -23.31 17.82 3.45
CA TYR A 51 -22.27 17.21 2.63
C TYR A 51 -22.36 17.87 1.27
N GLU A 52 -21.30 17.72 0.47
CA GLU A 52 -21.18 18.29 -0.87
C GLU A 52 -22.24 17.69 -1.80
N ASP A 53 -22.50 16.40 -1.65
CA ASP A 53 -23.48 15.73 -2.47
C ASP A 53 -24.70 15.43 -1.62
N GLY A 54 -24.90 16.24 -0.60
CA GLY A 54 -25.99 16.02 0.34
C GLY A 54 -26.00 14.67 1.06
N LEU A 55 -25.12 13.74 0.70
CA LEU A 55 -25.13 12.42 1.32
C LEU A 55 -23.90 12.00 2.12
N ALA A 56 -22.69 12.22 1.62
CA ALA A 56 -21.48 11.76 2.31
C ALA A 56 -20.14 12.39 1.87
N VAL A 57 -20.14 13.10 0.75
CA VAL A 57 -18.89 13.68 0.25
C VAL A 57 -18.59 15.00 0.96
N PRO A 58 -17.49 15.06 1.73
CA PRO A 58 -17.20 16.27 2.51
C PRO A 58 -16.90 17.48 1.65
N PHE A 59 -17.32 18.68 2.08
CA PHE A 59 -17.05 19.91 1.34
C PHE A 59 -15.57 20.05 1.18
N GLY A 60 -15.10 20.26 -0.03
CA GLY A 60 -13.66 20.33 -0.24
C GLY A 60 -13.13 19.05 -0.83
N TRP A 61 -14.04 18.18 -1.27
CA TRP A 61 -13.66 16.91 -1.88
C TRP A 61 -13.48 17.06 -3.38
N THR A 62 -14.57 17.40 -4.06
CA THR A 62 -14.56 17.72 -5.49
C THR A 62 -14.34 19.21 -5.65
N GLN A 63 -13.28 19.57 -6.37
CA GLN A 63 -12.88 20.98 -6.48
C GLN A 63 -13.48 21.91 -7.57
N ARG A 64 -14.46 21.48 -8.36
CA ARG A 64 -15.22 22.47 -9.14
C ARG A 64 -16.44 22.94 -8.33
N LYS A 65 -16.85 22.09 -7.39
CA LYS A 65 -18.00 22.32 -6.53
C LYS A 65 -17.66 23.28 -5.39
N THR A 66 -18.48 24.30 -5.20
CA THR A 66 -18.28 25.28 -4.14
C THR A 66 -19.23 25.02 -2.97
N ARG A 67 -19.08 25.79 -1.89
CA ARG A 67 -20.04 25.78 -0.80
C ARG A 67 -20.59 27.18 -0.74
N ASN A 68 -21.88 27.30 -1.06
CA ASN A 68 -22.56 28.60 -1.12
C ASN A 68 -21.92 29.55 -2.13
N GLY A 69 -21.33 29.00 -3.17
CA GLY A 69 -20.76 29.82 -4.21
C GLY A 69 -19.28 30.02 -4.21
N PHE A 70 -18.58 29.60 -3.15
CA PHE A 70 -17.12 29.79 -3.02
C PHE A 70 -16.37 28.51 -2.73
N ARG A 71 -15.12 28.44 -3.14
CA ARG A 71 -14.23 27.34 -2.77
C ARG A 71 -13.92 27.37 -1.26
N VAL A 72 -13.99 26.22 -0.59
CA VAL A 72 -13.61 26.15 0.82
C VAL A 72 -12.09 26.22 0.91
N PRO A 73 -11.53 27.02 1.84
CA PRO A 73 -10.09 27.12 1.87
C PRO A 73 -9.47 25.85 2.44
N LEU A 74 -8.25 25.52 1.99
CA LEU A 74 -7.54 24.36 2.47
C LEU A 74 -7.40 24.36 4.01
N ALA A 75 -7.52 23.17 4.61
CA ALA A 75 -7.41 23.06 6.07
C ALA A 75 -6.09 23.62 6.55
N ARG A 76 -5.00 23.08 6.03
CA ARG A 76 -3.64 23.53 6.37
C ARG A 76 -3.43 25.06 6.21
N GLU A 77 -4.08 25.66 5.21
CA GLU A 77 -3.94 27.10 5.02
C GLU A 77 -4.58 27.88 6.15
N VAL A 78 -5.79 27.49 6.52
CA VAL A 78 -6.45 28.14 7.63
C VAL A 78 -5.59 27.93 8.87
N SER A 79 -4.90 26.79 8.93
CA SER A 79 -3.98 26.55 10.03
C SER A 79 -2.86 27.57 9.96
N ASN A 80 -2.09 27.55 8.87
CA ASN A 80 -0.97 28.47 8.68
C ASN A 80 -1.26 29.98 8.87
N LYS A 81 -2.42 30.44 8.44
CA LYS A 81 -2.67 31.88 8.43
C LYS A 81 -3.33 32.41 9.68
N ILE A 82 -4.15 31.58 10.33
CA ILE A 82 -4.95 32.03 11.46
C ILE A 82 -4.65 31.31 12.76
N VAL A 83 -4.33 30.01 12.71
CA VAL A 83 -4.10 29.24 13.97
C VAL A 83 -2.71 29.33 14.65
N GLY A 84 -1.65 29.54 13.87
CA GLY A 84 -0.29 29.47 14.39
C GLY A 84 0.31 30.76 14.92
N TYR A 85 1.36 30.60 15.75
CA TYR A 85 2.17 31.69 16.34
C TYR A 85 3.53 31.17 16.78
N LEU A 86 4.51 32.06 16.87
CA LEU A 86 5.87 31.64 17.29
C LEU A 86 6.20 31.93 18.74
N ASP A 87 5.93 33.17 19.16
CA ASP A 87 6.33 33.67 20.47
C ASP A 87 5.52 33.00 21.59
N GLU A 88 6.19 32.13 22.34
CA GLU A 88 5.51 31.35 23.37
C GLU A 88 5.44 32.15 24.67
N GLU A 89 5.97 33.37 24.64
CA GLU A 89 6.07 34.18 25.83
C GLU A 89 4.71 34.76 26.19
N GLY A 90 4.37 34.65 27.46
CA GLY A 90 3.18 35.27 28.02
C GLY A 90 1.88 34.69 27.51
N VAL A 91 1.92 33.42 27.13
CA VAL A 91 0.74 32.76 26.61
C VAL A 91 0.00 31.91 27.64
N LEU A 92 0.46 31.97 28.89
CA LEU A 92 -0.05 31.10 29.96
C LEU A 92 -1.27 31.67 30.66
N ASP A 93 -2.12 30.78 31.14
CA ASP A 93 -3.32 31.17 31.86
C ASP A 93 -2.95 31.42 33.31
N GLN A 94 -3.04 32.68 33.72
CA GLN A 94 -2.67 33.11 35.07
C GLN A 94 -3.55 32.58 36.18
N ASN A 95 -4.69 31.97 35.84
CA ASN A 95 -5.57 31.44 36.88
C ASN A 95 -6.21 30.08 36.59
N ARG A 96 -5.45 29.20 35.94
CA ARG A 96 -5.86 27.81 35.65
C ARG A 96 -4.66 26.91 35.57
N SER A 97 -4.66 25.89 36.40
CA SER A 97 -3.57 24.94 36.42
C SER A 97 -3.67 24.06 35.18
N LEU A 98 -2.54 23.43 34.85
CA LEU A 98 -2.40 22.52 33.73
C LEU A 98 -3.34 21.35 33.93
N LEU A 99 -3.75 21.10 35.16
CA LEU A 99 -4.78 20.12 35.47
C LEU A 99 -6.13 20.47 34.83
N PHE A 100 -6.45 21.77 34.78
CA PHE A 100 -7.64 22.25 34.11
C PHE A 100 -7.73 21.75 32.66
N MET A 101 -6.59 21.76 31.97
CA MET A 101 -6.48 21.24 30.60
C MET A 101 -6.72 19.74 30.64
N GLN A 102 -5.95 19.08 31.48
CA GLN A 102 -5.92 17.66 31.56
C GLN A 102 -7.23 17.01 31.93
N TRP A 103 -8.03 17.67 32.75
CA TRP A 103 -9.29 17.05 33.16
C TRP A 103 -10.28 17.10 32.03
N GLY A 104 -10.17 18.14 31.19
CA GLY A 104 -11.03 18.28 30.03
C GLY A 104 -10.89 17.09 29.10
N GLN A 105 -9.64 16.72 28.82
CA GLN A 105 -9.34 15.60 27.93
C GLN A 105 -9.85 14.27 28.45
N ILE A 106 -9.86 14.11 29.76
CA ILE A 106 -10.40 12.92 30.41
C ILE A 106 -11.90 12.82 30.20
N VAL A 107 -12.62 13.85 30.63
CA VAL A 107 -14.07 13.89 30.52
C VAL A 107 -14.47 13.64 29.08
N ASP A 108 -13.78 14.36 28.20
CA ASP A 108 -13.96 14.21 26.78
C ASP A 108 -13.87 12.76 26.36
N HIS A 109 -12.85 12.05 26.86
CA HIS A 109 -12.58 10.67 26.45
C HIS A 109 -13.53 9.74 27.16
N ASP A 110 -14.21 10.26 28.16
CA ASP A 110 -15.26 9.47 28.77
C ASP A 110 -16.51 9.50 27.88
N LEU A 111 -16.70 10.56 27.11
CA LEU A 111 -17.94 10.77 26.38
C LEU A 111 -17.96 10.43 24.88
N ASP A 112 -16.82 10.51 24.20
CA ASP A 112 -16.87 10.29 22.75
C ASP A 112 -15.59 9.84 22.07
N PHE A 113 -15.80 9.08 21.01
CA PHE A 113 -14.71 8.60 20.20
C PHE A 113 -15.27 8.13 18.88
N ALA A 114 -14.97 8.86 17.82
CA ALA A 114 -15.34 8.45 16.48
C ALA A 114 -14.07 7.93 15.80
N PRO A 115 -13.91 6.60 15.75
CA PRO A 115 -12.67 6.01 15.24
C PRO A 115 -12.53 6.06 13.71
N GLU A 116 -11.29 6.21 13.25
CA GLU A 116 -10.97 6.23 11.82
C GLU A 116 -11.31 4.91 11.18
N THR A 117 -11.68 4.98 9.90
CA THR A 117 -12.05 3.81 9.13
C THR A 117 -10.83 2.92 9.03
N GLU A 118 -11.07 1.61 9.12
CA GLU A 118 -9.99 0.64 9.11
C GLU A 118 -9.80 -0.05 7.76
N LEU A 119 -10.35 -1.26 7.62
CA LEU A 119 -10.21 -2.02 6.38
C LEU A 119 -8.74 -1.93 5.93
N GLY A 120 -7.83 -1.92 6.91
CA GLY A 120 -6.40 -1.81 6.66
C GLY A 120 -5.58 -2.70 7.59
N SER A 121 -5.44 -3.97 7.21
CA SER A 121 -4.57 -4.96 7.89
C SER A 121 -3.80 -5.75 6.81
N SER A 122 -2.61 -5.24 6.47
CA SER A 122 -1.83 -5.71 5.31
C SER A 122 -2.45 -5.16 4.01
N GLU A 123 -2.51 -3.83 3.95
CA GLU A 123 -3.13 -3.05 2.86
C GLU A 123 -2.08 -2.12 2.26
N HIS A 124 -2.31 -1.68 1.03
CA HIS A 124 -1.49 -0.65 0.39
C HIS A 124 -2.29 0.63 0.21
N SER A 125 -3.54 0.60 0.67
CA SER A 125 -4.41 1.76 0.67
C SER A 125 -3.87 2.73 1.70
N LYS A 126 -3.43 2.18 2.83
CA LYS A 126 -2.74 2.94 3.87
C LYS A 126 -1.53 3.63 3.24
N VAL A 127 -1.01 3.01 2.17
CA VAL A 127 0.17 3.46 1.47
C VAL A 127 -0.19 4.38 0.30
N GLN A 128 -1.31 4.09 -0.38
CA GLN A 128 -1.79 4.94 -1.48
C GLN A 128 -2.16 6.32 -0.97
N CYS A 129 -2.60 6.36 0.29
CA CYS A 129 -2.88 7.62 0.96
C CYS A 129 -1.58 8.23 1.48
N GLU A 130 -0.72 7.43 2.09
CA GLU A 130 0.57 7.91 2.59
C GLU A 130 1.51 8.40 1.47
N GLU A 131 1.81 7.50 0.53
CA GLU A 131 2.89 7.73 -0.45
C GLU A 131 2.53 8.60 -1.66
N TYR A 132 1.28 8.61 -2.08
CA TYR A 132 0.92 9.33 -3.32
C TYR A 132 -0.10 10.43 -3.15
N CYS A 133 -0.60 10.59 -1.91
CA CYS A 133 -1.63 11.57 -1.63
C CYS A 133 -2.72 11.50 -2.69
N VAL A 134 -3.31 10.32 -2.80
CA VAL A 134 -4.35 10.09 -3.78
C VAL A 134 -5.66 10.07 -3.03
N GLN A 135 -6.46 11.10 -3.21
CA GLN A 135 -7.83 11.13 -2.68
C GLN A 135 -8.68 9.98 -3.28
N GLY A 136 -9.39 9.19 -2.47
CA GLY A 136 -10.07 8.06 -3.06
C GLY A 136 -11.36 7.60 -2.43
N ASP A 137 -11.25 6.65 -1.52
CA ASP A 137 -12.45 6.16 -0.90
C ASP A 137 -12.55 6.82 0.45
N GLU A 138 -11.79 6.27 1.39
CA GLU A 138 -11.70 6.76 2.75
C GLU A 138 -10.48 7.63 2.95
N CYS A 139 -9.59 7.71 1.95
CA CYS A 139 -8.43 8.60 2.03
C CYS A 139 -8.82 10.00 1.59
N PHE A 140 -8.68 10.97 2.48
CA PHE A 140 -9.07 12.34 2.20
C PHE A 140 -7.91 13.22 2.69
N PRO A 141 -6.83 13.29 1.92
CA PRO A 141 -5.58 13.99 2.16
C PRO A 141 -5.68 15.48 2.43
N ILE A 142 -4.84 15.93 3.36
CA ILE A 142 -4.69 17.32 3.70
C ILE A 142 -3.49 17.78 2.90
N MET A 143 -3.75 18.47 1.79
CA MET A 143 -2.70 19.03 0.95
C MET A 143 -2.04 20.22 1.64
N PHE A 144 -0.80 20.49 1.24
CA PHE A 144 -0.08 21.68 1.70
C PHE A 144 -0.26 22.80 0.71
N PRO A 145 -0.55 24.01 1.17
CA PRO A 145 -0.64 25.11 0.21
C PRO A 145 0.76 25.50 -0.28
N LYS A 146 0.82 26.29 -1.34
CA LYS A 146 2.10 26.79 -1.82
C LYS A 146 2.83 27.57 -0.71
N ASN A 147 4.15 27.43 -0.69
CA ASN A 147 5.00 28.10 0.28
C ASN A 147 4.91 27.52 1.68
N ASP A 148 4.31 26.35 1.84
CA ASP A 148 4.30 25.70 3.15
C ASP A 148 5.66 25.02 3.36
N PRO A 149 6.32 25.34 4.48
CA PRO A 149 7.59 24.72 4.73
C PRO A 149 7.53 23.22 4.73
N LYS A 150 6.37 22.63 4.98
CA LYS A 150 6.27 21.16 5.03
C LYS A 150 6.47 20.51 3.69
N LEU A 151 6.39 21.30 2.61
CA LEU A 151 6.59 20.80 1.24
C LEU A 151 8.03 20.41 0.99
N LYS A 152 8.93 21.29 1.40
CA LYS A 152 10.33 21.11 1.15
C LYS A 152 10.75 19.93 1.97
N THR A 153 9.98 19.59 2.99
CA THR A 153 10.49 18.61 3.92
C THR A 153 9.79 17.25 4.14
N GLN A 154 8.46 17.20 4.00
CA GLN A 154 7.70 15.98 4.31
C GLN A 154 7.13 15.35 3.07
N GLY A 155 6.49 16.14 2.22
CA GLY A 155 5.85 15.59 1.06
C GLY A 155 4.86 16.57 0.47
N LYS A 156 3.84 16.05 -0.24
CA LYS A 156 2.80 16.91 -0.84
C LYS A 156 1.56 17.06 0.02
N CYS A 157 1.42 16.19 1.01
CA CYS A 157 0.26 16.25 1.85
C CYS A 157 0.46 15.47 3.14
N MET A 158 -0.55 15.53 4.02
CA MET A 158 -0.58 14.74 5.23
C MET A 158 -1.68 13.76 5.05
N PRO A 159 -1.36 12.47 5.16
CA PRO A 159 -2.42 11.50 5.03
C PRO A 159 -3.52 11.81 6.05
N PHE A 160 -4.70 11.27 5.83
CA PHE A 160 -5.85 11.51 6.67
C PHE A 160 -6.98 10.63 6.16
N PHE A 161 -7.46 9.72 7.01
CA PHE A 161 -8.56 8.83 6.65
C PHE A 161 -9.86 9.26 7.30
N ARG A 162 -10.98 9.15 6.58
CA ARG A 162 -12.29 9.55 7.11
C ARG A 162 -12.75 8.66 8.26
N ALA A 163 -13.59 9.22 9.13
CA ALA A 163 -14.14 8.49 10.28
C ALA A 163 -15.13 7.42 9.88
N GLY A 164 -15.40 6.51 10.79
CA GLY A 164 -16.35 5.43 10.53
C GLY A 164 -17.81 5.86 10.56
N PHE A 165 -18.65 5.12 9.86
CA PHE A 165 -20.09 5.38 9.76
C PHE A 165 -20.89 4.11 10.04
N VAL A 166 -22.21 4.25 10.13
CA VAL A 166 -23.03 3.24 10.80
C VAL A 166 -23.33 1.88 10.15
N CYS A 167 -24.29 1.80 9.21
CA CYS A 167 -24.77 0.49 8.75
C CYS A 167 -23.58 -0.43 8.45
N PRO A 168 -22.78 -0.11 7.43
CA PRO A 168 -21.53 -0.85 7.31
C PRO A 168 -20.31 -0.02 7.69
N THR A 169 -19.25 -0.17 6.91
CA THR A 169 -17.98 0.51 7.08
C THR A 169 -17.34 0.45 5.68
N PRO A 170 -17.57 -0.67 4.94
CA PRO A 170 -17.25 -0.68 3.52
C PRO A 170 -18.20 0.28 2.81
N PRO A 171 -17.88 0.66 1.55
CA PRO A 171 -18.52 1.72 0.75
C PRO A 171 -19.88 2.27 1.24
N TYR A 172 -20.97 1.49 1.07
CA TYR A 172 -22.36 1.93 1.38
C TYR A 172 -22.87 2.98 0.37
N GLN A 173 -24.15 3.38 0.51
CA GLN A 173 -24.73 4.40 -0.39
C GLN A 173 -26.03 5.10 0.03
N SER A 174 -27.00 4.35 0.54
CA SER A 174 -28.38 4.85 0.68
C SER A 174 -28.62 6.25 1.31
N LEU A 175 -28.54 6.40 2.65
CA LEU A 175 -28.87 7.71 3.27
C LEU A 175 -27.70 8.57 3.75
N ALA A 176 -27.96 9.45 4.73
CA ALA A 176 -26.95 10.45 5.16
C ALA A 176 -25.97 9.95 6.21
N ARG A 177 -24.68 10.11 5.92
CA ARG A 177 -23.58 9.53 6.68
C ARG A 177 -23.52 10.02 8.13
N ASP A 178 -23.61 9.07 9.04
CA ASP A 178 -23.58 9.35 10.46
C ASP A 178 -22.34 8.69 11.06
N GLN A 179 -21.56 9.44 11.83
CA GLN A 179 -20.35 8.89 12.41
C GLN A 179 -20.64 8.22 13.72
N ILE A 180 -19.84 7.17 14.00
CA ILE A 180 -20.02 6.32 15.17
C ILE A 180 -19.36 6.88 16.41
N ASN A 181 -19.95 6.55 17.55
CA ASN A 181 -19.38 6.79 18.87
C ASN A 181 -19.08 5.42 19.50
N ALA A 182 -17.81 5.16 19.77
CA ALA A 182 -17.40 3.85 20.23
C ALA A 182 -17.37 3.76 21.74
N VAL A 183 -17.68 4.87 22.40
CA VAL A 183 -17.77 4.87 23.85
C VAL A 183 -19.17 5.32 24.33
N THR A 184 -19.51 5.01 25.58
CA THR A 184 -20.83 5.31 26.14
C THR A 184 -21.00 6.79 26.37
N SER A 185 -22.20 7.29 26.11
CA SER A 185 -22.51 8.71 26.26
C SER A 185 -22.57 9.24 27.70
N PHE A 186 -22.74 8.35 28.67
CA PHE A 186 -22.85 8.78 30.06
C PHE A 186 -21.47 9.00 30.68
N LEU A 187 -21.39 10.00 31.56
CA LEU A 187 -20.19 10.23 32.34
C LEU A 187 -20.11 9.08 33.32
N ASP A 188 -19.54 7.96 32.89
CA ASP A 188 -19.58 6.77 33.71
C ASP A 188 -18.23 6.08 33.90
N ALA A 189 -17.14 6.80 33.73
CA ALA A 189 -15.80 6.22 33.94
C ALA A 189 -15.49 5.02 33.00
N SER A 190 -15.95 5.14 31.77
CA SER A 190 -15.73 4.10 30.76
C SER A 190 -14.31 4.09 30.25
N LEU A 191 -13.66 5.25 30.31
CA LEU A 191 -12.25 5.36 29.94
C LEU A 191 -11.40 4.48 30.88
N VAL A 192 -11.97 4.13 32.03
CA VAL A 192 -11.29 3.26 32.99
C VAL A 192 -11.72 1.79 32.83
N TYR A 193 -13.03 1.56 32.71
CA TYR A 193 -13.60 0.20 32.66
C TYR A 193 -13.89 -0.40 31.28
N GLY A 194 -13.65 0.37 30.22
CA GLY A 194 -13.98 -0.09 28.88
C GLY A 194 -15.42 0.16 28.52
N SER A 195 -15.71 0.13 27.21
CA SER A 195 -17.06 0.26 26.66
C SER A 195 -17.54 -1.00 25.95
N GLU A 196 -16.67 -2.00 25.93
CA GLU A 196 -16.99 -3.31 25.37
C GLU A 196 -16.85 -4.36 26.45
N PRO A 197 -17.74 -5.36 26.45
CA PRO A 197 -17.72 -6.44 27.43
C PRO A 197 -16.44 -7.28 27.35
N SER A 198 -15.99 -7.53 26.13
CA SER A 198 -14.77 -8.25 25.91
C SER A 198 -13.57 -7.56 26.57
N LEU A 199 -13.40 -6.27 26.27
CA LEU A 199 -12.31 -5.46 26.80
C LEU A 199 -12.36 -5.29 28.31
N ALA A 200 -13.57 -5.11 28.84
CA ALA A 200 -13.77 -4.83 30.26
C ALA A 200 -13.41 -6.01 31.12
N SER A 201 -13.49 -7.20 30.52
CA SER A 201 -13.14 -8.43 31.22
C SER A 201 -11.63 -8.53 31.33
N ARG A 202 -10.94 -8.26 30.22
CA ARG A 202 -9.49 -8.36 30.10
C ARG A 202 -8.75 -7.49 31.12
N LEU A 203 -9.31 -6.31 31.37
CA LEU A 203 -8.74 -5.30 32.26
C LEU A 203 -8.79 -5.71 33.74
N ARG A 204 -9.63 -6.69 34.03
CA ARG A 204 -9.89 -7.11 35.40
C ARG A 204 -8.90 -8.20 35.77
N ASN A 205 -8.60 -8.29 37.06
CA ASN A 205 -7.78 -9.35 37.63
C ASN A 205 -8.70 -10.44 38.14
N LEU A 206 -8.99 -11.42 37.30
CA LEU A 206 -9.97 -12.43 37.67
C LEU A 206 -9.31 -13.67 38.31
N SER A 207 -8.05 -13.50 38.73
CA SER A 207 -7.34 -14.53 39.48
C SER A 207 -7.71 -14.50 40.95
N SER A 208 -7.75 -13.32 41.56
CA SER A 208 -8.18 -13.21 42.95
C SER A 208 -9.60 -12.61 43.02
N PRO A 209 -10.47 -13.16 43.91
CA PRO A 209 -11.80 -12.60 44.10
C PRO A 209 -11.81 -11.33 44.98
N LEU A 210 -11.09 -10.30 44.56
CA LEU A 210 -10.99 -9.08 45.35
C LEU A 210 -11.50 -7.87 44.57
N GLY A 211 -12.11 -8.13 43.41
CA GLY A 211 -12.67 -7.07 42.56
C GLY A 211 -11.63 -6.06 42.08
N LEU A 212 -10.39 -6.50 41.92
CA LEU A 212 -9.32 -5.60 41.53
C LEU A 212 -9.16 -5.47 40.02
N MET A 213 -8.47 -4.42 39.60
CA MET A 213 -8.16 -4.21 38.20
C MET A 213 -6.75 -4.71 37.91
N ALA A 214 -6.59 -5.41 36.80
CA ALA A 214 -5.29 -5.92 36.38
C ALA A 214 -4.24 -4.82 36.44
N VAL A 215 -3.11 -5.10 37.10
CA VAL A 215 -2.01 -4.15 37.12
C VAL A 215 -0.73 -4.74 36.53
N ASN A 216 0.22 -3.87 36.21
CA ASN A 216 1.52 -4.24 35.65
C ASN A 216 2.35 -5.15 36.57
N GLN A 217 2.87 -6.22 35.97
CA GLN A 217 3.68 -7.20 36.67
C GLN A 217 5.17 -7.07 36.35
N GLU A 218 5.52 -6.10 35.49
CA GLU A 218 6.91 -5.88 35.06
C GLU A 218 7.54 -4.62 35.62
N ALA A 219 6.74 -3.63 36.00
CA ALA A 219 7.28 -2.38 36.53
C ALA A 219 6.41 -1.82 37.64
N TRP A 220 7.05 -1.20 38.63
CA TRP A 220 6.34 -0.63 39.76
C TRP A 220 6.83 0.78 40.03
N ASP A 221 6.00 1.58 40.68
CA ASP A 221 6.31 2.98 40.95
C ASP A 221 6.32 3.20 42.47
N HIS A 222 7.42 2.84 43.13
CA HIS A 222 7.51 2.92 44.59
C HIS A 222 6.42 2.09 45.30
N GLY A 223 6.22 0.87 44.83
CA GLY A 223 5.15 0.02 45.37
C GLY A 223 3.77 0.39 44.88
N LEU A 224 3.67 1.45 44.09
CA LEU A 224 2.37 1.84 43.55
C LEU A 224 2.25 1.28 42.14
N ALA A 225 1.00 1.09 41.70
CA ALA A 225 0.72 0.35 40.48
C ALA A 225 0.93 1.15 39.22
N TYR A 226 0.89 0.44 38.11
CA TYR A 226 0.93 1.03 36.80
C TYR A 226 -0.10 0.23 36.00
N PRO A 227 -0.86 0.88 35.10
CA PRO A 227 -1.71 0.01 34.26
C PRO A 227 -0.84 -0.97 33.45
N PRO A 228 -1.45 -2.07 32.94
CA PRO A 228 -0.72 -3.11 32.24
C PRO A 228 -0.31 -2.63 30.86
N PHE A 229 0.79 -3.16 30.35
CA PHE A 229 1.19 -2.88 28.99
C PHE A 229 0.22 -3.54 28.02
N ASN A 230 0.01 -2.90 26.89
CA ASN A 230 -0.78 -3.47 25.83
C ASN A 230 0.18 -4.27 24.93
N ASN A 231 -0.11 -5.54 24.66
CA ASN A 231 0.85 -6.36 23.93
C ASN A 231 0.70 -6.49 22.43
N VAL A 232 -0.20 -5.73 21.83
CA VAL A 232 -0.26 -5.69 20.38
C VAL A 232 1.07 -5.07 19.92
N LYS A 233 1.66 -5.65 18.88
CA LYS A 233 2.85 -5.10 18.25
C LYS A 233 2.59 -5.14 16.76
N PRO A 234 2.91 -4.06 16.02
CA PRO A 234 3.73 -2.91 16.36
C PRO A 234 3.07 -2.02 17.42
N SER A 235 3.92 -1.39 18.23
CA SER A 235 3.49 -0.51 19.29
C SER A 235 4.04 0.89 19.02
N PRO A 236 3.16 1.90 19.05
CA PRO A 236 3.56 3.30 18.88
C PRO A 236 4.57 3.69 19.94
N CYS A 237 4.26 3.35 21.19
CA CYS A 237 5.14 3.67 22.31
C CYS A 237 6.54 3.11 22.21
N GLU A 238 6.70 1.98 21.51
CA GLU A 238 8.01 1.35 21.32
C GLU A 238 8.81 2.10 20.26
N PHE A 239 8.15 2.37 19.15
CA PHE A 239 8.72 3.13 18.05
C PHE A 239 9.42 4.46 18.46
N ILE A 240 8.91 5.17 19.46
CA ILE A 240 9.53 6.48 19.77
C ILE A 240 10.88 6.36 20.50
N ASN A 241 11.28 5.15 20.87
CA ASN A 241 12.60 4.88 21.46
C ASN A 241 12.82 3.38 21.52
N THR A 242 13.33 2.82 20.43
CA THR A 242 13.54 1.39 20.25
C THR A 242 14.48 0.74 21.28
N THR A 243 15.35 1.53 21.89
CA THR A 243 16.28 1.00 22.86
C THR A 243 15.59 0.66 24.19
N ALA A 244 14.66 1.49 24.64
CA ALA A 244 13.95 1.27 25.90
C ALA A 244 12.91 0.17 25.76
N HIS A 245 12.41 0.01 24.53
CA HIS A 245 11.32 -0.89 24.16
C HIS A 245 10.22 -1.07 25.22
N VAL A 246 9.61 0.07 25.58
CA VAL A 246 8.51 0.18 26.54
C VAL A 246 7.21 0.41 25.77
N PRO A 247 6.26 -0.54 25.87
CA PRO A 247 4.98 -0.45 25.17
C PRO A 247 4.01 0.55 25.80
N CYS A 248 2.90 0.81 25.10
CA CYS A 248 1.84 1.68 25.59
C CYS A 248 1.08 1.01 26.73
N PHE A 249 0.40 1.82 27.54
CA PHE A 249 -0.46 1.29 28.57
C PHE A 249 -1.78 0.85 27.99
N GLN A 250 -2.38 -0.13 28.66
CA GLN A 250 -3.68 -0.68 28.28
C GLN A 250 -4.74 -0.18 29.26
N ALA A 251 -5.77 0.46 28.70
CA ALA A 251 -6.82 1.02 29.54
C ALA A 251 -8.21 0.91 28.88
N GLY A 252 -9.22 1.36 29.61
CA GLY A 252 -10.60 1.29 29.16
C GLY A 252 -10.80 1.95 27.81
N ASP A 253 -9.98 2.95 27.55
CA ASP A 253 -10.03 3.69 26.31
C ASP A 253 -8.72 3.48 25.54
N SER A 254 -8.78 3.59 24.21
CA SER A 254 -7.59 3.31 23.43
C SER A 254 -6.61 4.48 23.30
N ARG A 255 -6.97 5.65 23.80
CA ARG A 255 -6.11 6.83 23.64
C ARG A 255 -5.18 7.10 24.80
N ALA A 256 -5.34 6.29 25.85
CA ALA A 256 -4.66 6.48 27.13
C ALA A 256 -3.22 6.94 27.00
N SER A 257 -2.50 6.48 25.98
CA SER A 257 -1.08 6.82 25.88
C SER A 257 -0.70 7.98 24.95
N GLU A 258 -1.69 8.58 24.29
CA GLU A 258 -1.49 9.72 23.36
C GLU A 258 -0.51 10.78 23.83
N GLN A 259 -0.51 11.10 25.11
CA GLN A 259 0.43 12.04 25.69
C GLN A 259 0.69 11.72 27.17
N ILE A 260 1.92 11.96 27.63
CA ILE A 260 2.36 11.55 28.95
C ILE A 260 1.41 11.93 30.10
N LEU A 261 0.89 13.15 30.09
CA LEU A 261 0.02 13.59 31.16
C LEU A 261 -1.34 12.85 31.23
N LEU A 262 -1.89 12.49 30.06
CA LEU A 262 -3.12 11.71 29.98
C LEU A 262 -2.90 10.33 30.57
N ALA A 263 -1.78 9.69 30.24
CA ALA A 263 -1.43 8.40 30.83
C ALA A 263 -1.33 8.51 32.35
N THR A 264 -0.68 9.58 32.81
CA THR A 264 -0.57 9.85 34.26
C THR A 264 -1.92 9.80 35.01
N VAL A 265 -2.88 10.62 34.59
CA VAL A 265 -4.18 10.63 35.26
C VAL A 265 -4.91 9.30 35.07
N HIS A 266 -4.56 8.57 34.01
CA HIS A 266 -5.15 7.26 33.80
C HIS A 266 -4.72 6.31 34.92
N THR A 267 -3.47 6.48 35.36
CA THR A 267 -2.89 5.70 36.47
C THR A 267 -3.52 6.07 37.81
N LEU A 268 -3.69 7.36 38.10
CA LEU A 268 -4.42 7.78 39.28
C LEU A 268 -5.81 7.08 39.39
N LEU A 269 -6.57 7.06 38.30
CA LEU A 269 -7.88 6.44 38.27
C LEU A 269 -7.82 4.92 38.44
N LEU A 270 -6.80 4.30 37.87
CA LEU A 270 -6.58 2.87 38.10
C LEU A 270 -6.28 2.55 39.58
N ARG A 271 -5.53 3.43 40.23
CA ARG A 271 -5.09 3.19 41.58
C ARG A 271 -6.22 3.43 42.57
N GLU A 272 -7.05 4.42 42.30
CA GLU A 272 -8.23 4.72 43.13
C GLU A 272 -9.27 3.58 43.13
N HIS A 273 -9.32 2.82 42.03
CA HIS A 273 -10.22 1.69 41.97
C HIS A 273 -9.79 0.60 42.93
N ASN A 274 -8.59 0.07 42.71
CA ASN A 274 -8.05 -0.95 43.59
C ASN A 274 -8.05 -0.56 45.05
N ARG A 275 -7.76 0.71 45.34
CA ARG A 275 -7.82 1.29 46.67
C ARG A 275 -9.21 1.09 47.28
N LEU A 276 -10.23 1.50 46.53
CA LEU A 276 -11.63 1.44 46.93
C LEU A 276 -12.06 0.01 47.14
N ALA A 277 -11.70 -0.84 46.18
CA ALA A 277 -12.04 -2.26 46.19
C ALA A 277 -11.55 -3.00 47.44
N ARG A 278 -10.39 -2.63 47.94
CA ARG A 278 -9.86 -3.27 49.13
C ARG A 278 -10.31 -2.61 50.42
N GLU A 279 -10.56 -1.30 50.38
CA GLU A 279 -11.22 -0.64 51.50
C GLU A 279 -12.63 -1.19 51.72
N LEU A 280 -13.28 -1.57 50.61
CA LEU A 280 -14.62 -2.13 50.64
C LEU A 280 -14.65 -3.59 51.07
N LYS A 281 -13.55 -4.30 50.89
CA LYS A 281 -13.45 -5.68 51.39
C LYS A 281 -13.26 -5.67 52.90
N ARG A 282 -12.46 -4.72 53.38
CA ARG A 282 -12.18 -4.56 54.79
C ARG A 282 -13.50 -4.47 55.54
N LEU A 283 -14.40 -3.65 54.99
CA LEU A 283 -15.68 -3.38 55.63
C LEU A 283 -16.68 -4.48 55.41
N ASN A 284 -16.70 -5.07 54.22
CA ASN A 284 -17.69 -6.08 53.92
C ASN A 284 -17.00 -7.37 53.46
N PRO A 285 -16.40 -8.09 54.42
CA PRO A 285 -15.62 -9.29 54.09
C PRO A 285 -16.39 -10.40 53.36
N HIS A 286 -17.71 -10.43 53.50
CA HIS A 286 -18.51 -11.47 52.83
C HIS A 286 -18.67 -11.23 51.34
N TRP A 287 -18.57 -9.96 50.92
CA TRP A 287 -18.75 -9.56 49.52
C TRP A 287 -17.85 -10.37 48.59
N ASP A 288 -18.39 -10.77 47.43
CA ASP A 288 -17.61 -11.46 46.40
C ASP A 288 -17.01 -10.44 45.41
N GLY A 289 -15.99 -10.87 44.68
CA GLY A 289 -15.28 -10.02 43.72
C GLY A 289 -16.15 -9.14 42.84
N GLU A 290 -17.12 -9.76 42.16
CA GLU A 290 -18.07 -9.03 41.32
C GLU A 290 -18.69 -7.85 42.06
N MET A 291 -19.06 -8.06 43.31
CA MET A 291 -19.68 -6.97 44.02
C MET A 291 -18.67 -5.89 44.34
N LEU A 292 -17.42 -6.27 44.59
CA LEU A 292 -16.34 -5.30 44.88
C LEU A 292 -16.10 -4.41 43.68
N TYR A 293 -15.74 -5.05 42.57
CA TYR A 293 -15.58 -4.36 41.30
C TYR A 293 -16.72 -3.39 40.99
N GLN A 294 -17.95 -3.90 41.07
CA GLN A 294 -19.13 -3.10 40.77
C GLN A 294 -19.40 -1.92 41.72
N GLU A 295 -19.19 -2.10 43.02
CA GLU A 295 -19.38 -1.03 44.01
C GLU A 295 -18.27 -0.01 43.87
N ALA A 296 -17.07 -0.50 43.57
CA ALA A 296 -15.91 0.37 43.35
C ALA A 296 -16.15 1.21 42.11
N ARG A 297 -16.52 0.51 41.02
CA ARG A 297 -16.86 1.10 39.73
C ARG A 297 -17.94 2.17 39.82
N LYS A 298 -18.90 1.97 40.72
CA LYS A 298 -19.99 2.90 40.96
C LYS A 298 -19.50 4.13 41.68
N ILE A 299 -18.70 3.93 42.73
CA ILE A 299 -18.14 5.05 43.47
C ILE A 299 -17.26 5.92 42.57
N LEU A 300 -16.34 5.28 41.84
CA LEU A 300 -15.40 6.00 40.99
C LEU A 300 -16.12 6.89 39.99
N GLY A 301 -17.12 6.33 39.31
CA GLY A 301 -17.93 7.08 38.35
C GLY A 301 -18.57 8.27 39.02
N ALA A 302 -19.11 8.05 40.21
CA ALA A 302 -19.67 9.11 41.06
C ALA A 302 -18.64 10.21 41.24
N PHE A 303 -17.40 9.79 41.43
CA PHE A 303 -16.28 10.68 41.55
C PHE A 303 -16.13 11.56 40.29
N ILE A 304 -16.14 10.95 39.10
CA ILE A 304 -15.88 11.69 37.84
C ILE A 304 -16.97 12.74 37.52
N GLN A 305 -18.20 12.46 37.93
CA GLN A 305 -19.33 13.37 37.72
C GLN A 305 -19.26 14.57 38.65
N ILE A 306 -19.03 14.27 39.94
CA ILE A 306 -18.90 15.32 40.97
C ILE A 306 -17.81 16.32 40.62
N ILE A 307 -16.60 15.81 40.34
CA ILE A 307 -15.52 16.69 39.93
C ILE A 307 -15.95 17.51 38.71
N THR A 308 -16.44 16.81 37.68
CA THR A 308 -16.79 17.45 36.42
C THR A 308 -17.81 18.57 36.57
N PHE A 309 -18.92 18.29 37.28
CA PHE A 309 -19.99 19.29 37.38
C PHE A 309 -19.83 20.35 38.48
N ARG A 310 -19.04 20.06 39.52
CA ARG A 310 -18.91 20.98 40.64
C ARG A 310 -17.69 21.86 40.49
N ASP A 311 -16.60 21.25 40.03
CA ASP A 311 -15.29 21.91 39.96
C ASP A 311 -14.81 22.35 38.57
N TYR A 312 -15.16 21.59 37.55
CA TYR A 312 -14.66 21.89 36.20
C TYR A 312 -15.57 22.79 35.37
N LEU A 313 -16.80 22.32 35.13
CA LEU A 313 -17.76 23.04 34.29
C LEU A 313 -18.01 24.52 34.65
N PRO A 314 -18.05 24.88 35.96
CA PRO A 314 -18.28 26.26 36.38
C PRO A 314 -17.20 27.23 35.98
N ILE A 315 -15.96 26.75 35.83
CA ILE A 315 -14.86 27.61 35.41
C ILE A 315 -14.58 27.51 33.91
N VAL A 316 -15.37 26.69 33.21
CA VAL A 316 -15.33 26.62 31.74
C VAL A 316 -16.46 27.51 31.22
N LEU A 317 -17.70 27.18 31.59
CA LEU A 317 -18.87 27.88 31.12
C LEU A 317 -19.00 29.28 31.70
N GLY A 318 -18.59 29.47 32.96
CA GLY A 318 -18.63 30.76 33.63
C GLY A 318 -20.04 31.31 33.84
N SER A 319 -20.19 32.63 33.76
CA SER A 319 -21.47 33.28 33.91
C SER A 319 -22.53 32.65 33.02
N GLU A 320 -22.14 31.74 32.12
CA GLU A 320 -23.10 31.09 31.24
C GLU A 320 -23.60 29.73 31.77
N MET A 321 -23.09 29.33 32.93
CA MET A 321 -23.38 28.04 33.54
C MET A 321 -24.85 27.91 33.85
N GLN A 322 -25.36 28.86 34.64
CA GLN A 322 -26.76 28.84 35.11
C GLN A 322 -27.76 28.90 33.97
N LYS A 323 -27.43 29.70 32.95
CA LYS A 323 -28.25 29.84 31.78
C LYS A 323 -28.57 28.47 31.17
N TRP A 324 -27.58 27.57 31.15
CA TRP A 324 -27.67 26.29 30.41
C TRP A 324 -27.84 25.03 31.25
N ILE A 325 -27.22 25.03 32.43
CA ILE A 325 -27.27 23.89 33.33
C ILE A 325 -27.95 24.31 34.65
N PRO A 326 -29.28 24.49 34.63
CA PRO A 326 -29.92 24.89 35.87
C PRO A 326 -29.77 23.76 36.91
N PRO A 327 -30.02 24.05 38.20
CA PRO A 327 -29.89 23.02 39.24
C PRO A 327 -30.70 21.74 38.95
N TYR A 328 -30.19 20.63 39.49
CA TYR A 328 -30.77 19.28 39.29
C TYR A 328 -32.19 19.14 39.87
N GLN A 329 -33.07 18.48 39.09
CA GLN A 329 -34.48 18.27 39.46
C GLN A 329 -34.92 16.81 39.36
N GLY A 330 -33.96 15.89 39.22
CA GLY A 330 -34.26 14.46 39.06
C GLY A 330 -34.23 13.97 37.62
N TYR A 331 -34.18 12.66 37.45
CA TYR A 331 -34.08 12.00 36.14
C TYR A 331 -35.27 12.29 35.28
N ASN A 332 -35.01 12.51 34.00
CA ASN A 332 -36.03 12.82 32.99
C ASN A 332 -35.92 11.83 31.83
N ASN A 333 -36.80 10.84 31.80
CA ASN A 333 -36.75 9.80 30.79
C ASN A 333 -37.00 10.27 29.35
N SER A 334 -37.44 11.51 29.20
CA SER A 334 -37.72 12.08 27.90
C SER A 334 -36.53 12.81 27.27
N VAL A 335 -35.41 12.84 27.98
CA VAL A 335 -34.23 13.55 27.52
C VAL A 335 -33.24 12.66 26.82
N ASP A 336 -32.79 13.09 25.65
CA ASP A 336 -31.83 12.37 24.83
C ASP A 336 -30.40 12.49 25.39
N PRO A 337 -29.86 11.38 25.97
CA PRO A 337 -28.53 11.36 26.64
C PRO A 337 -27.33 11.33 25.67
N ARG A 338 -27.59 10.97 24.41
CA ARG A 338 -26.56 10.82 23.39
C ARG A 338 -25.73 12.07 23.11
N ILE A 339 -24.45 11.87 22.86
CA ILE A 339 -23.54 12.94 22.49
C ILE A 339 -23.77 13.28 21.02
N SER A 340 -23.98 14.56 20.74
CA SER A 340 -24.23 15.04 19.39
C SER A 340 -22.94 15.12 18.64
N ASN A 341 -23.02 15.05 17.32
CA ASN A 341 -21.83 15.12 16.49
C ASN A 341 -21.03 16.39 16.77
N VAL A 342 -21.70 17.54 16.68
CA VAL A 342 -21.06 18.84 16.85
C VAL A 342 -20.31 18.98 18.16
N PHE A 343 -20.80 18.32 19.21
CA PHE A 343 -20.14 18.37 20.51
C PHE A 343 -18.73 17.89 20.32
N THR A 344 -18.55 16.74 19.68
CA THR A 344 -17.21 16.21 19.49
C THR A 344 -16.26 17.23 18.87
N PHE A 345 -16.77 18.36 18.39
CA PHE A 345 -15.90 19.38 17.85
C PHE A 345 -15.85 20.58 18.77
N ALA A 346 -16.97 20.88 19.41
CA ALA A 346 -17.04 22.03 20.32
C ALA A 346 -16.15 21.77 21.52
N PHE A 347 -16.09 20.50 21.95
CA PHE A 347 -15.27 20.11 23.12
C PHE A 347 -13.77 20.09 22.80
N ARG A 348 -13.41 20.41 21.57
CA ARG A 348 -12.01 20.46 21.17
C ARG A 348 -11.42 21.85 21.50
N PHE A 349 -12.18 22.65 22.23
CA PHE A 349 -11.70 23.97 22.64
C PHE A 349 -10.39 23.80 23.39
N GLY A 350 -10.27 22.64 24.04
CA GLY A 350 -9.12 22.30 24.86
C GLY A 350 -7.79 22.29 24.12
N HIS A 351 -7.84 22.08 22.81
CA HIS A 351 -6.60 22.01 22.05
C HIS A 351 -5.83 23.32 22.14
N MET A 352 -6.53 24.38 22.52
CA MET A 352 -5.94 25.69 22.56
C MET A 352 -5.53 26.02 23.96
N GLU A 353 -5.49 25.00 24.81
CA GLU A 353 -5.16 25.18 26.20
C GLU A 353 -3.91 24.38 26.50
N VAL A 354 -3.38 23.70 25.48
CA VAL A 354 -2.22 22.84 25.67
C VAL A 354 -0.96 23.66 25.43
N PRO A 355 -0.13 23.77 26.48
CA PRO A 355 1.11 24.57 26.48
C PRO A 355 2.23 23.79 25.82
N SER A 356 3.33 24.48 25.51
CA SER A 356 4.42 23.88 24.70
C SER A 356 5.33 22.87 25.46
N THR A 357 5.42 22.99 26.78
CA THR A 357 6.29 22.10 27.54
C THR A 357 5.60 21.39 28.71
N VAL A 358 6.23 20.32 29.18
CA VAL A 358 5.76 19.57 30.32
C VAL A 358 6.92 19.45 31.30
N SER A 359 6.69 19.69 32.57
CA SER A 359 7.78 19.72 33.55
C SER A 359 7.69 18.62 34.60
N ARG A 360 8.87 18.22 35.10
CA ARG A 360 8.98 17.29 36.20
C ARG A 360 9.56 18.01 37.42
N LEU A 361 8.83 18.01 38.53
CA LEU A 361 9.23 18.72 39.75
C LEU A 361 9.51 17.74 40.88
N ASP A 362 10.51 18.06 41.71
CA ASP A 362 10.85 17.22 42.82
C ASP A 362 9.96 17.47 44.03
N GLU A 363 10.39 16.94 45.17
CA GLU A 363 9.63 16.96 46.41
C GLU A 363 9.42 18.37 46.99
N ASN A 364 10.28 19.30 46.60
CA ASN A 364 10.16 20.69 47.03
C ASN A 364 9.56 21.52 45.92
N TYR A 365 9.01 20.83 44.92
CA TYR A 365 8.41 21.45 43.74
C TYR A 365 9.47 22.22 42.93
N GLN A 366 10.71 21.72 42.96
CA GLN A 366 11.83 22.28 42.20
C GLN A 366 12.08 21.48 40.92
N PRO A 367 12.70 22.11 39.89
CA PRO A 367 13.02 21.36 38.65
C PRO A 367 13.72 20.04 38.94
N TRP A 368 13.18 18.95 38.39
CA TRP A 368 13.63 17.58 38.63
C TRP A 368 14.72 17.15 37.65
N GLY A 369 15.96 17.38 38.03
CA GLY A 369 17.09 16.98 37.22
C GLY A 369 17.52 18.06 36.23
N PRO A 370 18.42 17.70 35.27
CA PRO A 370 18.94 18.56 34.19
C PRO A 370 17.99 18.76 33.01
N GLU A 371 17.08 17.81 32.82
CA GLU A 371 16.18 17.85 31.68
C GLU A 371 14.74 17.82 32.18
N ALA A 372 14.47 18.64 33.18
CA ALA A 372 13.19 18.66 33.85
C ALA A 372 12.09 19.03 32.89
N GLU A 373 12.30 20.08 32.11
CA GLU A 373 11.27 20.65 31.24
C GLU A 373 11.38 20.12 29.83
N LEU A 374 10.33 19.45 29.35
CA LEU A 374 10.38 18.80 28.04
C LEU A 374 9.44 19.40 26.99
N PRO A 375 9.87 19.44 25.72
CA PRO A 375 8.97 19.75 24.60
C PRO A 375 7.80 18.77 24.52
N LEU A 376 6.58 19.31 24.42
CA LEU A 376 5.37 18.49 24.35
C LEU A 376 5.45 17.43 23.25
N HIS A 377 6.15 17.76 22.16
CA HIS A 377 6.18 16.86 21.02
C HIS A 377 6.95 15.59 21.31
N THR A 378 7.87 15.62 22.28
CA THR A 378 8.66 14.40 22.55
C THR A 378 7.95 13.44 23.48
N LEU A 379 6.71 13.78 23.82
CA LEU A 379 5.94 13.09 24.82
C LEU A 379 4.73 12.34 24.29
N PHE A 380 4.37 12.54 23.01
CA PHE A 380 3.25 11.79 22.45
C PHE A 380 3.64 10.33 22.43
N PHE A 381 2.73 9.48 22.90
CA PHE A 381 2.97 8.03 22.96
C PHE A 381 4.29 7.67 23.64
N ASN A 382 4.67 8.49 24.62
CA ASN A 382 5.86 8.34 25.41
C ASN A 382 5.42 7.71 26.72
N THR A 383 5.82 6.46 26.93
CA THR A 383 5.60 5.79 28.21
C THR A 383 6.91 5.48 28.92
N TRP A 384 8.04 5.61 28.22
CA TRP A 384 9.33 5.29 28.84
C TRP A 384 9.80 6.33 29.81
N ARG A 385 9.45 7.58 29.54
CA ARG A 385 9.72 8.68 30.46
C ARG A 385 9.01 8.49 31.79
N ILE A 386 7.94 7.69 31.82
CA ILE A 386 7.26 7.40 33.07
C ILE A 386 7.93 6.23 33.74
N ILE A 387 7.96 5.08 33.04
CA ILE A 387 8.49 3.82 33.59
C ILE A 387 9.97 3.97 33.93
N LYS A 388 10.75 4.48 32.97
CA LYS A 388 12.21 4.59 33.11
C LYS A 388 12.76 5.96 33.57
N ASP A 389 11.92 6.92 33.97
CA ASP A 389 12.49 8.22 34.34
C ASP A 389 11.77 9.01 35.44
N GLY A 390 11.43 8.36 36.54
CA GLY A 390 10.83 9.10 37.65
C GLY A 390 9.50 8.64 38.22
N GLY A 391 8.68 7.95 37.42
CA GLY A 391 7.33 7.58 37.85
C GLY A 391 6.37 8.74 37.64
N ILE A 392 5.24 8.75 38.33
CA ILE A 392 4.24 9.76 38.02
C ILE A 392 4.25 10.92 39.00
N ASP A 393 4.95 10.76 40.12
CA ASP A 393 4.99 11.79 41.16
C ASP A 393 5.55 13.14 40.71
N PRO A 394 6.67 13.12 39.97
CA PRO A 394 7.21 14.34 39.36
C PRO A 394 6.26 15.01 38.35
N LEU A 395 5.47 14.19 37.65
CA LEU A 395 4.49 14.68 36.69
C LEU A 395 3.23 15.25 37.38
N VAL A 396 2.77 14.57 38.43
CA VAL A 396 1.60 15.06 39.17
C VAL A 396 1.88 16.46 39.71
N ARG A 397 3.10 16.69 40.17
CA ARG A 397 3.47 17.98 40.74
C ARG A 397 3.48 19.06 39.68
N GLY A 398 3.93 18.70 38.49
CA GLY A 398 3.85 19.59 37.33
C GLY A 398 2.41 20.02 37.17
N LEU A 399 1.51 19.04 37.01
CA LEU A 399 0.07 19.29 36.88
C LEU A 399 -0.46 20.31 37.89
N LEU A 400 0.00 20.20 39.14
CA LEU A 400 -0.53 21.04 40.22
C LEU A 400 0.10 22.42 40.22
N ALA A 401 1.38 22.48 39.90
CA ALA A 401 2.15 23.71 40.01
C ALA A 401 2.15 24.57 38.75
N LYS A 402 2.07 23.96 37.58
CA LYS A 402 2.18 24.72 36.33
C LYS A 402 0.85 25.15 35.71
N ASN A 403 0.86 26.24 34.94
CA ASN A 403 -0.32 26.83 34.27
C ASN A 403 -0.71 26.14 32.98
N SER A 404 -1.98 26.26 32.61
CA SER A 404 -2.44 25.90 31.27
C SER A 404 -2.12 27.05 30.30
N LYS A 405 -2.28 26.77 29.01
CA LYS A 405 -2.19 27.83 27.98
C LYS A 405 -3.52 28.56 27.83
N LEU A 406 -3.51 29.87 27.97
CA LEU A 406 -4.71 30.66 27.76
C LEU A 406 -5.05 30.75 26.26
N MET A 407 -6.30 30.52 25.90
CA MET A 407 -6.71 30.72 24.51
C MET A 407 -6.47 32.18 24.21
N ASN A 408 -5.98 32.46 23.01
CA ASN A 408 -5.58 33.80 22.60
C ASN A 408 -5.89 33.92 21.11
N GLN A 409 -6.63 34.95 20.71
CA GLN A 409 -6.97 35.11 19.30
C GLN A 409 -5.73 35.22 18.39
N ASN A 410 -4.64 35.79 18.91
CA ASN A 410 -3.38 35.95 18.18
C ASN A 410 -2.42 34.76 18.30
N LYS A 411 -2.65 33.91 19.32
CA LYS A 411 -1.86 32.71 19.62
C LYS A 411 -2.75 31.46 19.95
N MET A 412 -3.33 30.85 18.92
CA MET A 412 -4.33 29.81 19.07
C MET A 412 -3.78 28.46 19.54
N VAL A 413 -3.12 27.70 18.67
CA VAL A 413 -2.65 26.34 18.98
C VAL A 413 -1.15 26.25 18.94
N THR A 414 -0.49 25.78 19.99
CA THR A 414 0.99 25.71 19.95
C THR A 414 1.58 24.84 18.84
N SER A 415 2.72 25.27 18.29
CA SER A 415 3.34 24.58 17.16
C SER A 415 3.67 23.13 17.45
N GLU A 416 3.83 22.81 18.73
CA GLU A 416 4.10 21.44 19.16
C GLU A 416 2.92 20.57 18.77
N LEU A 417 1.74 21.19 18.71
CA LEU A 417 0.52 20.52 18.26
C LEU A 417 0.20 20.77 16.77
N ARG A 418 0.52 21.97 16.30
CA ARG A 418 0.17 22.38 14.95
C ARG A 418 1.21 21.96 13.90
N ASN A 419 2.43 21.67 14.33
CA ASN A 419 3.46 21.25 13.40
C ASN A 419 4.13 19.92 13.68
N LYS A 420 4.19 19.48 14.93
CA LYS A 420 4.94 18.28 15.24
C LYS A 420 4.14 17.12 15.89
N LEU A 421 2.87 16.95 15.51
CA LEU A 421 2.04 15.90 16.11
C LEU A 421 2.43 14.54 15.59
N PHE A 422 2.53 13.59 16.50
CA PHE A 422 2.79 12.20 16.15
C PHE A 422 1.47 11.46 16.07
N GLN A 423 1.33 10.67 15.02
CA GLN A 423 0.15 9.85 14.81
C GLN A 423 0.55 8.39 14.87
N PRO A 424 -0.21 7.58 15.63
CA PRO A 424 0.08 6.16 15.90
C PRO A 424 0.44 5.39 14.62
N THR A 425 -0.42 5.48 13.62
CA THR A 425 -0.22 4.78 12.38
C THR A 425 1.11 5.09 11.69
N HIS A 426 1.53 6.35 11.74
CA HIS A 426 2.66 6.83 10.93
C HIS A 426 3.96 6.87 11.70
N LYS A 427 4.98 7.48 11.10
CA LYS A 427 6.33 7.46 11.65
C LYS A 427 6.92 8.83 12.03
N VAL A 428 6.47 9.87 11.34
CA VAL A 428 6.99 11.23 11.53
C VAL A 428 6.26 12.03 12.62
N HIS A 429 7.00 12.97 13.22
CA HIS A 429 6.48 13.99 14.13
C HIS A 429 6.24 15.28 13.32
N GLY A 430 5.18 15.30 12.51
CA GLY A 430 4.94 16.45 11.64
C GLY A 430 3.51 16.64 11.17
N PHE A 431 2.55 16.10 11.90
CA PHE A 431 1.16 16.31 11.56
C PHE A 431 0.67 17.58 12.18
N ASP A 432 -0.50 18.03 11.74
CA ASP A 432 -1.09 19.28 12.23
C ASP A 432 -2.43 18.98 12.86
N LEU A 433 -2.53 19.15 14.18
CA LEU A 433 -3.80 18.91 14.85
C LEU A 433 -4.83 19.94 14.44
N ALA A 434 -4.39 21.17 14.24
CA ALA A 434 -5.32 22.23 13.84
C ALA A 434 -5.96 21.92 12.49
N ALA A 435 -5.12 21.47 11.54
CA ALA A 435 -5.58 21.15 10.19
C ALA A 435 -6.47 19.92 10.18
N ILE A 436 -6.08 18.91 10.94
CA ILE A 436 -6.87 17.70 11.06
C ILE A 436 -8.29 18.00 11.53
N ASN A 437 -8.40 18.83 12.58
CA ASN A 437 -9.72 19.23 13.12
C ASN A 437 -10.62 19.82 12.06
N LEU A 438 -10.04 20.72 11.28
CA LEU A 438 -10.77 21.41 10.26
C LEU A 438 -11.21 20.43 9.20
N GLN A 439 -10.28 19.64 8.71
CA GLN A 439 -10.58 18.58 7.76
C GLN A 439 -11.69 17.67 8.32
N ARG A 440 -11.56 17.31 9.59
CA ARG A 440 -12.50 16.38 10.20
C ARG A 440 -13.90 16.95 10.32
N CYS A 441 -13.98 18.27 10.51
CA CYS A 441 -15.26 18.96 10.61
C CYS A 441 -16.09 18.69 9.39
N ARG A 442 -15.42 18.71 8.23
CA ARG A 442 -16.05 18.52 6.93
C ARG A 442 -16.33 17.03 6.73
N ASP A 443 -15.47 16.18 7.29
CA ASP A 443 -15.66 14.72 7.20
C ASP A 443 -16.96 14.28 7.86
N HIS A 444 -17.27 14.93 8.98
CA HIS A 444 -18.47 14.62 9.76
C HIS A 444 -19.71 15.32 9.20
N GLY A 445 -19.54 16.23 8.26
CA GLY A 445 -20.68 16.89 7.65
C GLY A 445 -21.26 18.03 8.45
N MET A 446 -20.46 18.58 9.35
CA MET A 446 -20.82 19.80 10.09
C MET A 446 -21.44 20.90 9.22
N PRO A 447 -22.45 21.56 9.77
CA PRO A 447 -22.93 22.76 9.16
C PRO A 447 -21.93 23.85 9.50
N GLY A 448 -22.06 25.01 8.88
CA GLY A 448 -21.15 26.11 9.15
C GLY A 448 -21.39 26.81 10.47
N TYR A 449 -20.58 27.84 10.72
CA TYR A 449 -20.64 28.71 11.89
C TYR A 449 -22.00 29.39 12.12
N ASN A 450 -22.54 30.05 11.09
CA ASN A 450 -23.81 30.80 11.26
C ASN A 450 -25.03 29.89 11.55
N SER A 451 -25.05 28.73 10.91
CA SER A 451 -26.10 27.77 11.19
C SER A 451 -26.07 27.40 12.66
N TRP A 452 -24.89 27.47 13.25
CA TRP A 452 -24.76 27.12 14.65
C TRP A 452 -25.01 28.29 15.53
N ARG A 453 -24.56 29.47 15.11
CA ARG A 453 -24.92 30.70 15.82
C ARG A 453 -26.42 30.72 15.93
N GLY A 454 -27.09 30.44 14.82
CA GLY A 454 -28.56 30.47 14.77
C GLY A 454 -29.22 29.48 15.71
N PHE A 455 -28.86 28.20 15.56
CA PHE A 455 -29.28 27.13 16.47
C PHE A 455 -29.37 27.64 17.91
N CYS A 456 -28.39 28.44 18.31
CA CYS A 456 -28.27 28.96 19.67
C CYS A 456 -28.90 30.32 19.87
N GLY A 457 -29.50 30.89 18.83
CA GLY A 457 -30.18 32.17 18.95
C GLY A 457 -29.24 33.35 19.13
N LEU A 458 -28.08 33.28 18.50
CA LEU A 458 -27.17 34.42 18.47
C LEU A 458 -27.22 35.03 17.09
N SER A 459 -26.63 36.21 16.96
CA SER A 459 -26.64 36.95 15.70
C SER A 459 -25.86 36.19 14.64
N GLN A 460 -26.18 36.42 13.37
CA GLN A 460 -25.50 35.70 12.28
C GLN A 460 -24.84 36.67 11.31
N PRO A 461 -23.59 37.07 11.60
CA PRO A 461 -22.96 38.10 10.79
C PRO A 461 -22.88 37.66 9.33
N LYS A 462 -23.00 38.63 8.44
CA LYS A 462 -22.97 38.37 7.00
C LYS A 462 -21.89 39.21 6.34
N THR A 463 -21.29 40.11 7.12
CA THR A 463 -20.36 41.08 6.58
C THR A 463 -19.09 41.16 7.41
N LEU A 464 -18.02 41.63 6.79
CA LEU A 464 -16.73 41.79 7.44
C LEU A 464 -16.95 42.62 8.69
N LYS A 465 -17.80 43.63 8.60
CA LYS A 465 -18.09 44.50 9.72
C LYS A 465 -18.90 43.76 10.78
N GLY A 466 -19.78 42.87 10.34
CA GLY A 466 -20.60 42.09 11.26
C GLY A 466 -19.78 41.12 12.09
N LEU A 467 -18.85 40.42 11.44
CA LEU A 467 -17.92 39.51 12.10
C LEU A 467 -17.04 40.29 13.06
N GLN A 468 -16.46 41.40 12.58
CA GLN A 468 -15.70 42.34 13.42
C GLN A 468 -16.35 42.47 14.80
N ALA A 469 -17.62 42.86 14.79
CA ALA A 469 -18.40 43.14 15.98
C ALA A 469 -18.60 41.92 16.86
N VAL A 470 -18.75 40.75 16.23
CA VAL A 470 -18.92 39.51 16.99
C VAL A 470 -17.59 39.12 17.64
N LEU A 471 -16.51 39.12 16.83
CA LEU A 471 -15.19 38.69 17.26
C LEU A 471 -14.41 39.76 18.01
N LYS A 472 -14.94 40.97 18.04
CA LYS A 472 -14.26 42.12 18.64
C LYS A 472 -12.79 42.11 18.27
N ASN A 473 -12.52 41.97 16.98
CA ASN A 473 -11.17 41.94 16.49
C ASN A 473 -11.19 42.13 14.97
N LYS A 474 -10.60 43.22 14.48
CA LYS A 474 -10.58 43.52 13.04
C LYS A 474 -9.69 42.56 12.25
N VAL A 475 -8.42 42.46 12.64
CA VAL A 475 -7.46 41.61 11.92
C VAL A 475 -7.89 40.12 11.80
N LEU A 476 -8.44 39.56 12.88
CA LEU A 476 -8.94 38.20 12.86
C LEU A 476 -10.11 38.10 11.88
N ALA A 477 -11.07 39.00 12.03
CA ALA A 477 -12.24 38.99 11.17
C ALA A 477 -11.87 39.10 9.68
N LYS A 478 -10.77 39.80 9.40
CA LYS A 478 -10.31 40.06 8.03
C LYS A 478 -9.62 38.85 7.43
N LYS A 479 -8.79 38.21 8.24
CA LYS A 479 -8.09 36.99 7.83
C LYS A 479 -9.10 35.85 7.60
N LEU A 480 -10.14 35.83 8.43
CA LEU A 480 -11.12 34.78 8.37
C LEU A 480 -11.95 34.87 7.08
N LEU A 481 -12.30 36.08 6.67
CA LEU A 481 -13.07 36.25 5.45
C LEU A 481 -12.25 36.22 4.17
N ASP A 482 -11.00 36.63 4.24
CA ASP A 482 -10.15 36.51 3.04
C ASP A 482 -10.09 35.04 2.59
N LEU A 483 -10.27 34.13 3.54
CA LEU A 483 -10.16 32.71 3.28
C LEU A 483 -11.50 32.03 3.03
N TYR A 484 -12.52 32.42 3.78
CA TYR A 484 -13.83 31.77 3.73
C TYR A 484 -14.85 32.46 2.81
N LYS A 485 -14.57 33.72 2.47
CA LYS A 485 -15.41 34.56 1.61
C LYS A 485 -16.78 34.94 2.17
N THR A 486 -17.31 34.14 3.09
CA THR A 486 -18.52 34.51 3.83
C THR A 486 -18.61 33.85 5.18
N PRO A 487 -19.14 34.55 6.18
CA PRO A 487 -19.22 33.97 7.52
C PRO A 487 -19.98 32.64 7.56
N ASP A 488 -20.81 32.38 6.54
CA ASP A 488 -21.57 31.12 6.43
C ASP A 488 -20.66 29.91 6.28
N ASN A 489 -19.52 30.08 5.61
CA ASN A 489 -18.65 28.94 5.33
C ASN A 489 -17.62 28.53 6.38
N ILE A 490 -17.30 29.44 7.31
CA ILE A 490 -16.32 29.22 8.38
C ILE A 490 -16.66 27.94 9.09
N ASP A 491 -15.64 27.09 9.28
CA ASP A 491 -15.76 25.78 9.98
C ASP A 491 -16.09 25.92 11.49
N ILE A 492 -17.02 25.10 11.99
CA ILE A 492 -17.45 25.24 13.38
C ILE A 492 -16.28 25.30 14.39
N TRP A 493 -15.25 24.49 14.15
CA TRP A 493 -14.14 24.41 15.09
C TRP A 493 -13.44 25.73 15.29
N ILE A 494 -12.97 26.34 14.21
CA ILE A 494 -12.24 27.60 14.32
C ILE A 494 -13.20 28.77 14.58
N GLY A 495 -14.36 28.75 13.92
CA GLY A 495 -15.34 29.80 14.08
C GLY A 495 -15.75 29.96 15.54
N GLY A 496 -15.93 28.82 16.21
CA GLY A 496 -16.36 28.77 17.60
C GLY A 496 -15.28 29.30 18.54
N ASN A 497 -14.05 28.85 18.33
CA ASN A 497 -12.93 29.24 19.17
C ASN A 497 -12.46 30.67 18.97
N ALA A 498 -12.81 31.28 17.85
CA ALA A 498 -12.36 32.64 17.56
C ALA A 498 -13.09 33.72 18.38
N GLU A 499 -14.26 33.38 18.92
CA GLU A 499 -15.06 34.31 19.75
C GLU A 499 -14.35 34.65 21.08
N PRO A 500 -14.55 35.87 21.60
CA PRO A 500 -13.96 36.24 22.86
C PRO A 500 -14.65 35.48 24.00
N MET A 501 -13.91 35.27 25.09
CA MET A 501 -14.44 34.47 26.17
C MET A 501 -15.45 35.22 27.01
N VAL A 502 -16.47 34.49 27.45
CA VAL A 502 -17.53 34.99 28.34
C VAL A 502 -17.01 35.25 29.75
N GLU A 503 -17.76 36.04 30.51
CA GLU A 503 -17.35 36.46 31.85
C GLU A 503 -17.07 35.28 32.79
N ARG A 504 -15.84 35.20 33.31
CA ARG A 504 -15.37 34.14 34.23
C ARG A 504 -15.30 32.69 33.67
N GLY A 505 -15.35 32.53 32.35
CA GLY A 505 -15.24 31.22 31.75
C GLY A 505 -14.04 31.11 30.81
N ARG A 506 -13.98 30.05 30.02
CA ARG A 506 -12.85 29.87 29.13
C ARG A 506 -13.26 29.56 27.70
N VAL A 507 -14.53 29.82 27.39
CA VAL A 507 -15.06 29.67 26.05
C VAL A 507 -16.03 30.80 25.86
N GLY A 508 -16.52 30.97 24.65
CA GLY A 508 -17.40 32.09 24.35
C GLY A 508 -18.86 31.70 24.22
N PRO A 509 -19.71 32.66 23.80
CA PRO A 509 -21.15 32.52 23.61
C PRO A 509 -21.55 31.28 22.84
N LEU A 510 -21.06 31.12 21.61
CA LEU A 510 -21.43 29.95 20.81
C LEU A 510 -21.00 28.63 21.44
N LEU A 511 -19.78 28.58 21.96
CA LEU A 511 -19.29 27.35 22.57
C LEU A 511 -20.00 26.99 23.84
N ALA A 512 -20.22 27.99 24.70
CA ALA A 512 -20.91 27.80 25.97
C ALA A 512 -22.25 27.15 25.70
N CYS A 513 -22.86 27.53 24.58
CA CYS A 513 -24.18 27.07 24.26
C CYS A 513 -24.17 25.60 23.90
N LEU A 514 -23.30 25.22 22.95
CA LEU A 514 -23.19 23.83 22.50
C LEU A 514 -22.79 22.93 23.66
N LEU A 515 -21.73 23.33 24.38
CA LEU A 515 -21.24 22.57 25.52
C LEU A 515 -22.31 22.48 26.61
N GLY A 516 -22.88 23.61 26.98
CA GLY A 516 -23.91 23.61 28.02
C GLY A 516 -25.03 22.61 27.77
N ARG A 517 -25.71 22.76 26.64
CA ARG A 517 -26.80 21.87 26.28
C ARG A 517 -26.42 20.41 26.46
N GLN A 518 -25.29 20.01 25.87
CA GLN A 518 -24.86 18.61 25.95
C GLN A 518 -24.71 18.13 27.39
N PHE A 519 -24.03 18.91 28.22
CA PHE A 519 -23.80 18.49 29.59
C PHE A 519 -25.07 18.46 30.42
N GLN A 520 -25.99 19.37 30.11
CA GLN A 520 -27.33 19.37 30.74
C GLN A 520 -28.14 18.11 30.38
N GLN A 521 -27.92 17.58 29.18
CA GLN A 521 -28.62 16.40 28.69
C GLN A 521 -28.07 15.08 29.23
N ILE A 522 -26.73 14.93 29.29
CA ILE A 522 -26.13 13.69 29.81
C ILE A 522 -26.39 13.52 31.30
N ARG A 523 -26.64 14.64 31.98
CA ARG A 523 -26.98 14.66 33.40
C ARG A 523 -28.46 14.40 33.64
N ASP A 524 -29.34 15.13 32.94
CA ASP A 524 -30.79 14.93 33.09
C ASP A 524 -31.27 13.60 32.56
N GLY A 525 -30.55 13.02 31.58
CA GLY A 525 -30.97 11.77 30.90
C GLY A 525 -30.37 10.46 31.39
N ASP A 526 -29.50 10.57 32.40
CA ASP A 526 -28.75 9.43 32.96
C ASP A 526 -29.47 8.89 34.18
N ARG A 527 -29.99 7.67 34.08
CA ARG A 527 -30.77 7.07 35.16
C ARG A 527 -29.93 6.84 36.41
N PHE A 528 -28.61 6.75 36.23
CA PHE A 528 -27.68 6.46 37.33
C PHE A 528 -26.88 7.65 37.82
N TRP A 529 -27.30 8.87 37.44
CA TRP A 529 -26.70 10.07 38.02
C TRP A 529 -26.58 9.87 39.55
N TRP A 530 -25.49 10.36 40.13
CA TRP A 530 -25.22 10.15 41.54
C TRP A 530 -26.20 10.85 42.47
N GLU A 531 -26.92 11.85 41.96
CA GLU A 531 -27.86 12.61 42.79
C GLU A 531 -29.27 12.07 42.68
N ASN A 532 -29.52 11.30 41.62
CA ASN A 532 -30.83 10.72 41.41
C ASN A 532 -31.22 9.76 42.53
N PRO A 533 -32.34 10.05 43.21
CA PRO A 533 -32.80 9.21 44.31
C PRO A 533 -32.83 7.72 43.98
N GLY A 534 -32.22 6.89 44.85
CA GLY A 534 -32.21 5.44 44.68
C GLY A 534 -30.84 4.88 44.31
N VAL A 535 -30.06 5.63 43.53
CA VAL A 535 -28.71 5.21 43.12
C VAL A 535 -27.74 5.04 44.29
N PHE A 536 -27.61 6.09 45.11
CA PHE A 536 -26.85 6.04 46.37
C PHE A 536 -27.79 6.43 47.49
N THR A 537 -27.37 6.24 48.74
CA THR A 537 -28.24 6.58 49.88
C THR A 537 -27.94 7.98 50.39
N GLU A 538 -28.91 8.57 51.08
CA GLU A 538 -28.73 9.83 51.79
C GLU A 538 -27.30 9.92 52.29
N LYS A 539 -26.97 8.96 53.17
CA LYS A 539 -25.66 8.89 53.81
C LYS A 539 -24.50 8.75 52.85
N GLN A 540 -24.66 7.95 51.80
CA GLN A 540 -23.60 7.75 50.81
C GLN A 540 -23.30 9.02 49.99
N ARG A 541 -24.36 9.69 49.55
CA ARG A 541 -24.23 10.92 48.79
C ARG A 541 -23.45 11.94 49.61
N ASP A 542 -23.87 12.08 50.86
CA ASP A 542 -23.34 13.03 51.83
C ASP A 542 -21.84 12.95 51.96
N SER A 543 -21.35 11.71 51.99
CA SER A 543 -19.93 11.45 52.02
C SER A 543 -19.24 11.75 50.67
N LEU A 544 -19.99 11.57 49.57
CA LEU A 544 -19.43 11.72 48.23
C LEU A 544 -19.22 13.18 47.85
N GLN A 545 -19.94 14.07 48.51
CA GLN A 545 -19.85 15.52 48.29
C GLN A 545 -18.50 16.02 48.75
N LYS A 546 -17.79 15.18 49.49
CA LYS A 546 -16.52 15.54 50.09
C LYS A 546 -15.31 15.19 49.27
N VAL A 547 -15.51 14.49 48.15
CA VAL A 547 -14.37 14.17 47.31
C VAL A 547 -13.75 15.41 46.68
N SER A 548 -12.49 15.27 46.28
CA SER A 548 -11.73 16.30 45.59
C SER A 548 -10.56 15.62 44.89
N PHE A 549 -10.07 16.26 43.82
CA PHE A 549 -8.91 15.73 43.09
C PHE A 549 -7.66 15.74 43.97
N SER A 550 -7.48 16.77 44.77
CA SER A 550 -6.36 16.82 45.70
C SER A 550 -6.28 15.56 46.56
N ARG A 551 -7.39 15.18 47.17
CA ARG A 551 -7.47 13.92 47.90
C ARG A 551 -7.08 12.73 47.00
N LEU A 552 -7.65 12.67 45.80
CA LEU A 552 -7.30 11.61 44.86
C LEU A 552 -5.78 11.49 44.73
N ILE A 553 -5.10 12.64 44.73
CA ILE A 553 -3.65 12.66 44.64
C ILE A 553 -3.03 12.09 45.90
N CYS A 554 -3.51 12.54 47.05
CA CYS A 554 -2.97 12.14 48.34
C CYS A 554 -3.00 10.64 48.61
N ASP A 555 -4.14 10.02 48.43
CA ASP A 555 -4.26 8.58 48.67
C ASP A 555 -3.46 7.77 47.65
N ASN A 556 -3.25 8.32 46.45
CA ASN A 556 -2.70 7.50 45.40
C ASN A 556 -1.28 7.80 44.89
N THR A 557 -0.59 8.72 45.58
CA THR A 557 0.77 9.09 45.23
C THR A 557 1.57 9.37 46.52
N HIS A 558 2.86 9.67 46.38
CA HIS A 558 3.67 10.04 47.53
C HIS A 558 3.89 11.53 47.62
N ILE A 559 2.95 12.28 47.02
CA ILE A 559 2.91 13.74 47.17
C ILE A 559 2.13 14.06 48.43
N THR A 560 2.72 14.92 49.25
CA THR A 560 2.18 15.21 50.56
C THR A 560 1.76 16.66 50.70
N LYS A 561 2.14 17.46 49.72
CA LYS A 561 1.71 18.84 49.65
C LYS A 561 0.86 19.04 48.38
N VAL A 562 -0.35 19.55 48.56
CA VAL A 562 -1.28 19.74 47.46
C VAL A 562 -2.12 20.98 47.72
N PRO A 563 -2.68 21.59 46.65
CA PRO A 563 -3.62 22.69 46.80
C PRO A 563 -4.95 22.16 47.27
N LEU A 564 -5.81 23.06 47.75
CA LEU A 564 -7.17 22.71 48.11
C LEU A 564 -7.95 22.71 46.83
N HIS A 565 -7.82 23.81 46.08
CA HIS A 565 -8.52 23.98 44.82
C HIS A 565 -7.56 23.76 43.66
N ALA A 566 -7.53 22.52 43.15
CA ALA A 566 -6.54 22.11 42.16
C ALA A 566 -6.75 22.69 40.77
N PHE A 567 -7.92 23.25 40.49
CA PHE A 567 -8.16 23.73 39.14
C PHE A 567 -7.67 25.14 38.88
N GLN A 568 -7.36 25.89 39.93
CA GLN A 568 -6.94 27.29 39.76
C GLN A 568 -5.44 27.41 39.97
N ALA A 569 -4.80 28.34 39.27
CA ALA A 569 -3.37 28.51 39.43
C ALA A 569 -3.00 28.72 40.90
N ASN A 570 -2.17 27.81 41.42
CA ASN A 570 -1.68 27.86 42.80
C ASN A 570 -0.17 27.94 42.83
N ASN A 571 0.36 28.73 43.76
CA ASN A 571 1.82 28.88 43.87
C ASN A 571 2.38 28.09 45.04
N TYR A 572 3.57 27.54 44.87
CA TYR A 572 4.21 26.79 45.93
C TYR A 572 5.22 27.66 46.67
N PRO A 573 5.24 27.58 48.02
CA PRO A 573 4.38 26.72 48.83
C PRO A 573 3.16 27.40 49.45
N HIS A 574 3.00 28.71 49.25
CA HIS A 574 1.93 29.44 49.93
C HIS A 574 0.57 28.77 49.76
N ASP A 575 0.26 28.30 48.56
CA ASP A 575 -1.05 27.75 48.28
C ASP A 575 -1.19 26.27 48.58
N PHE A 576 -0.10 25.65 49.02
CA PHE A 576 -0.10 24.22 49.29
C PHE A 576 -0.21 23.90 50.77
N VAL A 577 -0.99 22.87 51.07
CA VAL A 577 -1.17 22.40 52.44
C VAL A 577 -0.75 20.96 52.52
N ASP A 578 -0.70 20.45 53.74
CA ASP A 578 -0.42 19.05 53.97
C ASP A 578 -1.69 18.21 53.65
N CYS A 579 -1.50 17.05 53.05
CA CYS A 579 -2.61 16.15 52.69
C CYS A 579 -3.54 15.89 53.88
N SER A 580 -2.97 15.92 55.08
CA SER A 580 -3.71 15.68 56.32
C SER A 580 -4.78 16.73 56.58
N ALA A 581 -4.72 17.84 55.84
CA ALA A 581 -5.72 18.89 55.95
C ALA A 581 -6.84 18.77 54.92
N VAL A 582 -6.80 17.68 54.14
CA VAL A 582 -7.76 17.47 53.05
C VAL A 582 -8.80 16.42 53.38
N ASP A 583 -10.06 16.82 53.28
CA ASP A 583 -11.19 15.95 53.51
C ASP A 583 -11.05 14.59 52.80
N LYS A 584 -11.14 13.52 53.58
CA LYS A 584 -11.12 12.15 53.07
C LYS A 584 -12.51 11.64 52.65
N LEU A 585 -12.54 10.54 51.89
CA LEU A 585 -13.81 9.91 51.53
C LEU A 585 -14.19 8.86 52.58
N ASP A 586 -15.19 9.14 53.39
CA ASP A 586 -15.67 8.18 54.39
C ASP A 586 -16.50 7.03 53.78
N LEU A 587 -15.94 5.83 53.75
CA LEU A 587 -16.68 4.70 53.18
C LEU A 587 -17.49 3.87 54.19
N SER A 588 -17.62 4.35 55.42
CA SER A 588 -18.45 3.66 56.42
C SER A 588 -19.88 3.42 55.92
N PRO A 589 -20.51 4.43 55.25
CA PRO A 589 -21.88 4.26 54.76
C PRO A 589 -22.05 3.11 53.79
N TRP A 590 -20.95 2.47 53.40
CA TRP A 590 -20.99 1.35 52.45
C TRP A 590 -21.00 -0.01 53.14
N ALA A 591 -21.01 0.00 54.48
CA ALA A 591 -21.00 -1.24 55.26
C ALA A 591 -22.36 -1.90 55.24
N SER A 592 -22.36 -3.21 55.01
CA SER A 592 -23.60 -3.96 55.01
C SER A 592 -23.74 -4.81 56.26
N ARG A 593 -24.58 -4.34 57.19
CA ARG A 593 -24.83 -4.97 58.49
C ARG A 593 -25.91 -6.09 58.38
N GLU A 594 -25.54 -7.30 58.82
CA GLU A 594 -26.35 -8.54 58.62
C GLU A 594 -27.56 -8.78 59.56
N ASN A 595 -28.31 -9.84 59.22
CA ASN A 595 -29.36 -10.44 60.05
C ASN A 595 -30.47 -9.50 60.55
N SER B 1 -21.02 -9.53 -20.07
CA SER B 1 -19.62 -9.09 -19.82
C SER B 1 -19.52 -7.70 -19.16
N TRP B 2 -18.32 -7.13 -19.13
CA TRP B 2 -18.15 -5.80 -18.56
C TRP B 2 -17.09 -4.93 -19.21
N GLU B 3 -17.42 -3.64 -19.34
CA GLU B 3 -16.59 -2.62 -19.96
C GLU B 3 -15.80 -3.16 -21.16
N VAL B 4 -16.47 -3.23 -22.30
CA VAL B 4 -15.84 -3.70 -23.53
C VAL B 4 -14.78 -2.70 -24.03
N GLY B 5 -14.45 -1.73 -23.17
CA GLY B 5 -13.45 -0.69 -23.45
C GLY B 5 -12.75 0.01 -22.29
N CYS B 6 -12.11 -0.76 -21.40
CA CYS B 6 -11.18 -0.21 -20.38
C CYS B 6 -9.83 0.10 -21.04
N GLY B 7 -8.92 0.74 -20.31
CA GLY B 7 -7.56 1.00 -20.84
C GLY B 7 -6.87 2.28 -20.40
N ALA B 8 -5.54 2.22 -20.29
CA ALA B 8 -4.72 3.35 -19.85
C ALA B 8 -3.39 3.38 -20.68
N PRO B 9 -2.47 4.36 -20.45
CA PRO B 9 -1.41 4.86 -21.34
C PRO B 9 -1.58 4.61 -22.84
N VAL B 10 -2.69 3.98 -23.23
CA VAL B 10 -3.02 3.71 -24.60
C VAL B 10 -2.96 5.05 -25.32
N PRO B 11 -1.99 5.17 -26.23
CA PRO B 11 -1.71 6.51 -26.70
C PRO B 11 -2.43 7.08 -27.90
N LEU B 12 -1.75 8.10 -28.36
CA LEU B 12 -2.07 8.99 -29.45
C LEU B 12 -3.10 8.52 -30.46
N VAL B 13 -2.71 7.74 -31.45
CA VAL B 13 -3.51 7.92 -32.63
C VAL B 13 -3.80 6.89 -33.69
N THR B 14 -4.58 7.46 -34.58
CA THR B 14 -5.38 6.89 -35.61
C THR B 14 -4.67 6.87 -36.93
N CYS B 15 -5.19 5.95 -37.70
CA CYS B 15 -4.73 5.45 -38.96
C CYS B 15 -4.57 6.40 -40.12
N ASP B 16 -3.35 6.39 -40.66
CA ASP B 16 -3.03 7.07 -41.93
C ASP B 16 -3.72 6.35 -43.08
N GLU B 17 -4.57 5.40 -42.70
CA GLU B 17 -5.47 4.61 -43.56
C GLU B 17 -4.92 3.99 -44.87
N GLN B 18 -3.82 4.53 -45.37
CA GLN B 18 -3.32 4.13 -46.66
C GLN B 18 -1.81 3.96 -46.62
N SER B 19 -1.21 4.19 -45.44
CA SER B 19 0.24 4.06 -45.27
C SER B 19 0.73 2.65 -45.65
N PRO B 20 1.89 2.56 -46.31
CA PRO B 20 2.51 1.25 -46.62
C PRO B 20 3.31 0.64 -45.45
N TYR B 21 3.36 1.38 -44.33
CA TYR B 21 4.19 1.05 -43.18
C TYR B 21 3.39 0.79 -41.94
N ARG B 22 3.88 -0.12 -41.11
CA ARG B 22 3.28 -0.41 -39.80
C ARG B 22 3.44 0.80 -38.88
N THR B 23 2.51 0.96 -37.94
CA THR B 23 2.69 1.92 -36.85
C THR B 23 3.72 1.33 -35.89
N ILE B 24 4.32 2.17 -35.05
CA ILE B 24 5.23 1.69 -34.02
C ILE B 24 4.46 0.94 -32.92
N THR B 25 3.25 1.40 -32.63
CA THR B 25 2.44 0.88 -31.53
C THR B 25 1.67 -0.33 -31.98
N GLY B 26 1.58 -0.49 -33.29
CA GLY B 26 0.95 -1.67 -33.84
C GLY B 26 -0.49 -1.39 -34.19
N ASP B 27 -1.01 -0.25 -33.73
CA ASP B 27 -2.34 0.20 -34.10
C ASP B 27 -2.58 0.23 -35.61
N CYS B 28 -3.83 0.17 -36.02
CA CYS B 28 -4.27 0.33 -37.42
C CYS B 28 -3.92 -0.84 -38.34
N ASN B 29 -3.36 -1.92 -37.78
CA ASN B 29 -3.08 -3.09 -38.59
C ASN B 29 -4.42 -3.66 -39.06
N ASN B 30 -5.34 -3.81 -38.11
CA ASN B 30 -6.68 -4.28 -38.37
C ASN B 30 -7.57 -3.08 -38.60
N ARG B 31 -8.26 -3.05 -39.74
CA ARG B 31 -9.07 -1.90 -40.19
C ARG B 31 -10.43 -1.70 -39.50
N ARG B 32 -11.14 -2.79 -39.25
CA ARG B 32 -12.43 -2.72 -38.55
C ARG B 32 -12.22 -2.53 -37.05
N SER B 33 -11.15 -3.13 -36.52
CA SER B 33 -10.84 -2.98 -35.11
C SER B 33 -9.36 -2.61 -34.93
N PRO B 34 -9.04 -1.30 -35.01
CA PRO B 34 -7.67 -0.76 -35.07
C PRO B 34 -6.70 -1.15 -33.96
N ALA B 35 -7.16 -1.17 -32.72
CA ALA B 35 -6.30 -1.45 -31.57
C ALA B 35 -5.86 -2.91 -31.48
N LEU B 36 -6.56 -3.77 -32.22
CA LEU B 36 -6.34 -5.19 -32.14
C LEU B 36 -4.90 -5.53 -32.45
N GLY B 37 -4.18 -5.98 -31.43
CA GLY B 37 -2.80 -6.41 -31.58
C GLY B 37 -1.78 -5.38 -31.10
N ALA B 38 -2.25 -4.14 -30.90
CA ALA B 38 -1.41 -3.05 -30.38
C ALA B 38 -0.76 -3.31 -29.00
N ALA B 39 0.26 -2.51 -28.67
CA ALA B 39 0.98 -2.62 -27.41
C ALA B 39 0.23 -1.97 -26.29
N ASN B 40 0.52 -2.39 -25.05
CA ASN B 40 -0.06 -1.80 -23.85
C ASN B 40 -1.52 -2.12 -23.63
N ARG B 41 -1.95 -3.28 -24.12
CA ARG B 41 -3.33 -3.77 -23.91
C ARG B 41 -3.29 -5.13 -23.22
N ALA B 42 -4.44 -5.58 -22.72
CA ALA B 42 -4.48 -6.85 -22.02
C ALA B 42 -4.11 -7.98 -22.94
N LEU B 43 -3.42 -8.97 -22.41
CA LEU B 43 -3.19 -10.22 -23.12
C LEU B 43 -4.54 -10.88 -23.33
N ALA B 44 -4.71 -11.61 -24.43
CA ALA B 44 -5.96 -12.29 -24.73
C ALA B 44 -6.17 -13.44 -23.76
N ARG B 45 -7.43 -13.79 -23.52
CA ARG B 45 -7.75 -14.96 -22.69
C ARG B 45 -8.48 -15.99 -23.54
N TRP B 46 -7.90 -17.15 -23.73
CA TRP B 46 -8.59 -18.17 -24.49
C TRP B 46 -9.56 -18.94 -23.60
N LEU B 47 -9.33 -18.88 -22.29
CA LEU B 47 -10.14 -19.54 -21.28
C LEU B 47 -10.26 -18.59 -20.09
N PRO B 48 -11.37 -18.63 -19.35
CA PRO B 48 -11.59 -17.77 -18.19
C PRO B 48 -10.51 -17.90 -17.12
N ALA B 49 -10.18 -16.76 -16.51
CA ALA B 49 -9.18 -16.67 -15.45
C ALA B 49 -9.51 -17.58 -14.29
N GLU B 50 -8.48 -17.99 -13.58
CA GLU B 50 -8.70 -18.82 -12.43
C GLU B 50 -7.93 -18.25 -11.25
N TYR B 51 -8.63 -17.47 -10.43
CA TYR B 51 -8.03 -16.88 -9.25
C TYR B 51 -8.74 -17.48 -8.06
N GLU B 52 -8.18 -17.23 -6.87
CA GLU B 52 -8.66 -17.75 -5.60
C GLU B 52 -10.01 -17.14 -5.20
N ASP B 53 -10.21 -15.88 -5.54
CA ASP B 53 -11.45 -15.19 -5.21
C ASP B 53 -12.21 -14.90 -6.48
N GLY B 54 -12.02 -15.75 -7.50
CA GLY B 54 -12.63 -15.55 -8.80
C GLY B 54 -12.24 -14.27 -9.52
N LEU B 55 -11.50 -13.38 -8.86
CA LEU B 55 -11.23 -12.04 -9.43
C LEU B 55 -9.77 -11.62 -9.64
N ALA B 56 -8.92 -11.74 -8.62
CA ALA B 56 -7.55 -11.26 -8.76
C ALA B 56 -6.55 -11.86 -7.77
N VAL B 57 -7.04 -12.67 -6.84
CA VAL B 57 -6.18 -13.23 -5.80
C VAL B 57 -5.62 -14.57 -6.29
N PRO B 58 -4.30 -14.63 -6.54
CA PRO B 58 -3.71 -15.87 -7.06
C PRO B 58 -3.83 -17.04 -6.09
N PHE B 59 -3.92 -18.26 -6.63
CA PHE B 59 -3.93 -19.47 -5.81
C PHE B 59 -2.64 -19.63 -5.01
N GLY B 60 -2.74 -19.78 -3.70
CA GLY B 60 -1.53 -19.85 -2.86
C GLY B 60 -1.35 -18.61 -2.01
N TRP B 61 -2.13 -17.58 -2.31
CA TRP B 61 -2.13 -16.33 -1.56
C TRP B 61 -2.62 -16.59 -0.14
N THR B 62 -3.91 -16.86 -0.01
CA THR B 62 -4.54 -17.19 1.27
C THR B 62 -4.37 -18.70 1.53
N GLN B 63 -3.87 -19.07 2.71
CA GLN B 63 -3.57 -20.48 2.97
C GLN B 63 -4.59 -21.39 3.69
N ARG B 64 -5.79 -20.91 4.02
CA ARG B 64 -6.83 -21.88 4.38
C ARG B 64 -7.57 -22.33 3.13
N LYS B 65 -7.44 -21.55 2.06
CA LYS B 65 -8.14 -21.82 0.82
C LYS B 65 -7.41 -22.79 -0.08
N THR B 66 -8.11 -23.81 -0.57
CA THR B 66 -7.48 -24.81 -1.42
C THR B 66 -7.79 -24.59 -2.90
N ARG B 67 -7.13 -25.35 -3.77
CA ARG B 67 -7.53 -25.41 -5.17
C ARG B 67 -7.99 -26.84 -5.45
N ASN B 68 -9.28 -26.95 -5.79
CA ASN B 68 -9.94 -28.23 -5.96
C ASN B 68 -9.86 -29.17 -4.74
N GLY B 69 -9.73 -28.55 -3.56
CA GLY B 69 -9.74 -29.27 -2.32
C GLY B 69 -8.38 -29.46 -1.71
N PHE B 70 -7.33 -29.09 -2.44
CA PHE B 70 -5.95 -29.27 -1.94
C PHE B 70 -5.13 -27.99 -1.92
N ARG B 71 -4.16 -27.94 -1.01
CA ARG B 71 -3.21 -26.83 -0.96
C ARG B 71 -2.21 -26.94 -2.11
N VAL B 72 -2.03 -25.83 -2.84
CA VAL B 72 -1.05 -25.75 -3.90
C VAL B 72 0.35 -25.82 -3.30
N PRO B 73 1.28 -26.55 -3.95
CA PRO B 73 2.61 -26.64 -3.37
C PRO B 73 3.40 -25.36 -3.59
N LEU B 74 4.43 -25.18 -2.75
CA LEU B 74 5.30 -24.03 -2.86
C LEU B 74 6.08 -24.06 -4.17
N ALA B 75 6.04 -22.95 -4.91
CA ALA B 75 6.74 -22.82 -6.20
C ALA B 75 8.18 -23.31 -6.12
N ARG B 76 8.89 -22.87 -5.07
CA ARG B 76 10.27 -23.26 -4.84
C ARG B 76 10.40 -24.75 -4.51
N GLU B 77 9.37 -25.32 -3.87
CA GLU B 77 9.46 -26.75 -3.57
C GLU B 77 9.36 -27.55 -4.83
N VAL B 78 8.54 -27.10 -5.77
CA VAL B 78 8.37 -27.82 -7.02
C VAL B 78 9.70 -27.72 -7.73
N SER B 79 10.35 -26.57 -7.60
CA SER B 79 11.67 -26.36 -8.19
C SER B 79 12.67 -27.32 -7.57
N ASN B 80 12.72 -27.41 -6.25
CA ASN B 80 13.64 -28.31 -5.56
C ASN B 80 13.45 -29.80 -5.84
N LYS B 81 12.22 -30.21 -6.10
CA LYS B 81 11.97 -31.63 -6.19
C LYS B 81 11.94 -32.13 -7.62
N ILE B 82 11.42 -31.33 -8.54
CA ILE B 82 11.25 -31.80 -9.90
C ILE B 82 12.19 -31.16 -10.91
N VAL B 83 12.32 -29.84 -10.85
CA VAL B 83 13.06 -29.06 -11.85
C VAL B 83 14.62 -29.10 -11.78
N GLY B 84 15.19 -29.49 -10.65
CA GLY B 84 16.65 -29.43 -10.46
C GLY B 84 17.50 -30.64 -10.87
N TYR B 85 18.80 -30.40 -10.97
CA TYR B 85 19.77 -31.46 -11.19
C TYR B 85 21.16 -30.94 -11.00
N LEU B 86 22.09 -31.85 -10.77
CA LEU B 86 23.48 -31.47 -10.45
C LEU B 86 24.46 -31.75 -11.57
N ASP B 87 24.30 -32.91 -12.20
CA ASP B 87 25.23 -33.40 -13.20
C ASP B 87 24.89 -32.78 -14.54
N GLU B 88 25.83 -32.05 -15.11
CA GLU B 88 25.58 -31.33 -16.33
C GLU B 88 26.00 -32.19 -17.51
N GLU B 89 26.83 -33.19 -17.26
CA GLU B 89 27.34 -34.06 -18.30
C GLU B 89 26.22 -34.67 -19.14
N GLY B 90 26.48 -34.77 -20.44
CA GLY B 90 25.57 -35.40 -21.38
C GLY B 90 24.21 -34.80 -21.50
N VAL B 91 24.09 -33.51 -21.17
CA VAL B 91 22.81 -32.79 -21.19
C VAL B 91 22.55 -32.02 -22.48
N LEU B 92 23.60 -31.83 -23.29
CA LEU B 92 23.53 -31.04 -24.52
C LEU B 92 22.66 -31.63 -25.66
N ASP B 93 22.01 -30.75 -26.41
CA ASP B 93 21.22 -31.18 -27.55
C ASP B 93 22.17 -31.55 -28.67
N GLN B 94 22.15 -32.82 -29.06
CA GLN B 94 23.05 -33.33 -30.10
C GLN B 94 22.91 -32.71 -31.50
N ASN B 95 21.73 -32.18 -31.83
CA ASN B 95 21.51 -31.61 -33.14
C ASN B 95 20.78 -30.24 -33.13
N ARG B 96 21.11 -29.40 -32.18
CA ARG B 96 20.63 -28.02 -32.14
C ARG B 96 21.76 -27.12 -31.66
N SER B 97 21.98 -26.03 -32.37
CA SER B 97 23.02 -25.09 -32.01
C SER B 97 22.49 -24.19 -30.90
N LEU B 98 23.41 -23.54 -30.17
CA LEU B 98 23.05 -22.66 -29.09
C LEU B 98 22.16 -21.59 -29.68
N LEU B 99 22.41 -21.24 -30.94
CA LEU B 99 21.60 -20.28 -31.67
C LEU B 99 20.09 -20.63 -31.77
N PHE B 100 19.77 -21.92 -31.71
CA PHE B 100 18.39 -22.35 -31.71
C PHE B 100 17.69 -21.89 -30.46
N MET B 101 18.41 -21.90 -29.32
CA MET B 101 17.90 -21.38 -28.06
C MET B 101 17.74 -19.87 -28.16
N GLN B 102 18.80 -19.23 -28.62
CA GLN B 102 18.88 -17.79 -28.63
C GLN B 102 17.82 -17.12 -29.47
N TRP B 103 17.48 -17.73 -30.60
CA TRP B 103 16.47 -17.16 -31.50
C TRP B 103 15.12 -17.16 -30.81
N GLY B 104 14.86 -18.22 -30.06
CA GLY B 104 13.64 -18.30 -29.29
C GLY B 104 13.46 -17.05 -28.46
N GLN B 105 14.51 -16.66 -27.74
CA GLN B 105 14.43 -15.49 -26.85
C GLN B 105 14.25 -14.18 -27.62
N ILE B 106 14.70 -14.15 -28.87
CA ILE B 106 14.42 -13.01 -29.75
C ILE B 106 12.94 -12.94 -30.14
N VAL B 107 12.43 -13.99 -30.81
CA VAL B 107 11.00 -14.05 -31.22
C VAL B 107 10.15 -13.71 -30.03
N ASP B 108 10.33 -14.47 -28.95
CA ASP B 108 9.61 -14.25 -27.69
C ASP B 108 9.54 -12.79 -27.24
N HIS B 109 10.68 -12.12 -27.26
CA HIS B 109 10.77 -10.74 -26.85
C HIS B 109 10.18 -9.82 -27.89
N ASP B 110 10.10 -10.31 -29.11
CA ASP B 110 9.38 -9.51 -30.10
C ASP B 110 7.88 -9.53 -29.85
N LEU B 111 7.39 -10.59 -29.22
CA LEU B 111 5.96 -10.81 -29.08
C LEU B 111 5.35 -10.39 -27.73
N ASP B 112 5.98 -10.71 -26.61
CA ASP B 112 5.31 -10.38 -25.34
C ASP B 112 6.13 -9.82 -24.15
N PHE B 113 5.48 -8.97 -23.36
CA PHE B 113 6.13 -8.45 -22.17
C PHE B 113 5.09 -7.96 -21.17
N ALA B 114 4.98 -8.68 -20.07
CA ALA B 114 4.09 -8.33 -19.01
C ALA B 114 4.99 -7.75 -17.92
N PRO B 115 5.05 -6.42 -17.78
CA PRO B 115 5.95 -5.79 -16.83
C PRO B 115 5.40 -5.81 -15.42
N GLU B 116 6.29 -5.99 -14.44
CA GLU B 116 5.93 -6.01 -13.03
C GLU B 116 5.32 -4.69 -12.61
N THR B 117 4.51 -4.74 -11.55
CA THR B 117 3.91 -3.55 -10.97
C THR B 117 5.01 -2.70 -10.39
N GLU B 118 4.90 -1.39 -10.61
CA GLU B 118 5.90 -0.47 -10.11
C GLU B 118 5.39 0.22 -8.85
N LEU B 119 4.90 1.46 -9.00
CA LEU B 119 4.51 2.26 -7.86
C LEU B 119 5.65 2.08 -6.87
N GLY B 120 6.86 2.41 -7.32
CA GLY B 120 8.06 2.21 -6.52
C GLY B 120 9.24 3.10 -6.87
N SER B 121 9.03 4.42 -6.78
CA SER B 121 10.12 5.40 -6.89
C SER B 121 10.26 6.12 -5.55
N SER B 122 11.31 5.76 -4.81
CA SER B 122 11.51 6.18 -3.41
C SER B 122 10.41 5.51 -2.57
N GLU B 123 10.33 4.19 -2.70
CA GLU B 123 9.32 3.37 -2.04
C GLU B 123 9.94 2.49 -0.96
N HIS B 124 9.20 2.26 0.11
CA HIS B 124 9.61 1.34 1.15
C HIS B 124 8.88 0.00 1.04
N SER B 125 8.02 -0.13 0.03
CA SER B 125 7.29 -1.38 -0.23
C SER B 125 8.24 -2.38 -0.87
N LYS B 126 9.20 -1.86 -1.63
CA LYS B 126 10.19 -2.67 -2.29
C LYS B 126 11.08 -3.33 -1.24
N VAL B 127 11.03 -2.78 -0.04
CA VAL B 127 11.85 -3.25 1.08
C VAL B 127 11.08 -4.16 2.02
N GLN B 128 9.80 -3.83 2.23
CA GLN B 128 8.91 -4.62 3.09
C GLN B 128 8.77 -6.00 2.46
N CYS B 129 8.94 -6.04 1.14
CA CYS B 129 8.89 -7.27 0.38
C CYS B 129 10.27 -7.94 0.45
N GLU B 130 11.31 -7.16 0.14
CA GLU B 130 12.69 -7.62 0.21
C GLU B 130 13.04 -8.22 1.58
N GLU B 131 13.09 -7.38 2.62
CA GLU B 131 13.68 -7.78 3.92
C GLU B 131 12.74 -8.45 4.92
N TYR B 132 11.44 -8.39 4.71
CA TYR B 132 10.51 -8.93 5.72
C TYR B 132 9.53 -9.94 5.16
N CYS B 133 9.59 -10.18 3.85
CA CYS B 133 8.71 -11.14 3.19
C CYS B 133 7.28 -11.01 3.69
N VAL B 134 6.77 -9.78 3.69
CA VAL B 134 5.43 -9.53 4.15
C VAL B 134 4.55 -9.52 2.92
N GLN B 135 3.90 -10.64 2.63
CA GLN B 135 2.88 -10.67 1.57
C GLN B 135 1.89 -9.51 1.77
N GLY B 136 1.50 -8.82 0.71
CA GLY B 136 0.72 -7.60 0.90
C GLY B 136 -0.23 -7.24 -0.22
N ASP B 137 0.19 -6.30 -1.04
CA ASP B 137 -0.65 -5.91 -2.15
C ASP B 137 -0.10 -6.50 -3.42
N GLU B 138 0.96 -5.86 -3.90
CA GLU B 138 1.66 -6.27 -5.10
C GLU B 138 2.83 -7.19 -4.75
N CYS B 139 3.10 -7.34 -3.46
CA CYS B 139 4.16 -8.23 -3.00
C CYS B 139 3.63 -9.65 -2.69
N PHE B 140 4.04 -10.61 -3.52
CA PHE B 140 3.61 -12.00 -3.42
C PHE B 140 4.88 -12.88 -3.33
N PRO B 141 5.49 -12.94 -2.14
CA PRO B 141 6.70 -13.68 -1.81
C PRO B 141 6.77 -15.15 -2.24
N ILE B 142 7.97 -15.59 -2.60
CA ILE B 142 8.28 -17.00 -2.84
C ILE B 142 8.99 -17.48 -1.60
N MET B 143 8.26 -18.20 -0.75
CA MET B 143 8.78 -18.72 0.51
C MET B 143 9.63 -19.95 0.25
N PHE B 144 10.80 -20.01 0.89
CA PHE B 144 11.60 -21.23 0.87
C PHE B 144 10.93 -22.29 1.76
N PRO B 145 10.91 -23.56 1.31
CA PRO B 145 10.36 -24.62 2.14
C PRO B 145 11.39 -25.07 3.19
N LYS B 146 11.06 -26.08 3.99
CA LYS B 146 11.99 -26.59 5.01
C LYS B 146 13.10 -27.39 4.35
N ASN B 147 14.31 -27.21 4.89
CA ASN B 147 15.53 -27.88 4.40
C ASN B 147 16.15 -27.29 3.11
N ASP B 148 15.68 -26.11 2.71
CA ASP B 148 16.24 -25.41 1.55
C ASP B 148 17.52 -24.70 1.98
N PRO B 149 18.62 -24.96 1.28
CA PRO B 149 19.90 -24.35 1.67
C PRO B 149 19.88 -22.84 1.57
N LYS B 150 18.92 -22.27 0.83
CA LYS B 150 18.86 -20.83 0.68
C LYS B 150 18.43 -20.17 1.98
N LEU B 151 17.76 -20.94 2.82
CA LEU B 151 17.36 -20.46 4.14
C LEU B 151 18.59 -20.04 4.90
N LYS B 152 19.51 -20.99 5.03
CA LYS B 152 20.71 -20.83 5.79
C LYS B 152 21.53 -19.66 5.30
N THR B 153 21.33 -19.26 4.04
CA THR B 153 22.25 -18.30 3.49
C THR B 153 21.71 -17.00 2.85
N GLN B 154 20.42 -16.93 2.55
CA GLN B 154 19.85 -15.79 1.82
C GLN B 154 18.80 -15.06 2.63
N GLY B 155 17.76 -15.78 3.04
CA GLY B 155 16.69 -15.20 3.83
C GLY B 155 15.59 -16.21 4.07
N LYS B 156 14.37 -15.71 4.23
CA LYS B 156 13.17 -16.57 4.37
C LYS B 156 12.37 -16.73 3.06
N CYS B 157 12.68 -15.87 2.10
CA CYS B 157 11.97 -15.87 0.84
C CYS B 157 12.74 -15.14 -0.26
N MET B 158 12.18 -15.21 -1.46
CA MET B 158 12.65 -14.42 -2.58
C MET B 158 11.56 -13.42 -2.89
N PRO B 159 11.91 -12.12 -3.01
CA PRO B 159 10.89 -11.13 -3.32
C PRO B 159 10.29 -11.42 -4.70
N PHE B 160 9.01 -11.09 -4.86
CA PHE B 160 8.33 -11.32 -6.12
C PHE B 160 7.20 -10.31 -6.22
N PHE B 161 7.20 -9.53 -7.28
CA PHE B 161 6.15 -8.55 -7.45
C PHE B 161 5.19 -8.95 -8.57
N ARG B 162 3.89 -8.86 -8.31
CA ARG B 162 2.83 -9.26 -9.24
C ARG B 162 2.79 -8.40 -10.49
N ALA B 163 2.43 -8.99 -11.62
CA ALA B 163 2.42 -8.29 -12.93
C ALA B 163 1.38 -7.18 -13.04
N GLY B 164 1.65 -6.18 -13.86
CA GLY B 164 0.72 -5.08 -14.07
C GLY B 164 -0.57 -5.55 -14.73
N PHE B 165 -1.65 -4.80 -14.54
CA PHE B 165 -2.98 -5.15 -15.07
C PHE B 165 -3.63 -3.92 -15.64
N VAL B 166 -4.80 -4.09 -16.28
CA VAL B 166 -5.32 -3.09 -17.22
C VAL B 166 -5.90 -1.79 -16.73
N CYS B 167 -7.14 -1.77 -16.23
CA CYS B 167 -7.78 -0.47 -16.08
C CYS B 167 -6.79 0.50 -15.40
N PRO B 168 -6.42 0.26 -14.15
CA PRO B 168 -5.33 1.05 -13.61
C PRO B 168 -4.05 0.23 -13.40
N THR B 169 -3.46 0.39 -12.21
CA THR B 169 -2.23 -0.27 -11.78
C THR B 169 -2.25 -0.19 -10.24
N PRO B 170 -2.79 0.94 -9.70
CA PRO B 170 -3.17 0.98 -8.29
C PRO B 170 -4.27 -0.08 -8.00
N PRO B 171 -4.59 -0.31 -6.72
CA PRO B 171 -5.53 -1.36 -6.26
C PRO B 171 -6.51 -1.92 -7.31
N TYR B 172 -7.55 -1.14 -7.64
CA TYR B 172 -8.67 -1.61 -8.47
C TYR B 172 -9.58 -2.62 -7.72
N GLN B 173 -10.72 -2.98 -8.34
CA GLN B 173 -11.65 -3.95 -7.73
C GLN B 173 -12.60 -4.73 -8.65
N SER B 174 -13.32 -4.02 -9.51
CA SER B 174 -14.47 -4.58 -10.29
C SER B 174 -14.41 -5.99 -10.96
N LEU B 175 -13.87 -6.11 -12.17
CA LEU B 175 -13.88 -7.38 -12.96
C LEU B 175 -12.60 -8.25 -12.76
N ALA B 176 -12.34 -9.21 -13.66
CA ALA B 176 -11.18 -10.13 -13.56
C ALA B 176 -9.86 -9.60 -14.14
N ARG B 177 -8.81 -9.74 -13.35
CA ARG B 177 -7.49 -9.16 -13.58
C ARG B 177 -6.90 -9.62 -14.92
N ASP B 178 -6.66 -8.68 -15.82
CA ASP B 178 -6.03 -9.05 -17.08
C ASP B 178 -4.67 -8.37 -17.13
N GLN B 179 -3.61 -9.15 -17.35
CA GLN B 179 -2.28 -8.56 -17.41
C GLN B 179 -2.02 -7.88 -18.76
N ILE B 180 -1.08 -6.95 -18.76
CA ILE B 180 -0.79 -6.14 -19.94
C ILE B 180 0.34 -6.73 -20.78
N ASN B 181 0.28 -6.49 -22.09
CA ASN B 181 1.39 -6.72 -22.99
C ASN B 181 1.93 -5.37 -23.43
N ALA B 182 3.13 -5.04 -23.01
CA ALA B 182 3.75 -3.76 -23.32
C ALA B 182 4.37 -3.73 -24.71
N VAL B 183 4.23 -4.82 -25.46
CA VAL B 183 4.77 -4.84 -26.81
C VAL B 183 3.72 -5.30 -27.86
N THR B 184 4.01 -5.05 -29.13
CA THR B 184 3.04 -5.30 -30.19
C THR B 184 2.96 -6.78 -30.46
N SER B 185 1.76 -7.30 -30.70
CA SER B 185 1.63 -8.72 -30.90
C SER B 185 2.20 -9.24 -32.20
N PHE B 186 2.32 -8.39 -33.21
CA PHE B 186 2.85 -8.81 -34.51
C PHE B 186 4.36 -9.03 -34.53
N LEU B 187 4.82 -10.10 -35.17
CA LEU B 187 6.26 -10.36 -35.38
C LEU B 187 6.80 -9.24 -36.27
N ASP B 188 7.14 -8.11 -35.66
CA ASP B 188 7.42 -6.92 -36.43
C ASP B 188 8.70 -6.19 -36.05
N ALA B 189 9.67 -6.91 -35.50
CA ALA B 189 10.95 -6.29 -35.11
C ALA B 189 10.80 -5.16 -34.11
N SER B 190 9.77 -5.22 -33.27
CA SER B 190 9.54 -4.15 -32.31
C SER B 190 10.58 -4.16 -31.19
N LEU B 191 11.34 -5.26 -31.11
CA LEU B 191 12.37 -5.37 -30.09
C LEU B 191 13.57 -4.53 -30.53
N VAL B 192 13.60 -4.21 -31.81
CA VAL B 192 14.67 -3.41 -32.36
C VAL B 192 14.21 -1.98 -32.40
N TYR B 193 13.04 -1.74 -32.97
CA TYR B 193 12.57 -0.37 -33.15
C TYR B 193 11.80 0.31 -32.02
N GLY B 194 11.24 -0.45 -31.08
CA GLY B 194 10.43 0.11 -29.99
C GLY B 194 8.95 -0.13 -30.19
N SER B 195 8.19 -0.15 -29.10
CA SER B 195 6.72 -0.29 -29.17
C SER B 195 6.01 1.00 -28.81
N GLU B 196 6.76 1.98 -28.32
CA GLU B 196 6.21 3.31 -28.06
C GLU B 196 6.81 4.34 -29.01
N PRO B 197 6.03 5.39 -29.35
CA PRO B 197 6.42 6.46 -30.26
C PRO B 197 7.64 7.21 -29.77
N SER B 198 7.54 7.71 -28.53
CA SER B 198 8.67 8.31 -27.79
C SER B 198 9.98 7.53 -27.93
N LEU B 199 10.02 6.34 -27.33
CA LEU B 199 11.23 5.53 -27.37
C LEU B 199 11.74 5.29 -28.79
N ALA B 200 10.85 5.01 -29.75
CA ALA B 200 11.32 4.67 -31.10
C ALA B 200 12.07 5.82 -31.70
N SER B 201 11.74 7.03 -31.23
CA SER B 201 12.36 8.28 -31.67
C SER B 201 13.79 8.37 -31.15
N ARG B 202 13.93 8.35 -29.83
CA ARG B 202 15.22 8.34 -29.15
C ARG B 202 16.22 7.32 -29.76
N LEU B 203 15.71 6.20 -30.24
CA LEU B 203 16.56 5.14 -30.79
C LEU B 203 17.11 5.48 -32.17
N ARG B 204 16.50 6.47 -32.82
CA ARG B 204 16.89 6.87 -34.17
C ARG B 204 17.90 8.01 -34.15
N ASN B 205 18.76 8.04 -35.18
CA ASN B 205 19.76 9.09 -35.37
C ASN B 205 19.15 10.12 -36.31
N LEU B 206 18.48 11.11 -35.74
CA LEU B 206 17.77 12.13 -36.53
C LEU B 206 18.66 13.32 -36.92
N SER B 207 19.95 13.27 -36.56
CA SER B 207 20.90 14.31 -36.93
C SER B 207 21.29 14.21 -38.40
N SER B 208 21.31 12.99 -38.93
CA SER B 208 21.64 12.79 -40.33
C SER B 208 20.42 12.24 -41.04
N PRO B 209 20.17 12.70 -42.28
CA PRO B 209 19.01 12.24 -43.03
C PRO B 209 19.24 10.90 -43.72
N LEU B 210 19.84 9.97 -42.99
CA LEU B 210 20.25 8.71 -43.57
C LEU B 210 19.44 7.49 -43.14
N GLY B 211 18.39 7.74 -42.35
CA GLY B 211 17.53 6.67 -41.82
C GLY B 211 18.25 5.74 -40.87
N LEU B 212 19.31 6.21 -40.22
CA LEU B 212 20.11 5.35 -39.37
C LEU B 212 19.57 5.24 -37.97
N MET B 213 19.93 4.16 -37.29
CA MET B 213 19.63 4.01 -35.87
C MET B 213 20.82 4.50 -35.07
N ALA B 214 20.56 5.18 -33.97
CA ALA B 214 21.62 5.70 -33.13
C ALA B 214 22.57 4.59 -32.73
N VAL B 215 23.86 4.85 -32.87
CA VAL B 215 24.90 3.93 -32.41
C VAL B 215 25.76 4.56 -31.30
N ASN B 216 26.45 3.70 -30.56
CA ASN B 216 27.35 4.11 -29.48
C ASN B 216 28.53 4.96 -29.96
N GLN B 217 28.79 6.05 -29.23
CA GLN B 217 29.84 6.99 -29.57
C GLN B 217 31.10 6.82 -28.69
N GLU B 218 31.01 5.92 -27.70
CA GLU B 218 32.12 5.66 -26.76
C GLU B 218 32.89 4.35 -27.00
N ALA B 219 32.31 3.43 -27.74
CA ALA B 219 32.98 2.17 -28.01
C ALA B 219 32.62 1.63 -29.37
N TRP B 220 33.60 1.01 -30.02
CA TRP B 220 33.47 0.46 -31.37
C TRP B 220 34.06 -0.93 -31.39
N ASP B 221 33.42 -1.82 -32.15
CA ASP B 221 33.89 -3.19 -32.26
C ASP B 221 34.49 -3.30 -33.66
N HIS B 222 35.79 -3.04 -33.77
CA HIS B 222 36.53 -3.14 -35.05
C HIS B 222 35.92 -2.32 -36.17
N GLY B 223 35.50 -1.10 -35.86
CA GLY B 223 34.87 -0.24 -36.85
C GLY B 223 33.39 -0.54 -37.03
N LEU B 224 32.90 -1.55 -36.32
CA LEU B 224 31.49 -1.89 -36.38
C LEU B 224 30.83 -1.23 -35.19
N ALA B 225 29.50 -1.24 -35.18
CA ALA B 225 28.74 -0.50 -34.17
C ALA B 225 28.45 -1.36 -32.97
N TYR B 226 27.87 -0.68 -31.99
CA TYR B 226 27.32 -1.30 -30.80
C TYR B 226 26.02 -0.52 -30.58
N PRO B 227 24.99 -1.11 -29.97
CA PRO B 227 23.96 -0.11 -29.64
C PRO B 227 24.46 0.90 -28.58
N PRO B 228 23.76 2.02 -28.40
CA PRO B 228 24.09 3.05 -27.43
C PRO B 228 23.87 2.61 -25.99
N PHE B 229 24.59 3.21 -25.04
CA PHE B 229 24.38 2.93 -23.63
C PHE B 229 23.11 3.58 -23.17
N ASN B 230 22.46 2.98 -22.19
CA ASN B 230 21.31 3.55 -21.53
C ASN B 230 21.81 4.54 -20.47
N ASN B 231 21.25 5.74 -20.43
CA ASN B 231 21.73 6.76 -19.47
C ASN B 231 21.19 6.58 -18.05
N VAL B 232 20.09 5.83 -17.91
CA VAL B 232 19.47 5.52 -16.61
C VAL B 232 20.47 5.07 -15.53
N LYS B 233 20.42 5.72 -14.38
CA LYS B 233 21.21 5.28 -13.24
C LYS B 233 20.30 5.25 -12.01
N PRO B 234 20.44 4.25 -11.12
CA PRO B 234 21.42 3.15 -11.09
C PRO B 234 21.23 2.17 -12.23
N SER B 235 22.32 1.60 -12.71
CA SER B 235 22.30 0.65 -13.80
C SER B 235 22.63 -0.75 -13.32
N PRO B 236 21.85 -1.76 -13.72
CA PRO B 236 22.15 -3.14 -13.33
C PRO B 236 23.48 -3.62 -13.90
N CYS B 237 23.79 -3.22 -15.12
CA CYS B 237 25.05 -3.62 -15.76
C CYS B 237 26.28 -3.11 -15.04
N GLU B 238 26.27 -1.85 -14.59
CA GLU B 238 27.38 -1.26 -13.84
C GLU B 238 27.64 -1.96 -12.51
N PHE B 239 26.57 -2.44 -11.87
CA PHE B 239 26.62 -3.02 -10.53
C PHE B 239 27.34 -4.36 -10.45
N ILE B 240 27.39 -5.10 -11.55
CA ILE B 240 28.03 -6.42 -11.55
C ILE B 240 29.53 -6.33 -11.71
N ASN B 241 30.05 -5.12 -11.88
CA ASN B 241 31.49 -4.82 -11.89
C ASN B 241 31.65 -3.32 -11.89
N THR B 242 31.75 -2.75 -10.69
CA THR B 242 31.78 -1.32 -10.49
C THR B 242 33.09 -0.65 -10.96
N THR B 243 34.13 -1.46 -11.20
CA THR B 243 35.42 -0.97 -11.71
C THR B 243 35.35 -0.65 -13.23
N ALA B 244 34.72 -1.53 -14.00
CA ALA B 244 34.58 -1.34 -15.44
C ALA B 244 33.61 -0.20 -15.77
N HIS B 245 32.67 0.03 -14.85
CA HIS B 245 31.53 0.96 -15.01
C HIS B 245 30.84 1.12 -16.38
N VAL B 246 30.69 -0.04 -17.05
CA VAL B 246 29.99 -0.18 -18.33
C VAL B 246 28.49 -0.42 -18.14
N PRO B 247 27.67 0.50 -18.66
CA PRO B 247 26.21 0.42 -18.53
C PRO B 247 25.55 -0.54 -19.53
N CYS B 248 24.25 -0.76 -19.31
CA CYS B 248 23.43 -1.60 -20.16
C CYS B 248 23.26 -1.00 -21.54
N PHE B 249 22.69 -1.77 -22.45
CA PHE B 249 22.49 -1.28 -23.80
C PHE B 249 21.10 -0.76 -23.92
N GLN B 250 20.91 0.20 -24.82
CA GLN B 250 19.61 0.78 -25.05
C GLN B 250 19.02 0.30 -26.34
N ALA B 251 17.96 -0.47 -26.22
CA ALA B 251 17.34 -1.03 -27.40
C ALA B 251 15.81 -0.89 -27.40
N GLY B 252 15.21 -1.36 -28.49
CA GLY B 252 13.76 -1.32 -28.65
C GLY B 252 13.01 -2.06 -27.57
N ASP B 253 13.72 -2.90 -26.83
CA ASP B 253 13.14 -3.71 -25.77
C ASP B 253 13.94 -3.57 -24.48
N SER B 254 13.27 -3.47 -23.34
CA SER B 254 13.98 -3.23 -22.09
C SER B 254 14.77 -4.41 -21.52
N ARG B 255 14.69 -5.58 -22.14
CA ARG B 255 15.38 -6.75 -21.61
C ARG B 255 16.64 -7.09 -22.39
N ALA B 256 16.99 -6.22 -23.32
CA ALA B 256 18.08 -6.50 -24.24
C ALA B 256 19.40 -6.91 -23.59
N SER B 257 19.64 -6.50 -22.36
CA SER B 257 20.93 -6.80 -21.73
C SER B 257 20.92 -7.92 -20.70
N GLU B 258 19.78 -8.60 -20.56
CA GLU B 258 19.58 -9.63 -19.53
C GLU B 258 20.62 -10.76 -19.52
N GLN B 259 21.27 -11.00 -20.64
CA GLN B 259 22.31 -12.01 -20.74
C GLN B 259 23.14 -11.74 -21.98
N ILE B 260 24.47 -11.88 -21.86
CA ILE B 260 25.40 -11.53 -22.93
C ILE B 260 25.03 -11.98 -24.36
N LEU B 261 24.51 -13.20 -24.53
CA LEU B 261 24.18 -13.65 -25.86
C LEU B 261 22.98 -12.92 -26.45
N LEU B 262 22.09 -12.43 -25.58
CA LEU B 262 20.90 -11.73 -26.05
C LEU B 262 21.34 -10.37 -26.59
N ALA B 263 22.12 -9.64 -25.80
CA ALA B 263 22.70 -8.35 -26.23
C ALA B 263 23.41 -8.53 -27.56
N THR B 264 24.11 -9.65 -27.70
CA THR B 264 24.82 -9.96 -28.92
C THR B 264 23.90 -9.95 -30.14
N VAL B 265 22.87 -10.78 -30.15
CA VAL B 265 21.96 -10.77 -31.31
C VAL B 265 21.27 -9.41 -31.51
N HIS B 266 21.11 -8.63 -30.44
CA HIS B 266 20.51 -7.30 -30.56
C HIS B 266 21.40 -6.42 -31.41
N THR B 267 22.71 -6.61 -31.26
CA THR B 267 23.70 -5.84 -32.00
C THR B 267 23.67 -6.23 -33.47
N LEU B 268 23.56 -7.52 -33.77
CA LEU B 268 23.45 -7.99 -35.15
C LEU B 268 22.29 -7.34 -35.92
N LEU B 269 21.13 -7.29 -35.28
CA LEU B 269 19.95 -6.70 -35.85
C LEU B 269 20.15 -5.22 -35.99
N LEU B 270 20.66 -4.56 -34.95
CA LEU B 270 20.94 -3.14 -35.05
C LEU B 270 21.83 -2.85 -36.25
N ARG B 271 22.86 -3.67 -36.42
CA ARG B 271 23.79 -3.49 -37.51
C ARG B 271 23.15 -3.73 -38.88
N GLU B 272 22.34 -4.79 -39.02
CA GLU B 272 21.60 -5.04 -40.26
C GLU B 272 20.78 -3.83 -40.73
N HIS B 273 20.23 -3.07 -39.80
CA HIS B 273 19.40 -1.92 -40.15
C HIS B 273 20.22 -0.82 -40.85
N ASN B 274 21.20 -0.26 -40.14
CA ASN B 274 22.06 0.74 -40.78
C ASN B 274 22.61 0.29 -42.11
N ARG B 275 23.03 -0.97 -42.19
CA ARG B 275 23.48 -1.58 -43.42
C ARG B 275 22.46 -1.35 -44.54
N LEU B 276 21.25 -1.87 -44.33
CA LEU B 276 20.14 -1.74 -45.24
C LEU B 276 19.90 -0.29 -45.55
N ALA B 277 19.84 0.56 -44.53
CA ALA B 277 19.67 2.02 -44.73
C ALA B 277 20.66 2.66 -45.74
N ARG B 278 21.95 2.34 -45.61
CA ARG B 278 22.92 2.93 -46.49
C ARG B 278 23.03 2.22 -47.84
N GLU B 279 22.63 0.96 -47.89
CA GLU B 279 22.60 0.25 -49.17
C GLU B 279 21.40 0.69 -49.98
N LEU B 280 20.36 1.12 -49.27
CA LEU B 280 19.15 1.64 -49.89
C LEU B 280 19.37 3.07 -50.40
N LYS B 281 20.15 3.85 -49.66
CA LYS B 281 20.50 5.20 -50.10
C LYS B 281 21.21 5.21 -51.45
N ARG B 282 22.19 4.32 -51.63
CA ARG B 282 22.94 4.24 -52.88
C ARG B 282 22.01 4.08 -54.06
N LEU B 283 21.14 3.08 -53.96
CA LEU B 283 20.18 2.79 -54.99
C LEU B 283 19.16 3.90 -55.16
N ASN B 284 18.75 4.53 -54.05
CA ASN B 284 17.74 5.59 -54.11
C ASN B 284 18.20 6.86 -53.42
N PRO B 285 19.12 7.60 -54.08
CA PRO B 285 19.69 8.86 -53.62
C PRO B 285 18.68 9.97 -53.27
N HIS B 286 17.49 9.94 -53.85
CA HIS B 286 16.49 10.97 -53.58
C HIS B 286 15.65 10.72 -52.33
N TRP B 287 15.64 9.48 -51.82
CA TRP B 287 14.86 9.16 -50.62
C TRP B 287 15.23 10.01 -49.38
N ASP B 288 14.21 10.50 -48.67
CA ASP B 288 14.36 11.21 -47.40
C ASP B 288 14.70 10.24 -46.26
N GLY B 289 15.25 10.76 -45.17
CA GLY B 289 15.59 9.93 -44.01
C GLY B 289 14.48 8.97 -43.57
N GLU B 290 13.27 9.51 -43.46
CA GLU B 290 12.10 8.76 -43.03
C GLU B 290 11.84 7.57 -43.93
N MET B 291 11.94 7.75 -45.25
CA MET B 291 11.72 6.61 -46.13
C MET B 291 12.82 5.56 -46.05
N LEU B 292 14.04 5.99 -45.71
CA LEU B 292 15.14 5.05 -45.48
C LEU B 292 14.81 4.20 -44.27
N TYR B 293 14.69 4.87 -43.12
CA TYR B 293 14.28 4.25 -41.87
C TYR B 293 13.16 3.23 -42.10
N GLN B 294 12.05 3.71 -42.67
CA GLN B 294 10.87 2.88 -42.92
C GLN B 294 11.09 1.65 -43.82
N GLU B 295 11.79 1.82 -44.94
CA GLU B 295 12.01 0.70 -45.89
C GLU B 295 12.96 -0.32 -45.29
N ALA B 296 13.92 0.19 -44.50
CA ALA B 296 14.91 -0.63 -43.81
C ALA B 296 14.20 -1.44 -42.79
N ARG B 297 13.38 -0.75 -41.99
CA ARG B 297 12.53 -1.34 -40.96
C ARG B 297 11.70 -2.47 -41.55
N LYS B 298 10.98 -2.17 -42.63
CA LYS B 298 10.14 -3.14 -43.31
C LYS B 298 10.90 -4.41 -43.70
N ILE B 299 12.07 -4.23 -44.31
CA ILE B 299 12.91 -5.38 -44.69
C ILE B 299 13.34 -6.24 -43.50
N LEU B 300 13.61 -5.61 -42.36
CA LEU B 300 14.17 -6.30 -41.21
C LEU B 300 13.16 -7.22 -40.55
N GLY B 301 11.94 -6.74 -40.39
CA GLY B 301 10.89 -7.57 -39.81
C GLY B 301 10.46 -8.66 -40.77
N ALA B 302 10.57 -8.40 -42.07
CA ALA B 302 10.40 -9.45 -43.07
C ALA B 302 11.44 -10.53 -42.81
N PHE B 303 12.67 -10.09 -42.50
CA PHE B 303 13.74 -10.99 -42.15
C PHE B 303 13.37 -11.86 -40.94
N ILE B 304 12.86 -11.24 -39.89
CA ILE B 304 12.53 -11.94 -38.64
C ILE B 304 11.35 -12.90 -38.82
N GLN B 305 10.45 -12.55 -39.74
CA GLN B 305 9.30 -13.40 -40.02
C GLN B 305 9.79 -14.64 -40.74
N ILE B 306 10.59 -14.40 -41.78
CA ILE B 306 11.12 -15.48 -42.63
C ILE B 306 11.90 -16.52 -41.83
N ILE B 307 12.94 -16.09 -41.12
CA ILE B 307 13.76 -17.03 -40.38
C ILE B 307 12.92 -17.78 -39.35
N THR B 308 12.00 -17.06 -38.70
CA THR B 308 11.21 -17.64 -37.62
C THR B 308 10.24 -18.72 -38.09
N PHE B 309 9.58 -18.45 -39.22
CA PHE B 309 8.62 -19.41 -39.81
C PHE B 309 9.21 -20.50 -40.73
N ARG B 310 10.33 -20.21 -41.38
CA ARG B 310 10.98 -21.15 -42.26
C ARG B 310 11.95 -22.05 -41.52
N ASP B 311 12.87 -21.45 -40.78
CA ASP B 311 13.99 -22.19 -40.16
C ASP B 311 13.81 -22.54 -38.67
N TYR B 312 13.04 -21.75 -37.93
CA TYR B 312 12.87 -22.00 -36.49
C TYR B 312 11.70 -22.94 -36.17
N LEU B 313 10.47 -22.45 -36.31
CA LEU B 313 9.26 -23.22 -35.95
C LEU B 313 9.13 -24.70 -36.44
N PRO B 314 9.59 -25.00 -37.66
CA PRO B 314 9.53 -26.40 -38.08
C PRO B 314 10.34 -27.34 -37.21
N ILE B 315 11.41 -26.85 -36.58
CA ILE B 315 12.28 -27.68 -35.75
C ILE B 315 11.97 -27.54 -34.28
N VAL B 316 10.91 -26.79 -33.97
CA VAL B 316 10.36 -26.72 -32.61
C VAL B 316 9.14 -27.67 -32.53
N LEU B 317 8.13 -27.38 -33.35
CA LEU B 317 6.88 -28.14 -33.41
C LEU B 317 7.07 -29.55 -33.94
N GLY B 318 8.07 -29.75 -34.79
CA GLY B 318 8.35 -31.07 -35.36
C GLY B 318 7.30 -31.56 -36.34
N SER B 319 6.83 -32.78 -36.15
CA SER B 319 5.78 -33.32 -36.98
C SER B 319 4.41 -32.66 -36.73
N GLU B 320 4.32 -31.81 -35.70
CA GLU B 320 3.07 -31.12 -35.38
C GLU B 320 2.95 -29.73 -36.04
N MET B 321 3.90 -29.44 -36.94
CA MET B 321 3.95 -28.19 -37.69
C MET B 321 2.78 -28.06 -38.66
N GLN B 322 2.55 -29.11 -39.47
CA GLN B 322 1.51 -29.09 -40.48
C GLN B 322 0.12 -29.09 -39.84
N LYS B 323 0.00 -29.83 -38.73
CA LYS B 323 -1.27 -29.98 -38.06
C LYS B 323 -1.86 -28.64 -37.59
N TRP B 324 -1.03 -27.74 -37.08
CA TRP B 324 -1.47 -26.43 -36.53
C TRP B 324 -1.22 -25.23 -37.45
N ILE B 325 -0.21 -25.31 -38.29
CA ILE B 325 0.15 -24.19 -39.16
C ILE B 325 0.13 -24.61 -40.63
N PRO B 326 -1.08 -24.75 -41.21
CA PRO B 326 -1.22 -25.13 -42.62
C PRO B 326 -0.61 -24.03 -43.52
N PRO B 327 -0.33 -24.31 -44.81
CA PRO B 327 0.30 -23.26 -45.62
C PRO B 327 -0.50 -21.95 -45.67
N TYR B 328 0.21 -20.83 -45.84
CA TYR B 328 -0.40 -19.48 -45.90
C TYR B 328 -1.37 -19.31 -47.07
N GLN B 329 -2.54 -18.75 -46.78
CA GLN B 329 -3.57 -18.57 -47.78
C GLN B 329 -4.04 -17.13 -47.86
N GLY B 330 -3.26 -16.18 -47.33
CA GLY B 330 -3.62 -14.77 -47.37
C GLY B 330 -4.23 -14.23 -46.09
N TYR B 331 -4.32 -12.90 -46.03
CA TYR B 331 -4.79 -12.20 -44.84
C TYR B 331 -6.24 -12.51 -44.51
N ASN B 332 -6.48 -12.84 -43.24
CA ASN B 332 -7.81 -13.09 -42.73
C ASN B 332 -8.19 -12.11 -41.63
N ASN B 333 -8.93 -11.05 -41.97
CA ASN B 333 -9.26 -10.01 -41.01
C ASN B 333 -10.11 -10.45 -39.80
N SER B 334 -10.71 -11.64 -39.86
CA SER B 334 -11.51 -12.15 -38.74
C SER B 334 -10.68 -12.88 -37.67
N VAL B 335 -9.37 -12.98 -37.90
CA VAL B 335 -8.45 -13.64 -37.00
C VAL B 335 -7.88 -12.67 -35.94
N ASP B 336 -8.07 -13.04 -34.68
CA ASP B 336 -7.53 -12.32 -33.53
C ASP B 336 -5.99 -12.46 -33.38
N PRO B 337 -5.22 -11.40 -33.72
CA PRO B 337 -3.74 -11.36 -33.65
C PRO B 337 -3.10 -11.14 -32.25
N ARG B 338 -3.92 -10.96 -31.22
CA ARG B 338 -3.38 -10.74 -29.89
C ARG B 338 -2.67 -11.94 -29.27
N ILE B 339 -1.58 -11.71 -28.54
CA ILE B 339 -0.95 -12.82 -27.81
C ILE B 339 -1.78 -13.19 -26.60
N SER B 340 -2.14 -14.46 -26.48
CA SER B 340 -2.88 -14.94 -25.32
C SER B 340 -1.95 -15.01 -24.12
N ASN B 341 -2.54 -15.10 -22.92
CA ASN B 341 -1.77 -15.15 -21.67
C ASN B 341 -1.00 -16.46 -21.58
N VAL B 342 -1.71 -17.58 -21.70
CA VAL B 342 -1.08 -18.89 -21.63
C VAL B 342 0.14 -18.98 -22.56
N PHE B 343 0.17 -18.25 -23.67
CA PHE B 343 1.34 -18.29 -24.54
C PHE B 343 2.58 -17.84 -23.76
N THR B 344 2.45 -16.72 -23.05
CA THR B 344 3.60 -16.16 -22.36
C THR B 344 4.23 -17.11 -21.33
N PHE B 345 3.60 -18.26 -21.15
CA PHE B 345 4.14 -19.31 -20.28
C PHE B 345 4.46 -20.56 -21.10
N ALA B 346 3.71 -20.77 -22.17
CA ALA B 346 3.96 -21.90 -23.03
C ALA B 346 5.30 -21.70 -23.71
N PHE B 347 5.59 -20.45 -24.10
CA PHE B 347 6.83 -20.14 -24.83
C PHE B 347 8.06 -20.13 -23.92
N ARG B 348 7.84 -20.27 -22.62
CA ARG B 348 8.96 -20.32 -21.69
C ARG B 348 9.65 -21.70 -21.72
N PHE B 349 9.19 -22.60 -22.59
CA PHE B 349 9.83 -23.89 -22.76
C PHE B 349 11.33 -23.71 -22.97
N GLY B 350 11.69 -22.54 -23.50
CA GLY B 350 13.04 -22.18 -23.82
C GLY B 350 13.96 -22.24 -22.63
N HIS B 351 13.46 -21.87 -21.46
CA HIS B 351 14.26 -21.89 -20.24
C HIS B 351 14.95 -23.23 -20.02
N MET B 352 14.36 -24.30 -20.54
CA MET B 352 14.94 -25.60 -20.37
C MET B 352 15.94 -25.88 -21.45
N GLU B 353 16.27 -24.85 -22.22
CA GLU B 353 17.20 -25.02 -23.33
C GLU B 353 18.49 -24.32 -23.05
N VAL B 354 18.55 -23.60 -21.96
CA VAL B 354 19.72 -22.80 -21.65
C VAL B 354 20.76 -23.65 -20.94
N PRO B 355 21.97 -23.76 -21.54
CA PRO B 355 23.10 -24.56 -21.01
C PRO B 355 23.89 -23.76 -19.98
N SER B 356 24.63 -24.47 -19.12
CA SER B 356 25.29 -23.87 -17.96
C SER B 356 26.42 -22.86 -18.26
N THR B 357 27.02 -22.97 -19.45
CA THR B 357 28.17 -22.15 -19.77
C THR B 357 28.08 -21.48 -21.14
N VAL B 358 28.79 -20.35 -21.29
CA VAL B 358 28.96 -19.60 -22.56
C VAL B 358 30.45 -19.52 -22.93
N SER B 359 30.79 -19.80 -24.18
CA SER B 359 32.18 -19.77 -24.63
C SER B 359 32.48 -18.68 -25.65
N ARG B 360 33.75 -18.33 -25.65
CA ARG B 360 34.32 -17.45 -26.63
C ARG B 360 35.37 -18.24 -27.40
N LEU B 361 35.19 -18.27 -28.72
CA LEU B 361 36.08 -18.94 -29.66
C LEU B 361 36.80 -17.92 -30.55
N ASP B 362 38.08 -18.17 -30.84
CA ASP B 362 38.86 -17.28 -31.70
C ASP B 362 38.62 -17.59 -33.18
N GLU B 363 39.49 -17.05 -34.05
CA GLU B 363 39.31 -17.17 -35.51
C GLU B 363 39.33 -18.61 -36.05
N ASN B 364 39.98 -19.53 -35.34
CA ASN B 364 40.01 -20.92 -35.77
C ASN B 364 39.01 -21.80 -35.00
N TYR B 365 38.00 -21.17 -34.41
CA TYR B 365 37.00 -21.83 -33.58
C TYR B 365 37.66 -22.67 -32.48
N GLN B 366 38.67 -22.07 -31.85
CA GLN B 366 39.41 -22.63 -30.72
C GLN B 366 39.17 -21.73 -29.52
N PRO B 367 39.27 -22.28 -28.30
CA PRO B 367 39.05 -21.47 -27.10
C PRO B 367 39.84 -20.17 -27.09
N TRP B 368 39.14 -19.06 -26.86
CA TRP B 368 39.70 -17.71 -26.90
C TRP B 368 40.24 -17.25 -25.54
N GLY B 369 41.51 -17.58 -25.27
CA GLY B 369 42.17 -17.16 -24.04
C GLY B 369 42.06 -18.18 -22.92
N PRO B 370 42.48 -17.78 -21.70
CA PRO B 370 42.53 -18.63 -20.50
C PRO B 370 41.18 -18.80 -19.82
N GLU B 371 40.27 -17.87 -20.09
CA GLU B 371 38.95 -17.85 -19.47
C GLU B 371 37.88 -17.81 -20.56
N ALA B 372 38.02 -18.70 -21.55
CA ALA B 372 37.13 -18.78 -22.69
C ALA B 372 35.72 -19.21 -22.31
N GLU B 373 35.60 -20.21 -21.45
CA GLU B 373 34.31 -20.74 -21.09
C GLU B 373 33.90 -20.13 -19.75
N LEU B 374 32.73 -19.52 -19.71
CA LEU B 374 32.28 -18.82 -18.52
C LEU B 374 30.98 -19.40 -18.02
N PRO B 375 30.73 -19.34 -16.69
CA PRO B 375 29.44 -19.71 -16.10
C PRO B 375 28.31 -18.75 -16.50
N LEU B 376 27.19 -19.32 -16.93
CA LEU B 376 26.05 -18.54 -17.36
C LEU B 376 25.71 -17.45 -16.36
N HIS B 377 25.81 -17.73 -15.06
CA HIS B 377 25.37 -16.77 -14.05
C HIS B 377 26.19 -15.49 -13.98
N THR B 378 27.43 -15.51 -14.45
CA THR B 378 28.30 -14.31 -14.42
C THR B 378 28.02 -13.37 -15.59
N LEU B 379 27.06 -13.75 -16.42
CA LEU B 379 26.78 -12.98 -17.62
C LEU B 379 25.44 -12.29 -17.62
N PHE B 380 24.58 -12.53 -16.63
CA PHE B 380 23.34 -11.78 -16.58
C PHE B 380 23.69 -10.30 -16.47
N PHE B 381 23.04 -9.46 -17.26
CA PHE B 381 23.33 -8.01 -17.27
C PHE B 381 24.81 -7.65 -17.42
N ASN B 382 25.55 -8.51 -18.10
CA ASN B 382 26.97 -8.29 -18.35
C ASN B 382 27.24 -7.72 -19.74
N THR B 383 27.77 -6.49 -19.78
CA THR B 383 28.10 -5.82 -21.03
C THR B 383 29.59 -5.53 -21.13
N TRP B 384 30.28 -5.50 -20.00
CA TRP B 384 31.73 -5.29 -20.02
C TRP B 384 32.47 -6.42 -20.76
N ARG B 385 31.98 -7.66 -20.58
CA ARG B 385 32.55 -8.83 -21.27
C ARG B 385 32.46 -8.71 -22.78
N ILE B 386 31.68 -7.72 -23.24
CA ILE B 386 31.51 -7.45 -24.65
C ILE B 386 32.37 -6.26 -25.02
N ILE B 387 32.16 -5.16 -24.32
CA ILE B 387 32.88 -3.92 -24.64
C ILE B 387 34.36 -4.03 -24.28
N LYS B 388 34.66 -4.56 -23.10
CA LYS B 388 36.04 -4.65 -22.64
C LYS B 388 36.70 -6.03 -22.77
N ASP B 389 36.09 -6.98 -23.46
CA ASP B 389 36.73 -8.29 -23.54
C ASP B 389 36.56 -9.10 -24.83
N GLY B 390 36.73 -8.46 -25.98
CA GLY B 390 36.69 -9.20 -27.25
C GLY B 390 35.80 -8.72 -28.39
N GLY B 391 34.67 -8.10 -28.06
CA GLY B 391 33.72 -7.73 -29.08
C GLY B 391 32.64 -8.78 -29.14
N ILE B 392 31.96 -8.91 -30.29
CA ILE B 392 30.88 -9.88 -30.40
C ILE B 392 31.23 -11.07 -31.29
N ASP B 393 32.31 -10.92 -32.07
CA ASP B 393 32.75 -12.00 -32.95
C ASP B 393 32.98 -13.30 -32.21
N PRO B 394 33.77 -13.28 -31.13
CA PRO B 394 34.00 -14.46 -30.27
C PRO B 394 32.73 -15.08 -29.68
N LEU B 395 31.71 -14.26 -29.48
CA LEU B 395 30.44 -14.72 -28.96
C LEU B 395 29.63 -15.30 -30.12
N VAL B 396 29.74 -14.67 -31.30
CA VAL B 396 28.98 -15.14 -32.46
C VAL B 396 29.42 -16.53 -32.90
N ARG B 397 30.68 -16.86 -32.67
CA ARG B 397 31.20 -18.15 -33.10
C ARG B 397 30.77 -19.21 -32.10
N GLY B 398 30.75 -18.85 -30.83
CA GLY B 398 30.22 -19.76 -29.81
C GLY B 398 28.83 -20.20 -30.21
N LEU B 399 27.93 -19.22 -30.37
CA LEU B 399 26.55 -19.47 -30.82
C LEU B 399 26.49 -20.46 -31.99
N LEU B 400 27.41 -20.33 -32.95
CA LEU B 400 27.41 -21.15 -34.16
C LEU B 400 27.99 -22.54 -33.92
N ALA B 401 29.00 -22.62 -33.05
CA ALA B 401 29.73 -23.88 -32.82
C ALA B 401 29.36 -24.66 -31.57
N LYS B 402 28.61 -24.07 -30.65
CA LYS B 402 28.19 -24.81 -29.46
C LYS B 402 26.72 -25.27 -29.52
N ASN B 403 26.32 -26.18 -28.62
CA ASN B 403 24.97 -26.75 -28.61
C ASN B 403 24.11 -26.11 -27.55
N SER B 404 22.79 -26.21 -27.74
CA SER B 404 21.80 -25.83 -26.75
C SER B 404 21.69 -26.96 -25.76
N LYS B 405 20.85 -26.77 -24.73
CA LYS B 405 20.57 -27.83 -23.78
C LYS B 405 19.31 -28.58 -24.18
N LEU B 406 19.38 -29.90 -24.18
CA LEU B 406 18.22 -30.72 -24.50
C LEU B 406 17.34 -30.89 -23.27
N MET B 407 16.06 -30.57 -23.44
CA MET B 407 15.08 -30.79 -22.40
C MET B 407 15.10 -32.26 -22.02
N ASN B 408 15.10 -32.50 -20.72
CA ASN B 408 15.28 -33.82 -20.16
C ASN B 408 14.38 -33.92 -18.94
N GLN B 409 13.63 -35.02 -18.79
CA GLN B 409 12.73 -35.14 -17.65
C GLN B 409 13.47 -35.19 -16.31
N ASN B 410 14.70 -35.66 -16.32
CA ASN B 410 15.45 -35.79 -15.08
C ASN B 410 16.44 -34.64 -14.86
N LYS B 411 16.51 -33.73 -15.84
CA LYS B 411 17.44 -32.57 -15.86
C LYS B 411 16.79 -31.36 -16.54
N MET B 412 15.87 -30.70 -15.86
CA MET B 412 15.06 -29.64 -16.47
C MET B 412 15.75 -28.24 -16.59
N VAL B 413 15.95 -27.53 -15.49
CA VAL B 413 16.55 -26.21 -15.58
C VAL B 413 17.91 -26.15 -14.89
N THR B 414 18.93 -25.66 -15.58
CA THR B 414 20.27 -25.55 -14.99
C THR B 414 20.29 -24.65 -13.77
N SER B 415 21.15 -25.01 -12.83
CA SER B 415 21.32 -24.30 -11.58
C SER B 415 21.72 -22.85 -11.80
N GLU B 416 22.31 -22.55 -12.95
CA GLU B 416 22.65 -21.17 -13.28
C GLU B 416 21.37 -20.34 -13.35
N LEU B 417 20.26 -20.98 -13.70
CA LEU B 417 18.98 -20.30 -13.79
C LEU B 417 18.09 -20.58 -12.57
N ARG B 418 18.25 -21.76 -11.97
CA ARG B 418 17.41 -22.16 -10.86
C ARG B 418 17.85 -21.62 -9.51
N ASN B 419 19.15 -21.39 -9.34
CA ASN B 419 19.68 -20.96 -8.05
C ASN B 419 20.47 -19.66 -8.06
N LYS B 420 21.03 -19.30 -9.20
CA LYS B 420 21.91 -18.15 -9.28
C LYS B 420 21.45 -17.03 -10.21
N LEU B 421 20.14 -16.86 -10.40
CA LEU B 421 19.63 -15.83 -11.32
C LEU B 421 19.71 -14.47 -10.68
N PHE B 422 20.19 -13.49 -11.45
CA PHE B 422 20.32 -12.10 -11.00
C PHE B 422 19.16 -11.28 -11.50
N GLN B 423 18.62 -10.42 -10.65
CA GLN B 423 17.47 -9.62 -11.03
C GLN B 423 17.85 -8.15 -10.95
N PRO B 424 17.42 -7.34 -11.95
CA PRO B 424 17.83 -5.94 -12.04
C PRO B 424 17.58 -5.09 -10.77
N THR B 425 16.44 -5.29 -10.13
CA THR B 425 16.10 -4.51 -8.94
C THR B 425 17.00 -4.84 -7.74
N HIS B 426 17.30 -6.13 -7.59
CA HIS B 426 18.02 -6.63 -6.42
C HIS B 426 19.53 -6.79 -6.63
N LYS B 427 20.24 -7.19 -5.58
CA LYS B 427 21.69 -7.21 -5.58
C LYS B 427 22.35 -8.58 -5.72
N VAL B 428 21.63 -9.63 -5.33
CA VAL B 428 22.18 -10.98 -5.25
C VAL B 428 21.92 -11.89 -6.46
N HIS B 429 22.90 -12.73 -6.77
CA HIS B 429 22.75 -13.80 -7.76
C HIS B 429 22.18 -15.06 -7.09
N GLY B 430 20.92 -15.02 -6.68
CA GLY B 430 20.34 -16.13 -5.94
C GLY B 430 18.86 -16.34 -6.16
N PHE B 431 18.34 -15.88 -7.29
CA PHE B 431 16.94 -16.11 -7.55
C PHE B 431 16.72 -17.45 -8.23
N ASP B 432 15.47 -17.85 -8.36
CA ASP B 432 15.13 -19.07 -9.06
C ASP B 432 14.21 -18.73 -10.21
N LEU B 433 14.63 -19.09 -11.43
CA LEU B 433 13.79 -18.87 -12.60
C LEU B 433 12.61 -19.82 -12.65
N ALA B 434 12.86 -21.09 -12.37
CA ALA B 434 11.80 -22.07 -12.38
C ALA B 434 10.75 -21.66 -11.33
N ALA B 435 11.21 -21.35 -10.12
CA ALA B 435 10.31 -20.86 -9.06
C ALA B 435 9.55 -19.58 -9.43
N ILE B 436 10.21 -18.67 -10.16
CA ILE B 436 9.53 -17.45 -10.64
C ILE B 436 8.39 -17.79 -11.60
N ASN B 437 8.67 -18.67 -12.56
CA ASN B 437 7.67 -19.10 -13.53
C ASN B 437 6.42 -19.64 -12.86
N LEU B 438 6.61 -20.60 -11.96
CA LEU B 438 5.47 -21.20 -11.31
C LEU B 438 4.66 -20.16 -10.57
N GLN B 439 5.31 -19.32 -9.77
CA GLN B 439 4.62 -18.24 -9.04
C GLN B 439 3.89 -17.35 -10.03
N ARG B 440 4.53 -17.13 -11.17
CA ARG B 440 3.98 -16.21 -12.16
C ARG B 440 2.72 -16.78 -12.82
N CYS B 441 2.63 -18.09 -12.96
CA CYS B 441 1.45 -18.71 -13.56
C CYS B 441 0.24 -18.40 -12.72
N ARG B 442 0.43 -18.49 -11.41
CA ARG B 442 -0.62 -18.23 -10.45
C ARG B 442 -0.94 -16.74 -10.44
N ASP B 443 0.09 -15.89 -10.47
CA ASP B 443 -0.13 -14.43 -10.56
C ASP B 443 -1.03 -14.03 -11.74
N HIS B 444 -0.87 -14.70 -12.88
CA HIS B 444 -1.65 -14.43 -14.08
C HIS B 444 -2.96 -15.22 -14.12
N GLY B 445 -3.23 -15.98 -13.07
CA GLY B 445 -4.48 -16.69 -13.00
C GLY B 445 -4.72 -17.78 -14.04
N MET B 446 -3.63 -18.38 -14.51
CA MET B 446 -3.70 -19.57 -15.37
C MET B 446 -4.63 -20.66 -14.83
N PRO B 447 -5.34 -21.34 -15.73
CA PRO B 447 -6.06 -22.55 -15.42
C PRO B 447 -5.07 -23.69 -15.36
N GLY B 448 -5.48 -24.81 -14.78
CA GLY B 448 -4.60 -25.97 -14.63
C GLY B 448 -4.17 -26.69 -15.90
N TYR B 449 -3.26 -27.66 -15.72
CA TYR B 449 -2.80 -28.54 -16.79
C TYR B 449 -3.95 -29.21 -17.56
N ASN B 450 -4.77 -29.96 -16.85
CA ASN B 450 -5.86 -30.70 -17.47
C ASN B 450 -6.83 -29.80 -18.22
N SER B 451 -7.03 -28.60 -17.70
CA SER B 451 -7.92 -27.63 -18.34
C SER B 451 -7.36 -27.17 -19.70
N TRP B 452 -6.05 -27.28 -19.88
CA TRP B 452 -5.44 -26.96 -21.15
C TRP B 452 -5.32 -28.17 -22.07
N ARG B 453 -5.06 -29.35 -21.50
CA ARG B 453 -5.09 -30.60 -22.29
C ARG B 453 -6.43 -30.67 -23.03
N GLY B 454 -7.50 -30.36 -22.32
CA GLY B 454 -8.85 -30.37 -22.90
C GLY B 454 -9.06 -29.36 -23.99
N PHE B 455 -8.69 -28.09 -23.73
CA PHE B 455 -8.76 -27.02 -24.73
C PHE B 455 -8.10 -27.44 -26.03
N CYS B 456 -7.04 -28.25 -25.93
CA CYS B 456 -6.31 -28.74 -27.10
C CYS B 456 -6.81 -30.10 -27.57
N GLY B 457 -7.80 -30.63 -26.86
CA GLY B 457 -8.42 -31.90 -27.19
C GLY B 457 -7.51 -33.09 -27.00
N LEU B 458 -6.88 -33.17 -25.82
CA LEU B 458 -6.07 -34.34 -25.45
C LEU B 458 -6.67 -35.02 -24.23
N SER B 459 -6.22 -36.23 -23.93
CA SER B 459 -6.67 -36.95 -22.73
C SER B 459 -6.48 -36.13 -21.46
N GLN B 460 -7.31 -36.37 -20.45
CA GLN B 460 -7.20 -35.63 -19.19
C GLN B 460 -7.00 -36.60 -18.01
N PRO B 461 -5.73 -36.93 -17.68
CA PRO B 461 -5.44 -37.88 -16.60
C PRO B 461 -5.93 -37.42 -15.24
N LYS B 462 -6.49 -38.35 -14.47
CA LYS B 462 -6.96 -38.05 -13.12
C LYS B 462 -6.25 -38.88 -12.05
N THR B 463 -5.43 -39.84 -12.50
CA THR B 463 -4.80 -40.79 -11.60
C THR B 463 -3.30 -40.90 -11.83
N LEU B 464 -2.57 -41.30 -10.78
CA LEU B 464 -1.14 -41.60 -10.90
C LEU B 464 -0.90 -42.42 -12.16
N LYS B 465 -1.65 -43.52 -12.24
CA LYS B 465 -1.64 -44.39 -13.40
C LYS B 465 -1.81 -43.57 -14.69
N GLY B 466 -2.80 -42.70 -14.70
CA GLY B 466 -3.12 -41.92 -15.89
C GLY B 466 -2.02 -40.98 -16.34
N LEU B 467 -1.46 -40.25 -15.38
CA LEU B 467 -0.36 -39.30 -15.62
C LEU B 467 0.93 -40.01 -16.07
N GLN B 468 1.15 -41.22 -15.52
CA GLN B 468 2.27 -42.07 -15.91
C GLN B 468 2.24 -42.37 -17.40
N ALA B 469 1.05 -42.73 -17.89
CA ALA B 469 0.81 -43.03 -19.30
C ALA B 469 1.07 -41.85 -20.23
N VAL B 470 0.70 -40.64 -19.79
CA VAL B 470 0.89 -39.42 -20.58
C VAL B 470 2.36 -39.00 -20.64
N LEU B 471 2.98 -38.86 -19.47
CA LEU B 471 4.38 -38.45 -19.34
C LEU B 471 5.38 -39.59 -19.65
N LYS B 472 4.88 -40.81 -19.84
CA LYS B 472 5.71 -41.98 -20.06
C LYS B 472 6.91 -42.05 -19.12
N ASN B 473 6.68 -41.64 -17.88
CA ASN B 473 7.69 -41.70 -16.85
C ASN B 473 6.95 -41.96 -15.53
N LYS B 474 7.26 -43.06 -14.84
CA LYS B 474 6.63 -43.38 -13.54
C LYS B 474 7.10 -42.42 -12.44
N VAL B 475 8.41 -42.31 -12.27
CA VAL B 475 9.03 -41.54 -11.19
C VAL B 475 8.60 -40.06 -11.21
N LEU B 476 8.43 -39.50 -12.40
CA LEU B 476 8.04 -38.09 -12.57
C LEU B 476 6.57 -37.90 -12.22
N ALA B 477 5.74 -38.77 -12.76
CA ALA B 477 4.31 -38.72 -12.49
C ALA B 477 4.03 -38.79 -10.99
N LYS B 478 4.88 -39.52 -10.28
CA LYS B 478 4.75 -39.74 -8.83
C LYS B 478 5.17 -38.54 -8.00
N LYS B 479 6.23 -37.87 -8.43
CA LYS B 479 6.76 -36.70 -7.73
C LYS B 479 5.78 -35.55 -7.87
N LEU B 480 5.24 -35.46 -9.09
CA LEU B 480 4.30 -34.43 -9.47
C LEU B 480 2.99 -34.56 -8.68
N LEU B 481 2.55 -35.79 -8.42
CA LEU B 481 1.31 -36.02 -7.67
C LEU B 481 1.49 -35.88 -6.16
N ASP B 482 2.60 -36.36 -5.63
CA ASP B 482 2.86 -36.17 -4.21
C ASP B 482 2.76 -34.71 -3.86
N LEU B 483 3.04 -33.83 -4.82
CA LEU B 483 3.03 -32.37 -4.58
C LEU B 483 1.69 -31.66 -4.87
N TYR B 484 1.12 -31.98 -6.04
CA TYR B 484 -0.10 -31.36 -6.52
C TYR B 484 -1.39 -32.12 -6.14
N LYS B 485 -1.25 -33.35 -5.67
CA LYS B 485 -2.36 -34.23 -5.24
C LYS B 485 -3.35 -34.62 -6.33
N THR B 486 -3.44 -33.82 -7.39
CA THR B 486 -4.25 -34.19 -8.57
C THR B 486 -3.79 -33.50 -9.84
N PRO B 487 -3.83 -34.24 -10.96
CA PRO B 487 -3.40 -33.64 -12.22
C PRO B 487 -4.13 -32.32 -12.54
N ASP B 488 -5.32 -32.11 -11.96
CA ASP B 488 -6.06 -30.87 -12.15
C ASP B 488 -5.32 -29.65 -11.58
N ASN B 489 -4.39 -29.84 -10.66
CA ASN B 489 -3.71 -28.69 -10.08
C ASN B 489 -2.32 -28.36 -10.59
N ILE B 490 -1.71 -29.29 -11.33
CA ILE B 490 -0.40 -29.06 -11.96
C ILE B 490 -0.43 -27.73 -12.75
N ASP B 491 0.55 -26.87 -12.44
CA ASP B 491 0.71 -25.55 -13.06
C ASP B 491 1.11 -25.71 -14.52
N ILE B 492 0.53 -24.90 -15.40
CA ILE B 492 0.72 -25.10 -16.84
C ILE B 492 2.19 -25.20 -17.27
N TRP B 493 3.01 -24.24 -16.83
CA TRP B 493 4.43 -24.24 -17.21
C TRP B 493 5.12 -25.58 -17.02
N ILE B 494 4.98 -26.19 -15.85
CA ILE B 494 5.65 -27.45 -15.62
C ILE B 494 4.87 -28.63 -16.21
N GLY B 495 3.55 -28.51 -16.26
CA GLY B 495 2.72 -29.62 -16.74
C GLY B 495 3.01 -29.88 -18.20
N GLY B 496 3.16 -28.82 -18.98
CA GLY B 496 3.42 -28.96 -20.39
C GLY B 496 4.86 -29.34 -20.64
N ASN B 497 5.78 -28.78 -19.87
CA ASN B 497 7.21 -29.02 -20.09
C ASN B 497 7.70 -30.40 -19.66
N ALA B 498 6.81 -31.17 -19.03
CA ALA B 498 7.10 -32.52 -18.54
C ALA B 498 6.76 -33.60 -19.58
N GLU B 499 5.84 -33.28 -20.51
CA GLU B 499 5.44 -34.23 -21.56
C GLU B 499 6.59 -34.54 -22.51
N PRO B 500 6.71 -35.79 -22.95
CA PRO B 500 7.75 -36.16 -23.91
C PRO B 500 7.60 -35.45 -25.24
N MET B 501 8.71 -35.22 -25.93
CA MET B 501 8.70 -34.43 -27.16
C MET B 501 8.12 -35.17 -28.34
N VAL B 502 7.46 -34.42 -29.21
CA VAL B 502 6.88 -35.00 -30.41
C VAL B 502 7.99 -35.30 -31.42
N GLU B 503 7.72 -36.21 -32.36
CA GLU B 503 8.70 -36.59 -33.38
C GLU B 503 9.29 -35.37 -34.10
N ARG B 504 10.62 -35.35 -34.23
CA ARG B 504 11.34 -34.29 -34.94
C ARG B 504 11.18 -32.89 -34.33
N GLY B 505 10.49 -32.79 -33.19
CA GLY B 505 10.29 -31.49 -32.52
C GLY B 505 11.04 -31.38 -31.21
N ARG B 506 10.75 -30.32 -30.46
CA ARG B 506 11.42 -30.11 -29.18
C ARG B 506 10.51 -29.72 -28.03
N VAL B 507 9.19 -29.81 -28.27
CA VAL B 507 8.17 -29.61 -27.23
C VAL B 507 7.18 -30.74 -27.36
N GLY B 508 6.25 -30.83 -26.41
CA GLY B 508 5.30 -31.95 -26.42
C GLY B 508 3.94 -31.63 -27.03
N PRO B 509 3.03 -32.62 -27.07
CA PRO B 509 1.63 -32.49 -27.51
C PRO B 509 0.94 -31.19 -27.09
N LEU B 510 0.81 -30.97 -25.77
CA LEU B 510 0.14 -29.77 -25.26
C LEU B 510 0.85 -28.47 -25.60
N LEU B 511 2.18 -28.42 -25.53
CA LEU B 511 2.89 -27.20 -25.94
C LEU B 511 2.83 -26.91 -27.43
N ALA B 512 3.03 -27.96 -28.24
CA ALA B 512 2.95 -27.83 -29.69
C ALA B 512 1.61 -27.21 -30.08
N CYS B 513 0.56 -27.53 -29.31
CA CYS B 513 -0.78 -27.05 -29.59
C CYS B 513 -0.93 -25.56 -29.31
N LEU B 514 -0.51 -25.16 -28.11
CA LEU B 514 -0.56 -23.77 -27.63
C LEU B 514 0.33 -22.82 -28.44
N LEU B 515 1.53 -23.29 -28.76
CA LEU B 515 2.44 -22.54 -29.61
C LEU B 515 1.90 -22.44 -31.04
N GLY B 516 1.58 -23.58 -31.63
CA GLY B 516 1.08 -23.59 -33.00
C GLY B 516 -0.10 -22.67 -33.25
N ARG B 517 -1.15 -22.82 -32.45
CA ARG B 517 -2.32 -21.96 -32.60
C ARG B 517 -1.91 -20.50 -32.62
N GLN B 518 -1.06 -20.09 -31.67
CA GLN B 518 -0.64 -18.69 -31.56
C GLN B 518 0.11 -18.20 -32.79
N PHE B 519 1.14 -18.94 -33.22
CA PHE B 519 1.92 -18.53 -34.38
C PHE B 519 1.08 -18.50 -35.66
N GLN B 520 0.13 -19.43 -35.74
CA GLN B 520 -0.81 -19.45 -36.85
C GLN B 520 -1.63 -18.18 -36.87
N GLN B 521 -1.98 -17.67 -35.68
CA GLN B 521 -2.82 -16.51 -35.57
C GLN B 521 -2.11 -15.22 -35.93
N ILE B 522 -0.87 -15.03 -35.44
CA ILE B 522 -0.14 -13.76 -35.69
C ILE B 522 0.19 -13.59 -37.16
N ARG B 523 0.42 -14.72 -37.84
CA ARG B 523 0.65 -14.76 -39.28
C ARG B 523 -0.63 -14.44 -40.04
N ASP B 524 -1.69 -15.20 -39.80
CA ASP B 524 -2.99 -15.01 -40.48
C ASP B 524 -3.70 -13.66 -40.20
N GLY B 525 -3.47 -13.08 -39.02
CA GLY B 525 -4.16 -11.84 -38.65
C GLY B 525 -3.37 -10.56 -38.88
N ASP B 526 -2.18 -10.72 -39.47
CA ASP B 526 -1.26 -9.60 -39.64
C ASP B 526 -1.28 -9.06 -41.08
N ARG B 527 -1.94 -7.93 -41.26
CA ARG B 527 -2.07 -7.27 -42.55
C ARG B 527 -0.73 -7.04 -43.23
N PHE B 528 0.33 -6.94 -42.45
CA PHE B 528 1.63 -6.65 -43.01
C PHE B 528 2.53 -7.87 -43.16
N TRP B 529 1.94 -9.07 -43.04
CA TRP B 529 2.71 -10.30 -43.29
C TRP B 529 3.42 -10.20 -44.66
N TRP B 530 4.69 -10.59 -44.72
CA TRP B 530 5.50 -10.39 -45.91
C TRP B 530 4.90 -11.08 -47.15
N GLU B 531 4.28 -12.24 -46.95
CA GLU B 531 3.71 -12.99 -48.06
C GLU B 531 2.36 -12.47 -48.52
N ASN B 532 1.72 -11.66 -47.69
CA ASN B 532 0.46 -11.04 -48.08
C ASN B 532 0.65 -10.14 -49.29
N PRO B 533 -0.09 -10.42 -50.38
CA PRO B 533 0.06 -9.65 -51.62
C PRO B 533 -0.12 -8.14 -51.40
N GLY B 534 0.77 -7.33 -51.98
CA GLY B 534 0.69 -5.88 -51.85
C GLY B 534 1.71 -5.29 -50.91
N VAL B 535 2.21 -6.10 -49.98
CA VAL B 535 3.17 -5.65 -48.97
C VAL B 535 4.59 -5.51 -49.54
N PHE B 536 5.00 -6.46 -50.36
CA PHE B 536 6.26 -6.38 -51.10
C PHE B 536 5.90 -6.84 -52.50
N THR B 537 6.70 -6.44 -53.48
CA THR B 537 6.43 -6.80 -54.86
C THR B 537 6.90 -8.23 -55.10
N GLU B 538 6.27 -8.92 -56.06
CA GLU B 538 6.62 -10.30 -56.41
C GLU B 538 8.12 -10.44 -56.59
N LYS B 539 8.76 -9.36 -57.05
CA LYS B 539 10.18 -9.36 -57.27
C LYS B 539 10.96 -9.16 -55.96
N GLN B 540 10.42 -8.36 -55.05
CA GLN B 540 11.04 -8.14 -53.75
C GLN B 540 10.93 -9.39 -52.89
N ARG B 541 9.81 -10.10 -53.02
CA ARG B 541 9.56 -11.34 -52.27
C ARG B 541 10.57 -12.40 -52.66
N ASP B 542 10.66 -12.62 -53.97
CA ASP B 542 11.64 -13.51 -54.55
C ASP B 542 13.04 -13.29 -53.98
N SER B 543 13.41 -12.03 -53.78
CA SER B 543 14.70 -11.71 -53.19
C SER B 543 14.77 -12.09 -51.70
N LEU B 544 13.66 -11.90 -51.00
CA LEU B 544 13.64 -12.11 -49.55
C LEU B 544 13.71 -13.59 -49.19
N GLN B 545 13.30 -14.47 -50.12
CA GLN B 545 13.34 -15.90 -49.85
C GLN B 545 14.75 -16.39 -49.65
N LYS B 546 15.72 -15.55 -49.97
CA LYS B 546 17.11 -15.98 -49.92
C LYS B 546 17.86 -15.58 -48.64
N VAL B 547 17.24 -14.75 -47.78
CA VAL B 547 17.88 -14.40 -46.51
C VAL B 547 18.16 -15.65 -45.68
N SER B 548 19.15 -15.54 -44.79
CA SER B 548 19.53 -16.61 -43.86
C SER B 548 20.30 -16.00 -42.71
N PHE B 549 20.22 -16.61 -41.52
CA PHE B 549 20.94 -16.06 -40.37
C PHE B 549 22.46 -16.08 -40.63
N SER B 550 22.92 -17.12 -41.33
CA SER B 550 24.31 -17.21 -41.76
C SER B 550 24.78 -15.93 -42.46
N ARG B 551 24.01 -15.49 -43.44
CA ARG B 551 24.32 -14.29 -44.17
C ARG B 551 24.32 -13.14 -43.18
N LEU B 552 23.23 -12.96 -42.45
CA LEU B 552 23.19 -11.90 -41.45
C LEU B 552 24.54 -11.75 -40.72
N ILE B 553 25.13 -12.88 -40.32
CA ILE B 553 26.43 -12.92 -39.64
C ILE B 553 27.53 -12.34 -40.53
N CYS B 554 27.64 -12.89 -41.75
CA CYS B 554 28.66 -12.46 -42.68
C CYS B 554 28.63 -10.97 -42.96
N ASP B 555 27.45 -10.40 -43.20
CA ASP B 555 27.39 -8.97 -43.48
C ASP B 555 27.68 -8.06 -42.27
N ASN B 556 27.63 -8.62 -41.05
CA ASN B 556 27.70 -7.80 -39.85
C ASN B 556 28.71 -8.22 -38.78
N THR B 557 29.73 -8.96 -39.19
CA THR B 557 30.77 -9.38 -38.27
C THR B 557 32.06 -9.58 -39.07
N HIS B 558 33.14 -9.95 -38.42
CA HIS B 558 34.37 -10.27 -39.12
C HIS B 558 34.64 -11.77 -39.17
N ILE B 559 33.56 -12.53 -39.06
CA ILE B 559 33.60 -13.98 -39.22
C ILE B 559 33.45 -14.31 -40.72
N THR B 560 34.30 -15.21 -41.20
CA THR B 560 34.28 -15.54 -42.62
C THR B 560 33.92 -16.97 -42.89
N LYS B 561 33.81 -17.76 -41.82
CA LYS B 561 33.39 -19.15 -41.91
C LYS B 561 32.06 -19.37 -41.17
N VAL B 562 31.08 -19.92 -41.86
CA VAL B 562 29.76 -20.12 -41.27
C VAL B 562 29.04 -21.31 -41.85
N PRO B 563 28.15 -21.92 -41.06
CA PRO B 563 27.38 -23.05 -41.55
C PRO B 563 26.24 -22.54 -42.42
N LEU B 564 25.74 -23.40 -43.31
CA LEU B 564 24.60 -23.08 -44.15
C LEU B 564 23.33 -23.13 -43.33
N HIS B 565 23.24 -24.15 -42.49
CA HIS B 565 22.09 -24.30 -41.64
C HIS B 565 22.47 -23.99 -40.20
N ALA B 566 22.22 -22.75 -39.76
CA ALA B 566 22.69 -22.29 -38.47
C ALA B 566 21.89 -22.73 -37.26
N PHE B 567 20.81 -23.49 -37.44
CA PHE B 567 20.08 -23.95 -36.24
C PHE B 567 20.47 -25.33 -35.76
N GLN B 568 20.93 -26.18 -36.67
CA GLN B 568 21.35 -27.53 -36.31
C GLN B 568 22.81 -27.56 -35.90
N ALA B 569 23.18 -28.58 -35.12
CA ALA B 569 24.56 -28.75 -34.63
C ALA B 569 25.55 -28.89 -35.77
N ASN B 570 26.44 -27.91 -35.89
CA ASN B 570 27.44 -27.93 -36.93
C ASN B 570 28.79 -28.13 -36.29
N ASN B 571 29.64 -28.96 -36.91
CA ASN B 571 30.97 -29.14 -36.37
C ASN B 571 31.99 -28.40 -37.24
N TYR B 572 32.99 -27.80 -36.59
CA TYR B 572 34.04 -27.08 -37.29
C TYR B 572 35.22 -28.02 -37.55
N PRO B 573 35.81 -27.98 -38.76
CA PRO B 573 35.45 -27.15 -39.91
C PRO B 573 34.68 -27.86 -41.01
N HIS B 574 34.26 -29.09 -40.78
CA HIS B 574 33.56 -29.82 -41.83
C HIS B 574 32.29 -29.13 -42.26
N ASP B 575 31.51 -28.63 -41.30
CA ASP B 575 30.21 -28.06 -41.63
C ASP B 575 30.26 -26.56 -41.90
N PHE B 576 31.46 -26.01 -41.99
CA PHE B 576 31.63 -24.58 -42.18
C PHE B 576 32.08 -24.30 -43.59
N VAL B 577 31.44 -23.30 -44.21
CA VAL B 577 31.81 -22.85 -45.55
C VAL B 577 32.28 -21.42 -45.47
N ASP B 578 32.81 -20.90 -46.57
CA ASP B 578 33.24 -19.51 -46.68
C ASP B 578 32.02 -18.65 -46.96
N CYS B 579 31.96 -17.46 -46.35
CA CYS B 579 30.81 -16.56 -46.55
C CYS B 579 30.50 -16.27 -48.01
N SER B 580 31.52 -16.38 -48.87
CA SER B 580 31.34 -16.11 -50.30
C SER B 580 30.53 -17.20 -50.98
N ALA B 581 30.23 -18.24 -50.22
CA ALA B 581 29.41 -19.29 -50.75
C ALA B 581 27.97 -19.19 -50.22
N VAL B 582 27.68 -18.13 -49.44
CA VAL B 582 26.34 -17.93 -48.93
C VAL B 582 25.57 -16.86 -49.71
N ASP B 583 24.37 -17.20 -50.17
CA ASP B 583 23.51 -16.26 -50.88
C ASP B 583 23.35 -14.93 -50.16
N LYS B 584 23.33 -13.86 -50.96
CA LYS B 584 23.18 -12.51 -50.45
C LYS B 584 21.76 -12.02 -50.71
N LEU B 585 21.38 -10.95 -50.01
CA LEU B 585 20.09 -10.33 -50.25
C LEU B 585 20.25 -9.30 -51.36
N ASP B 586 19.70 -9.59 -52.54
CA ASP B 586 19.76 -8.63 -53.64
C ASP B 586 18.76 -7.50 -53.46
N LEU B 587 19.25 -6.29 -53.22
CA LEU B 587 18.37 -5.15 -52.96
C LEU B 587 17.99 -4.30 -54.19
N SER B 588 18.23 -4.83 -55.40
CA SER B 588 17.92 -4.10 -56.65
C SER B 588 16.41 -3.90 -56.87
N PRO B 589 15.60 -4.91 -56.49
CA PRO B 589 14.16 -4.75 -56.65
C PRO B 589 13.60 -3.58 -55.82
N TRP B 590 14.45 -3.00 -54.99
CA TRP B 590 14.07 -1.83 -54.17
C TRP B 590 14.47 -0.49 -54.80
N ALA B 591 14.98 -0.53 -56.03
CA ALA B 591 15.34 0.68 -56.79
C ALA B 591 14.09 1.33 -57.41
N SER B 592 13.91 2.62 -57.15
CA SER B 592 12.70 3.30 -57.57
C SER B 592 12.99 4.40 -58.59
N ARG B 593 12.69 4.09 -59.85
CA ARG B 593 12.85 5.02 -60.96
C ARG B 593 11.72 6.09 -60.99
N GLU B 594 12.13 7.37 -60.99
CA GLU B 594 11.21 8.49 -61.19
C GLU B 594 10.66 8.43 -62.61
N ASN B 595 11.57 8.44 -63.60
CA ASN B 595 11.26 8.43 -65.05
C ASN B 595 9.80 8.26 -65.51
C1 NAG C . -9.27 32.25 39.98
C2 NAG C . -9.87 33.55 40.52
C3 NAG C . -10.77 33.30 41.75
C4 NAG C . -11.75 32.13 41.53
C5 NAG C . -10.96 30.93 40.96
C6 NAG C . -11.76 29.66 40.71
C7 NAG C . -8.61 35.63 40.20
C8 NAG C . -7.36 36.40 40.57
N2 NAG C . -8.79 34.47 40.86
O3 NAG C . -11.46 34.48 42.13
O4 NAG C . -12.38 31.78 42.76
O5 NAG C . -10.31 31.31 39.76
O6 NAG C . -13.02 29.92 40.12
O7 NAG C . -9.40 36.07 39.36
C1 NAG C . -13.77 32.12 42.83
C2 NAG C . -14.49 30.94 43.45
C3 NAG C . -15.97 31.20 43.72
C4 NAG C . -16.33 32.65 44.13
C5 NAG C . -15.30 33.73 43.72
C6 NAG C . -15.29 34.94 44.66
C7 NAG C . -14.08 28.59 43.00
C8 NAG C . -14.42 27.46 42.04
N2 NAG C . -14.39 29.80 42.55
O3 NAG C . -16.42 30.29 44.71
O4 NAG C . -17.62 32.92 43.58
O5 NAG C . -13.97 33.25 43.66
O6 NAG C . -16.19 35.95 44.22
O7 NAG C . -13.54 28.39 44.11
C1 MAN C . -18.63 33.19 44.57
C2 MAN C . -19.91 33.63 43.84
C3 MAN C . -20.52 34.89 44.49
C4 MAN C . -20.55 34.68 46.00
C5 MAN C . -19.13 34.56 46.55
C6 MAN C . -19.06 33.61 47.75
O2 MAN C . -20.87 32.59 43.85
O3 MAN C . -21.81 35.12 43.99
O4 MAN C . -21.24 35.73 46.65
O5 MAN C . -18.20 34.14 45.55
O6 MAN C . -18.08 34.07 48.68
C1 NAG D . -4.34 -10.15 41.08
C2 NAG D . -2.96 -9.63 40.59
C3 NAG D . -1.78 -10.19 41.39
C4 NAG D . -2.00 -10.11 42.90
C5 NAG D . -3.37 -10.73 43.20
C6 NAG D . -3.74 -10.71 44.67
C7 NAG D . -2.74 -8.88 38.26
C8 NAG D . -2.40 -9.28 36.86
N2 NAG D . -2.78 -9.87 39.16
O3 NAG D . -0.58 -9.53 41.06
O4 NAG D . -0.97 -10.87 43.49
O5 NAG D . -4.41 -10.08 42.50
O6 NAG D . -3.59 -9.42 45.23
O7 NAG D . -2.96 -7.70 38.52
C1 NAG D . -0.15 -10.19 44.47
C2 NAG D . 0.59 -11.21 45.35
C3 NAG D . 1.73 -10.65 46.22
C4 NAG D . 2.35 -9.32 45.76
C5 NAG D . 1.45 -8.51 44.81
C6 NAG D . 2.20 -7.42 44.04
C7 NAG D . -0.42 -13.24 46.24
C8 NAG D . -1.01 -13.81 47.50
N2 NAG D . -0.38 -11.90 46.19
O3 NAG D . 2.77 -11.61 46.36
O4 NAG D . 2.65 -8.51 46.90
O5 NAG D . 0.81 -9.36 43.88
O6 NAG D . 2.92 -7.94 42.92
O7 NAG D . 0.00 -13.98 45.33
C1 MAN D . 4.06 -8.25 47.21
C2 MAN D . 4.81 -7.47 46.13
C3 MAN D . 6.31 -7.80 46.18
C4 MAN D . 6.76 -7.89 47.63
C5 MAN D . 6.01 -9.03 48.34
C6 MAN D . 5.62 -8.62 49.76
O2 MAN D . 4.59 -6.07 46.32
O3 MAN D . 7.11 -6.86 45.49
O4 MAN D . 8.15 -8.03 47.71
O5 MAN D . 4.83 -9.38 47.63
O6 MAN D . 5.43 -9.77 50.54
C1 NAG E . 15.89 5.97 25.00
C2 NAG E . 16.53 7.38 25.06
C3 NAG E . 17.68 7.51 26.07
C4 NAG E . 17.38 6.84 27.43
C5 NAG E . 16.66 5.51 27.24
C6 NAG E . 16.06 5.07 28.56
C7 NAG E . 16.16 8.32 22.85
C8 NAG E . 16.28 7.79 21.43
N2 NAG E . 16.99 7.79 23.74
O3 NAG E . 18.04 8.87 26.26
O4 NAG E . 18.63 6.56 28.03
O5 NAG E . 15.58 5.54 26.32
O6 NAG E . 15.89 3.67 28.53
O7 NAG E . 15.31 9.18 23.17
C1 NAG E . 18.97 7.29 29.22
C2 NAG E . 19.59 6.30 30.21
C3 NAG E . 19.96 7.01 31.51
C4 NAG E . 20.99 8.10 31.23
C5 NAG E . 20.52 9.00 30.05
C6 NAG E . 21.69 9.84 29.52
C7 NAG E . 19.11 3.94 30.04
C8 NAG E . 19.08 2.87 31.10
N2 NAG E . 18.72 5.16 30.43
O3 NAG E . 20.53 6.09 32.43
O4 NAG E . 21.20 8.84 32.45
O5 NAG E . 19.97 8.26 28.95
O6 NAG E . 21.54 10.16 28.15
O7 NAG E . 19.46 3.69 28.88
C1 BMA E . 22.59 9.17 32.72
C2 BMA E . 22.86 10.69 32.58
C3 BMA E . 23.45 11.28 33.87
C4 BMA E . 22.61 10.82 35.07
C5 BMA E . 22.59 9.29 35.19
C6 BMA E . 21.22 8.75 35.65
O2 BMA E . 21.69 11.44 32.24
O3 BMA E . 23.54 12.69 33.76
O4 BMA E . 23.06 11.45 36.26
O5 BMA E . 23.04 8.63 33.98
O6 BMA E . 21.37 7.69 36.56
C1 NAG F . -38.25 16.61 30.89
C2 NAG F . -39.32 17.50 31.52
C3 NAG F . -40.06 18.43 30.55
C4 NAG F . -39.46 18.63 29.14
C5 NAG F . -38.39 17.62 28.76
C6 NAG F . -37.56 17.99 27.52
C7 NAG F . -40.33 16.60 33.55
C8 NAG F . -41.47 15.78 34.13
N2 NAG F . -40.29 16.67 32.21
O3 NAG F . -40.20 19.70 31.16
O4 NAG F . -40.51 18.48 28.20
O5 NAG F . -37.55 17.36 29.89
O6 NAG F . -37.15 19.34 27.59
O7 NAG F . -39.50 17.17 34.28
C1 NAG F . -41.20 19.68 27.84
C2 NAG F . -40.87 20.00 26.37
C3 NAG F . -41.98 20.70 25.56
C4 NAG F . -43.38 20.77 26.18
C5 NAG F . -43.39 20.62 27.70
C6 NAG F . -44.80 20.37 28.21
C7 NAG F . -38.79 20.67 25.20
C8 NAG F . -38.50 21.96 24.46
N2 NAG F . -39.62 20.75 26.26
O3 NAG F . -42.11 20.01 24.35
O4 NAG F . -43.95 22.01 25.79
O5 NAG F . -42.59 19.51 28.06
O6 NAG F . -44.73 20.14 29.60
O7 NAG F . -38.24 19.62 24.83
C1 NAG G . 19.27 -31.27 -37.17
C2 NAG G . 18.65 -32.43 -37.95
C3 NAG G . 18.23 -32.05 -39.37
C4 NAG G . 17.62 -30.64 -39.55
C5 NAG G . 18.36 -29.65 -38.62
C6 NAG G . 18.01 -28.14 -38.64
C7 NAG G . 19.49 -34.67 -37.26
C8 NAG G . 20.63 -35.67 -37.33
N2 NAG G . 19.56 -33.57 -38.04
O3 NAG G . 17.39 -33.09 -39.83
O4 NAG G . 17.85 -30.12 -40.86
O5 NAG G . 18.39 -30.14 -37.29
O6 NAG G . 16.78 -27.82 -39.29
O7 NAG G . 18.56 -34.90 -36.48
C1 NAG G . 17.06 -30.52 -41.99
C2 NAG G . 16.17 -29.30 -42.30
C3 NAG G . 16.06 -28.85 -43.77
C4 NAG G . 17.31 -29.15 -44.60
C5 NAG G . 17.87 -30.57 -44.39
C6 NAG G . 19.31 -30.62 -44.91
C7 NAG G . 14.20 -28.69 -41.00
C8 NAG G . 12.77 -29.02 -40.63
N2 NAG G . 14.85 -29.58 -41.74
O3 NAG G . 15.81 -27.44 -43.83
O4 NAG G . 17.18 -28.81 -46.01
O5 NAG G . 17.98 -30.94 -43.02
O6 NAG G . 19.42 -31.58 -45.92
O7 NAG G . 14.70 -27.63 -40.62
C1 MAN G . 15.97 -29.16 -46.74
C2 MAN G . 16.26 -29.08 -48.26
C3 MAN G . 15.18 -28.32 -49.07
C4 MAN G . 13.77 -28.69 -48.59
C5 MAN G . 13.60 -28.44 -47.08
C6 MAN G . 12.60 -29.41 -46.44
O2 MAN G . 16.46 -30.37 -48.82
O3 MAN G . 15.29 -28.58 -50.44
O4 MAN G . 12.80 -27.95 -49.30
O5 MAN G . 14.83 -28.36 -46.32
O6 MAN G . 12.11 -28.83 -45.26
C1 NAG H . 24.34 9.95 -37.05
C2 NAG H . 25.38 9.46 -36.03
C3 NAG H . 26.81 9.98 -36.29
C4 NAG H . 27.22 9.94 -37.76
C5 NAG H . 26.08 10.54 -38.59
C6 NAG H . 26.32 10.56 -40.09
C7 NAG H . 24.64 8.88 -33.81
C8 NAG H . 24.43 9.37 -32.39
N2 NAG H . 24.99 9.82 -34.69
O3 NAG H . 27.68 9.17 -35.52
O4 NAG H . 28.40 10.73 -37.94
O5 NAG H . 24.87 9.83 -38.37
O6 NAG H . 26.93 9.35 -40.48
O7 NAG H . 24.49 7.68 -34.11
C1 NAG H . 29.55 10.02 -38.46
C2 NAG H . 30.59 11.02 -38.99
C3 NAG H . 32.03 10.47 -39.15
C4 NAG H . 32.42 9.24 -38.30
C5 NAG H . 31.19 8.36 -37.99
C6 NAG H . 31.41 7.32 -36.89
C7 NAG H . 29.77 12.78 -40.47
C8 NAG H . 29.34 13.14 -41.88
N2 NAG H . 30.15 11.52 -40.29
O3 NAG H . 32.94 11.50 -38.83
O4 NAG H . 33.48 8.53 -38.96
O5 NAG H . 30.16 9.21 -37.49
O6 NAG H . 31.40 7.93 -35.60
O7 NAG H . 29.74 13.63 -39.58
C1 BMA H . 34.65 8.38 -38.11
C2 BMA H . 34.72 6.99 -37.40
C3 BMA H . 36.11 6.38 -37.40
C4 BMA H . 36.70 6.45 -38.81
C5 BMA H . 36.80 7.89 -39.32
C6 BMA H . 36.67 7.96 -40.84
O2 BMA H . 33.79 6.02 -37.92
O3 BMA H . 36.05 5.04 -36.95
O4 BMA H . 37.99 5.88 -38.79
O5 BMA H . 35.86 8.82 -38.73
O6 BMA H . 37.48 9.00 -41.36
C1 NAG I . 35.94 -5.98 -13.72
C2 NAG I . 36.54 -7.38 -13.47
C3 NAG I . 38.02 -7.47 -13.85
C4 NAG I . 38.38 -6.84 -15.18
C5 NAG I . 37.64 -5.50 -15.34
C6 NAG I . 37.70 -5.06 -16.79
C7 NAG I . 35.24 -8.32 -11.60
C8 NAG I . 34.76 -7.84 -10.23
N2 NAG I . 36.38 -7.80 -12.08
O3 NAG I . 38.40 -8.81 -13.93
O4 NAG I . 39.77 -6.59 -15.15
O5 NAG I . 36.26 -5.53 -15.01
O6 NAG I . 37.40 -3.69 -16.83
O7 NAG I . 34.57 -9.13 -12.23
C1 NAG I . 40.59 -7.24 -16.14
C2 NAG I . 41.70 -6.25 -16.53
C3 NAG I . 42.64 -6.86 -17.57
C4 NAG I . 43.25 -8.15 -17.00
C5 NAG I . 42.18 -9.07 -16.37
C6 NAG I . 42.83 -10.17 -15.51
C7 NAG I . 41.26 -3.88 -16.25
C8 NAG I . 41.39 -2.57 -17.03
N2 NAG I . 41.14 -4.99 -16.99
O3 NAG I . 43.68 -5.97 -17.90
O4 NAG I . 43.94 -8.84 -18.05
O5 NAG I . 41.21 -8.37 -15.57
O6 NAG I . 41.91 -10.88 -14.67
O7 NAG I . 41.30 -3.87 -15.01
C1 BMA I . 45.34 -9.13 -17.76
C2 BMA I . 45.57 -10.63 -17.48
C3 BMA I . 46.63 -11.22 -18.41
C4 BMA I . 46.32 -10.85 -19.87
C5 BMA I . 46.28 -9.32 -20.05
C6 BMA I . 45.17 -8.89 -21.01
O2 BMA I . 44.36 -11.39 -17.59
O3 BMA I . 46.71 -12.62 -18.21
O4 BMA I . 47.25 -11.43 -20.77
O5 BMA I . 46.22 -8.63 -18.79
O6 BMA I . 45.53 -7.73 -21.70
C1 NAG J . -10.77 -16.74 -41.56
C2 NAG J . -11.51 -17.69 -42.50
C3 NAG J . -12.55 -18.60 -41.81
C4 NAG J . -12.53 -18.68 -40.28
C5 NAG J . -11.71 -17.59 -39.58
C6 NAG J . -11.41 -17.90 -38.10
C7 NAG J . -11.75 -16.97 -44.81
C8 NAG J . -12.77 -16.66 -45.87
N2 NAG J . -12.18 -16.94 -43.54
O3 NAG J . -12.45 -19.94 -42.26
O4 NAG J . -13.88 -18.59 -39.86
O5 NAG J . -10.51 -17.36 -40.30
O6 NAG J . -11.01 -19.24 -37.89
O7 NAG J . -10.57 -17.24 -45.10
C1 NAG J . -14.42 -19.86 -39.45
C2 NAG J . -15.78 -19.62 -38.80
C3 NAG J . -16.52 -20.92 -38.46
C4 NAG J . -16.31 -22.06 -39.47
C5 NAG J . -14.89 -22.04 -40.09
C6 NAG J . -14.72 -22.96 -41.29
C7 NAG J . -16.45 -17.95 -37.19
C8 NAG J . -16.99 -18.11 -35.78
N2 NAG J . -15.57 -18.87 -37.58
O3 NAG J . -17.91 -20.65 -38.36
O4 NAG J . -16.58 -23.31 -38.86
O5 NAG J . -14.55 -20.75 -40.53
O6 NAG J . -13.35 -22.93 -41.64
O7 NAG J . -16.82 -17.04 -37.94
N NO3 K . 5.61 16.21 48.34
O1 NO3 K . 5.67 17.45 49.00
O2 NO3 K . 5.79 16.16 46.95
O3 NO3 K . 5.37 15.00 49.03
N NO3 L . -24.96 17.94 14.62
O1 NO3 L . -24.84 17.38 15.89
O2 NO3 L . -26.08 18.71 14.31
O3 NO3 L . -23.98 17.73 13.66
C CO3 M . -11.73 33.11 36.57
O1 CO3 M . -11.60 33.14 35.27
O2 CO3 M . -10.74 33.45 37.33
O3 CO3 M . -12.86 32.75 37.11
CA CA N . -18.76 7.17 28.96
C CYN O . -8.05 13.66 22.96
N CYN O . -7.06 13.33 22.50
S SCN P . -9.07 10.52 19.69
C SCN P . -7.37 10.82 20.22
N SCN P . -6.39 11.21 20.82
CHA HEM Q . -9.34 14.59 19.16
CHB HEM Q . -4.63 15.14 20.31
CHC HEM Q . -5.98 17.63 24.26
CHD HEM Q . -10.66 17.22 23.10
C1A HEM Q . -7.96 14.53 19.09
C2A HEM Q . -7.17 13.88 18.04
C3A HEM Q . -5.86 14.03 18.36
C4A HEM Q . -5.77 14.77 19.61
CMA HEM Q . -4.68 13.51 17.53
CAA HEM Q . -7.76 13.15 16.79
CBA HEM Q . -8.50 14.14 15.89
CGA HEM Q . -9.11 13.46 14.70
O1A HEM Q . -8.43 12.57 14.11
O2A HEM Q . -10.26 13.83 14.35
C1B HEM Q . -4.57 15.83 21.50
C2B HEM Q . -3.40 16.16 22.28
C3B HEM Q . -3.79 16.85 23.38
C4B HEM Q . -5.22 16.97 23.32
CMB HEM Q . -1.95 15.79 21.89
CAB HEM Q . -2.94 17.45 24.54
CBB HEM Q . -1.61 17.50 24.59
C1C HEM Q . -7.34 17.75 24.31
C2C HEM Q . -8.10 18.44 25.35
C3C HEM Q . -9.41 18.33 25.02
C4C HEM Q . -9.50 17.57 23.78
CMC HEM Q . -7.46 19.15 26.58
CAC HEM Q . -10.65 18.88 25.78
CBC HEM Q . -10.57 19.67 26.84
C1D HEM Q . -10.77 16.41 21.98
C2D HEM Q . -12.00 15.88 21.42
C3D HEM Q . -11.57 15.07 20.20
C4D HEM Q . -10.13 15.18 20.13
CMD HEM Q . -13.47 16.06 21.85
CAD HEM Q . -12.51 14.29 19.25
CBD HEM Q . -12.83 12.99 19.98
CGD HEM Q . -13.79 12.22 19.14
O1D HEM Q . -15.02 12.40 19.32
O2D HEM Q . -13.32 11.42 18.31
NA HEM Q . -7.07 15.05 20.01
NB HEM Q . -5.66 16.36 22.17
NC HEM Q . -8.22 17.25 23.39
ND HEM Q . -9.71 15.97 21.20
FE HEM Q . -7.78 16.05 21.69
N NO3 R . 36.33 -16.41 -39.08
O1 NO3 R . 36.36 -17.64 -39.78
O2 NO3 R . 35.94 -16.43 -37.74
O3 NO3 R . 36.70 -15.19 -39.69
N NO3 S . -5.43 -17.96 -21.43
O1 NO3 S . -4.83 -17.99 -22.67
O2 NO3 S . -6.72 -18.43 -21.29
O3 NO3 S . -4.77 -17.46 -20.32
C CO3 T . 15.65 -33.14 -35.22
O1 CO3 T . 15.23 -33.29 -34.00
O2 CO3 T . 16.92 -33.10 -35.44
O3 CO3 T . 14.84 -33.02 -36.22
CA CA U . 6.16 -7.12 -31.91
CHA HEM V . 10.53 -14.50 -18.88
CHB HEM V . 15.30 -15.03 -17.93
CHC HEM V . 15.72 -17.53 -22.11
CHD HEM V . 10.98 -17.12 -23.02
C1A HEM V . 11.77 -14.40 -18.25
C2A HEM V . 12.05 -13.67 -17.03
C3A HEM V . 13.36 -13.82 -16.75
C4A HEM V . 13.98 -14.63 -17.80
CMA HEM V . 14.08 -13.23 -15.52
CAA HEM V . 10.96 -12.90 -16.21
CBA HEM V . 10.02 -13.92 -15.58
CGA HEM V . 8.88 -13.36 -14.75
O1A HEM V . 9.11 -12.54 -13.81
O2A HEM V . 7.74 -13.78 -15.05
C1B HEM V . 15.84 -15.74 -19.00
C2B HEM V . 17.24 -16.12 -19.21
C3B HEM V . 17.35 -16.80 -20.36
C4B HEM V . 16.02 -16.89 -20.93
CMB HEM V . 18.41 -15.78 -18.25
CAB HEM V . 18.62 -17.43 -21.02
CBB HEM V . 19.88 -17.24 -20.61
C1C HEM V . 14.50 -17.68 -22.71
C2C HEM V . 14.22 -18.45 -23.93
C3C HEM V . 12.89 -18.35 -24.19
C4C HEM V . 12.30 -17.50 -23.15
CMC HEM V . 15.31 -19.23 -24.72
CAC HEM V . 12.06 -18.96 -25.36
CBC HEM V . 12.57 -19.72 -26.34
C1D HEM V . 10.43 -16.31 -22.05
C2D HEM V . 9.08 -15.77 -22.04
C3D HEM V . 8.95 -14.98 -20.76
C4D HEM V . 10.22 -15.10 -20.09
CMD HEM V . 7.94 -15.94 -23.05
CAD HEM V . 7.69 -14.21 -20.32
CBD HEM V . 7.62 -12.99 -21.22
CGD HEM V . 6.46 -12.15 -20.82
O1D HEM V . 5.37 -12.30 -21.43
O2D HEM V . 6.62 -11.35 -19.87
NA HEM V . 12.98 -14.96 -18.69
NB HEM V . 15.13 -16.25 -20.08
NC HEM V . 13.31 -17.12 -22.27
ND HEM V . 11.07 -15.89 -20.89
FE HEM V . 13.08 -15.94 -20.41
O OSM W . 14.39 -13.68 -21.70
S OSM W . 13.45 -12.51 -20.86
C OSM W . 14.21 -11.48 -19.64
N OSM W . 13.18 -10.67 -19.02
#